data_8JPJ
#
_entry.id   8JPJ
#
loop_
_entity.id
_entity.type
_entity.pdbx_description
1 polymer 'H(+)/Cl(-) exchange transporter 6'
2 non-polymer 'CHLORIDE ION'
#
_entity_poly.entity_id   1
_entity_poly.type   'polypeptide(L)'
_entity_poly.pdbx_seq_one_letter_code
;MAGCRGSLCCCCRWCCCCGERETRTPEELTILGETQEEEDEILPRKDYESLDYDRCINDPYLEVLETMDNKKGRRYEAVK
WMVVFAIGVCTGLVGLFVDFFVRLFTQLKFGVVQTSVEECSQKGCLALSLLELLGFNLTFVFLASLLVLIEPVAAGSGIP
EVKCYLNGVKVPGIVRLRTLLCKVLGVLFSVAGGLFVEKEGPMIHSGSVVGAGLPQFQSISLRKIQFNFPYFRSDRDKRD
FVSAGAAAGVAAAFGAPIGGTLFSLEEGSSFWNQGLTWKVLFCSMSATFTLNFFRSGIQFGSWGSFQLPGLLNFGEFKCS
DSDKKCHLWTAMDLGFFVVMGVIGGLLGATFNCLNKRLAKYRMRNVHPKPKLVRVLESLLVSLVTTVVVFVASMVLGECR
QMSSSSQIGNDSFQLQVTEDVNSSIKTFFCPNDTYNDMATLFFNPQESAILQLFHQDGTFSPVTLALFFVLYFLLACWTY
GISVPSGLFVPSLLCGAAFGRLVANVLKSYIGLGHIYSGTFALIGAAAFLGGVVRMTISLTVILIESTNEITYGLPIMVT
LMVAKWTGDFFNKGIYDIHVGLRGVPLLEWETEVEMDKLRASDIMEPNLTYVYPHTRIQSLVSILRTTVHHAFPVVTENR
GNEKEFMKGNQLISNNIKFKKSSILTRAGEQRKRSQSMKSYPSSELRNMCDEHIASEEPAEKEDLLQQMLERRYTPYPNL
YPDQSPSEDWTMEERFRPLTFHGLILRSQLVTLLVRGVCYSESQSSASQPRLSYAEMAEDYPRYPDIHDLDLTLLNPRMI
VDVTPYMNPSPFTVSPNTHVSQVFNLFRTMGLRHLPVVNAVGEIVGIITRHNLTYEFLQARLRQHYQTI
;
_entity_poly.pdbx_strand_id   A,B
#
# COMPACT_ATOMS: atom_id res chain seq x y z
N LYS A 46 8.65 -31.78 6.93
CA LYS A 46 7.20 -31.74 6.91
C LYS A 46 6.67 -31.22 5.59
N ASP A 47 5.39 -31.49 5.31
CA ASP A 47 4.72 -30.99 4.12
C ASP A 47 3.48 -30.20 4.53
N TYR A 48 3.26 -29.07 3.88
CA TYR A 48 2.16 -28.18 4.21
C TYR A 48 1.36 -27.87 2.95
N GLU A 49 0.06 -27.60 3.16
CA GLU A 49 -0.86 -27.31 2.06
C GLU A 49 -1.02 -25.80 1.94
N SER A 50 -0.76 -25.27 0.75
CA SER A 50 -0.87 -23.85 0.52
C SER A 50 -2.32 -23.44 0.27
N LEU A 51 -2.59 -22.15 0.45
CA LEU A 51 -3.90 -21.60 0.16
C LEU A 51 -4.15 -21.53 -1.34
N ASP A 52 -5.41 -21.72 -1.73
CA ASP A 52 -5.81 -21.64 -3.12
C ASP A 52 -6.40 -20.25 -3.40
N TYR A 53 -5.51 -19.25 -3.38
CA TYR A 53 -5.95 -17.87 -3.54
C TYR A 53 -6.42 -17.57 -4.95
N ASP A 54 -5.82 -18.21 -5.95
CA ASP A 54 -6.19 -17.93 -7.33
C ASP A 54 -7.63 -18.36 -7.60
N ARG A 55 -8.38 -17.51 -8.28
CA ARG A 55 -9.79 -17.78 -8.54
C ARG A 55 -9.94 -18.90 -9.57
N CYS A 56 -10.93 -19.75 -9.35
CA CYS A 56 -11.26 -20.83 -10.28
C CYS A 56 -12.64 -20.58 -10.85
N ILE A 57 -12.74 -20.54 -12.17
CA ILE A 57 -13.99 -20.23 -12.86
C ILE A 57 -14.34 -21.42 -13.75
N ASN A 58 -15.52 -21.98 -13.54
CA ASN A 58 -16.02 -23.11 -14.32
C ASN A 58 -17.52 -22.91 -14.57
N ASP A 59 -18.15 -23.94 -15.14
CA ASP A 59 -19.56 -23.82 -15.50
C ASP A 59 -20.50 -23.58 -14.32
N PRO A 60 -20.37 -24.23 -13.17
CA PRO A 60 -21.23 -23.84 -12.04
C PRO A 60 -21.07 -22.37 -11.66
N TYR A 61 -19.84 -21.88 -11.61
CA TYR A 61 -19.61 -20.46 -11.32
C TYR A 61 -20.15 -19.59 -12.44
N LEU A 62 -20.07 -20.05 -13.68
CA LEU A 62 -20.66 -19.32 -14.79
C LEU A 62 -22.17 -19.20 -14.65
N GLU A 63 -22.83 -20.29 -14.23
CA GLU A 63 -24.26 -20.24 -14.00
C GLU A 63 -24.61 -19.27 -12.89
N VAL A 64 -23.85 -19.31 -11.79
CA VAL A 64 -24.10 -18.38 -10.68
C VAL A 64 -23.92 -16.94 -11.15
N LEU A 65 -22.88 -16.68 -11.95
CA LEU A 65 -22.66 -15.34 -12.48
C LEU A 65 -23.79 -14.90 -13.39
N GLU A 66 -24.28 -15.82 -14.24
CA GLU A 66 -25.40 -15.47 -15.12
C GLU A 66 -26.64 -15.13 -14.32
N THR A 67 -26.92 -15.90 -13.26
CA THR A 67 -28.02 -15.56 -12.37
C THR A 67 -27.78 -14.26 -11.61
N MET A 68 -26.51 -13.91 -11.37
CA MET A 68 -26.20 -12.71 -10.59
C MET A 68 -26.66 -11.45 -11.30
N ASP A 69 -27.06 -10.46 -10.51
CA ASP A 69 -27.55 -9.18 -11.02
C ASP A 69 -26.92 -8.06 -10.22
N ASN A 70 -27.12 -6.83 -10.69
CA ASN A 70 -26.52 -5.67 -10.04
C ASN A 70 -27.03 -5.51 -8.61
N LYS A 71 -28.34 -5.71 -8.40
CA LYS A 71 -28.89 -5.63 -7.05
C LYS A 71 -28.27 -6.68 -6.14
N LYS A 72 -28.07 -7.89 -6.67
CA LYS A 72 -27.40 -8.93 -5.89
C LYS A 72 -25.97 -8.54 -5.54
N GLY A 73 -25.25 -7.91 -6.46
CA GLY A 73 -23.92 -7.43 -6.15
C GLY A 73 -23.91 -6.37 -5.06
N ARG A 74 -24.87 -5.45 -5.11
CA ARG A 74 -24.99 -4.45 -4.06
C ARG A 74 -25.27 -5.10 -2.70
N ARG A 75 -26.17 -6.08 -2.68
CA ARG A 75 -26.44 -6.78 -1.43
C ARG A 75 -25.21 -7.52 -0.93
N TYR A 76 -24.44 -8.12 -1.84
CA TYR A 76 -23.20 -8.80 -1.45
C TYR A 76 -22.22 -7.83 -0.80
N GLU A 77 -22.05 -6.65 -1.40
CA GLU A 77 -21.13 -5.67 -0.83
C GLU A 77 -21.60 -5.19 0.53
N ALA A 78 -22.92 -4.98 0.69
CA ALA A 78 -23.45 -4.58 1.98
C ALA A 78 -23.17 -5.64 3.05
N VAL A 79 -23.37 -6.91 2.71
CA VAL A 79 -23.10 -7.98 3.66
C VAL A 79 -21.62 -8.01 4.02
N LYS A 80 -20.75 -7.79 3.03
CA LYS A 80 -19.32 -7.78 3.30
C LYS A 80 -18.93 -6.67 4.25
N TRP A 81 -19.51 -5.47 4.06
CA TRP A 81 -19.24 -4.37 4.98
C TRP A 81 -19.70 -4.71 6.39
N MET A 82 -20.88 -5.32 6.52
CA MET A 82 -21.38 -5.71 7.84
C MET A 82 -20.44 -6.70 8.51
N VAL A 83 -19.95 -7.68 7.75
CA VAL A 83 -19.03 -8.67 8.32
C VAL A 83 -17.75 -8.00 8.79
N VAL A 84 -17.21 -7.06 8.00
CA VAL A 84 -16.00 -6.36 8.39
C VAL A 84 -16.20 -5.61 9.70
N PHE A 85 -17.31 -4.88 9.81
CA PHE A 85 -17.58 -4.15 11.04
C PHE A 85 -17.71 -5.09 12.24
N ALA A 86 -18.38 -6.22 12.04
CA ALA A 86 -18.53 -7.18 13.13
C ALA A 86 -17.19 -7.72 13.59
N ILE A 87 -16.29 -8.00 12.63
CA ILE A 87 -14.97 -8.48 12.98
C ILE A 87 -14.22 -7.46 13.83
N GLY A 88 -14.30 -6.18 13.42
CA GLY A 88 -13.66 -5.15 14.22
C GLY A 88 -14.18 -5.08 15.65
N VAL A 89 -15.51 -5.12 15.78
CA VAL A 89 -16.12 -5.03 17.11
C VAL A 89 -15.70 -6.21 17.97
N CYS A 90 -15.69 -7.42 17.41
CA CYS A 90 -15.33 -8.59 18.18
C CYS A 90 -13.86 -8.54 18.62
N THR A 91 -12.98 -8.06 17.75
CA THR A 91 -11.58 -7.93 18.16
C THR A 91 -11.42 -6.94 19.30
N GLY A 92 -12.15 -5.82 19.23
CA GLY A 92 -12.11 -4.88 20.34
C GLY A 92 -12.58 -5.51 21.64
N LEU A 93 -13.66 -6.28 21.58
CA LEU A 93 -14.17 -6.95 22.78
C LEU A 93 -13.16 -7.93 23.34
N VAL A 94 -12.47 -8.67 22.47
CA VAL A 94 -11.45 -9.60 22.94
C VAL A 94 -10.34 -8.84 23.67
N GLY A 95 -9.89 -7.73 23.11
CA GLY A 95 -8.87 -6.93 23.77
C GLY A 95 -9.31 -6.46 25.14
N LEU A 96 -10.55 -5.98 25.24
CA LEU A 96 -11.07 -5.54 26.53
C LEU A 96 -11.11 -6.68 27.54
N PHE A 97 -11.56 -7.86 27.09
CA PHE A 97 -11.63 -9.02 27.98
C PHE A 97 -10.26 -9.39 28.52
N VAL A 98 -9.24 -9.34 27.67
CA VAL A 98 -7.88 -9.62 28.14
C VAL A 98 -7.46 -8.59 29.19
N ASP A 99 -7.60 -7.31 28.84
CA ASP A 99 -7.00 -6.26 29.67
C ASP A 99 -7.64 -6.21 31.04
N PHE A 100 -8.97 -6.33 31.12
CA PHE A 100 -9.65 -6.17 32.41
C PHE A 100 -9.20 -7.23 33.41
N PHE A 101 -9.18 -8.49 32.99
CA PHE A 101 -8.76 -9.54 33.91
C PHE A 101 -7.27 -9.51 34.21
N VAL A 102 -6.42 -9.10 33.25
CA VAL A 102 -5.01 -8.95 33.59
C VAL A 102 -4.85 -7.93 34.72
N ARG A 103 -5.53 -6.78 34.59
CA ARG A 103 -5.43 -5.77 35.62
C ARG A 103 -5.96 -6.27 36.95
N LEU A 104 -7.10 -6.96 36.93
CA LEU A 104 -7.70 -7.46 38.17
C LEU A 104 -6.76 -8.42 38.89
N PHE A 105 -6.23 -9.40 38.14
CA PHE A 105 -5.36 -10.39 38.77
C PHE A 105 -4.08 -9.76 39.31
N THR A 106 -3.44 -8.88 38.54
CA THR A 106 -2.19 -8.29 39.04
C THR A 106 -2.45 -7.41 40.26
N GLN A 107 -3.56 -6.66 40.26
CA GLN A 107 -3.87 -5.81 41.41
C GLN A 107 -4.16 -6.65 42.64
N LEU A 108 -4.91 -7.74 42.49
CA LEU A 108 -5.18 -8.61 43.63
C LEU A 108 -3.89 -9.22 44.18
N LYS A 109 -3.02 -9.70 43.28
CA LYS A 109 -1.77 -10.32 43.73
C LYS A 109 -0.90 -9.32 44.48
N PHE A 110 -0.83 -8.09 43.99
CA PHE A 110 -0.03 -7.09 44.70
C PHE A 110 -0.67 -6.67 46.01
N GLY A 111 -2.01 -6.66 46.06
CA GLY A 111 -2.70 -6.35 47.30
C GLY A 111 -2.49 -7.38 48.38
N VAL A 112 -2.44 -8.66 48.01
CA VAL A 112 -2.21 -9.70 49.01
C VAL A 112 -0.79 -9.62 49.57
N VAL A 113 0.19 -9.35 48.71
CA VAL A 113 1.58 -9.46 49.13
C VAL A 113 2.10 -8.23 49.88
N GLN A 114 1.64 -7.02 49.52
CA GLN A 114 2.23 -5.81 50.08
C GLN A 114 2.07 -5.75 51.59
N THR A 115 0.86 -6.04 52.09
CA THR A 115 0.66 -6.06 53.53
C THR A 115 1.52 -7.13 54.18
N SER A 116 1.55 -8.33 53.59
CA SER A 116 2.40 -9.40 54.11
C SER A 116 3.86 -8.98 54.09
N VAL A 117 4.28 -8.27 53.04
CA VAL A 117 5.62 -7.71 53.01
C VAL A 117 5.86 -6.85 54.24
N GLU A 118 4.90 -5.97 54.54
CA GLU A 118 5.08 -5.07 55.67
C GLU A 118 5.20 -5.82 56.99
N GLU A 119 4.25 -6.71 57.29
CA GLU A 119 4.30 -7.40 58.58
C GLU A 119 5.53 -8.30 58.69
N CYS A 120 5.85 -9.05 57.64
CA CYS A 120 6.98 -9.96 57.73
C CYS A 120 8.30 -9.20 57.72
N SER A 121 8.28 -7.93 57.28
CA SER A 121 9.48 -7.09 57.39
C SER A 121 9.60 -6.51 58.79
N GLN A 122 8.48 -6.26 59.46
CA GLN A 122 8.55 -5.70 60.81
C GLN A 122 9.40 -6.57 61.74
N LYS A 123 9.13 -7.88 61.77
CA LYS A 123 9.91 -8.76 62.65
C LYS A 123 11.22 -9.17 61.98
N GLY A 124 11.25 -9.18 60.64
CA GLY A 124 12.43 -9.54 59.89
C GLY A 124 12.40 -10.90 59.24
N CYS A 125 11.25 -11.58 59.21
CA CYS A 125 11.17 -12.89 58.58
C CYS A 125 11.37 -12.80 57.07
N LEU A 126 10.65 -11.90 56.40
CA LEU A 126 10.74 -11.67 54.95
C LEU A 126 10.40 -12.91 54.14
N ALA A 127 9.95 -13.99 54.78
CA ALA A 127 9.74 -15.24 54.06
C ALA A 127 8.34 -15.32 53.46
N LEU A 128 7.32 -15.08 54.29
CA LEU A 128 5.94 -15.26 53.82
C LEU A 128 5.66 -14.42 52.58
N SER A 129 6.27 -13.23 52.51
CA SER A 129 6.13 -12.41 51.31
C SER A 129 6.67 -13.15 50.08
N LEU A 130 7.83 -13.80 50.23
CA LEU A 130 8.40 -14.53 49.11
C LEU A 130 7.63 -15.80 48.82
N LEU A 131 7.17 -16.50 49.86
CA LEU A 131 6.44 -17.74 49.67
C LEU A 131 5.13 -17.52 48.94
N GLU A 132 4.38 -16.49 49.35
CA GLU A 132 3.10 -16.22 48.69
C GLU A 132 3.30 -15.81 47.23
N LEU A 133 4.32 -14.97 46.98
CA LEU A 133 4.62 -14.57 45.62
C LEU A 133 4.99 -15.78 44.76
N LEU A 134 5.83 -16.67 45.29
CA LEU A 134 6.20 -17.87 44.56
C LEU A 134 4.99 -18.76 44.29
N GLY A 135 4.10 -18.89 45.28
CA GLY A 135 2.91 -19.69 45.07
C GLY A 135 2.03 -19.15 43.96
N PHE A 136 1.78 -17.84 43.99
CA PHE A 136 0.98 -17.23 42.93
C PHE A 136 1.62 -17.42 41.56
N ASN A 137 2.91 -17.14 41.47
CA ASN A 137 3.60 -17.25 40.19
C ASN A 137 3.57 -18.69 39.67
N LEU A 138 3.85 -19.65 40.54
CA LEU A 138 3.86 -21.05 40.13
C LEU A 138 2.48 -21.51 39.67
N THR A 139 1.43 -21.12 40.40
CA THR A 139 0.09 -21.51 39.99
C THR A 139 -0.25 -20.95 38.62
N PHE A 140 -0.01 -19.65 38.41
CA PHE A 140 -0.36 -19.04 37.13
C PHE A 140 0.44 -19.64 35.99
N VAL A 141 1.75 -19.84 36.19
CA VAL A 141 2.59 -20.39 35.12
C VAL A 141 2.21 -21.82 34.83
N PHE A 142 1.86 -22.60 35.87
CA PHE A 142 1.42 -23.97 35.64
C PHE A 142 0.15 -24.02 34.82
N LEU A 143 -0.82 -23.14 35.13
CA LEU A 143 -2.05 -23.10 34.34
C LEU A 143 -1.75 -22.74 32.89
N ALA A 144 -0.89 -21.74 32.67
CA ALA A 144 -0.55 -21.35 31.31
C ALA A 144 0.14 -22.47 30.55
N SER A 145 1.07 -23.17 31.21
CA SER A 145 1.78 -24.26 30.57
C SER A 145 0.83 -25.39 30.21
N LEU A 146 -0.09 -25.73 31.10
CA LEU A 146 -1.07 -26.75 30.78
C LEU A 146 -1.93 -26.34 29.58
N LEU A 147 -2.38 -25.08 29.56
CA LEU A 147 -3.23 -24.62 28.47
C LEU A 147 -2.48 -24.68 27.14
N VAL A 148 -1.19 -24.33 27.15
CA VAL A 148 -0.40 -24.46 25.92
C VAL A 148 -0.22 -25.93 25.56
N LEU A 149 -0.05 -26.80 26.56
CA LEU A 149 0.07 -28.22 26.30
C LEU A 149 -1.17 -28.75 25.61
N ILE A 150 -2.33 -28.15 25.87
CA ILE A 150 -3.54 -28.54 25.16
C ILE A 150 -3.40 -28.27 23.65
N GLU A 151 -2.92 -27.08 23.29
CA GLU A 151 -2.78 -26.69 21.89
C GLU A 151 -1.35 -26.25 21.60
N PRO A 152 -0.56 -27.07 20.90
CA PRO A 152 0.88 -26.76 20.75
C PRO A 152 1.16 -25.45 20.05
N VAL A 153 0.37 -25.07 19.05
CA VAL A 153 0.69 -23.90 18.23
C VAL A 153 0.49 -22.58 18.96
N ALA A 154 -0.16 -22.58 20.12
CA ALA A 154 -0.39 -21.34 20.84
C ALA A 154 0.89 -20.80 21.47
N ALA A 155 1.94 -21.62 21.51
CA ALA A 155 3.18 -21.21 22.15
C ALA A 155 3.83 -20.05 21.41
N GLY A 156 4.46 -19.16 22.17
CA GLY A 156 5.19 -18.06 21.58
C GLY A 156 4.31 -16.96 21.05
N SER A 157 4.95 -15.97 20.44
CA SER A 157 4.23 -14.87 19.83
C SER A 157 3.42 -15.36 18.64
N GLY A 158 2.36 -14.61 18.32
CA GLY A 158 1.48 -15.03 17.23
C GLY A 158 2.03 -14.71 15.86
N ILE A 159 2.88 -13.68 15.77
CA ILE A 159 3.36 -13.16 14.50
C ILE A 159 4.05 -14.23 13.64
N PRO A 160 4.92 -15.09 14.20
CA PRO A 160 5.56 -16.11 13.34
C PRO A 160 4.56 -17.02 12.67
N GLU A 161 3.42 -17.30 13.30
CA GLU A 161 2.40 -18.17 12.71
C GLU A 161 1.33 -17.39 11.97
N VAL A 162 1.45 -16.07 11.91
CA VAL A 162 0.57 -15.25 11.09
C VAL A 162 1.23 -14.81 9.80
N LYS A 163 2.53 -14.56 9.80
CA LYS A 163 3.25 -14.27 8.56
C LYS A 163 3.16 -15.41 7.57
N CYS A 164 2.94 -16.64 8.04
CA CYS A 164 2.84 -17.77 7.14
C CYS A 164 1.47 -17.87 6.50
N TYR A 165 0.40 -17.62 7.26
CA TYR A 165 -0.94 -17.72 6.68
C TYR A 165 -1.19 -16.64 5.66
N LEU A 166 -0.77 -15.40 5.95
CA LEU A 166 -0.91 -14.33 4.96
C LEU A 166 -0.03 -14.59 3.74
N ASN A 167 1.05 -15.36 3.90
CA ASN A 167 1.85 -15.80 2.78
C ASN A 167 1.32 -17.09 2.15
N GLY A 168 0.35 -17.75 2.80
CA GLY A 168 -0.29 -18.91 2.22
C GLY A 168 0.43 -20.22 2.48
N VAL A 169 0.61 -20.60 3.74
CA VAL A 169 1.28 -21.85 4.06
C VAL A 169 0.34 -22.75 4.87
N LYS A 170 -0.57 -22.15 5.63
CA LYS A 170 -1.59 -22.88 6.38
C LYS A 170 -0.96 -23.85 7.39
N VAL A 171 -0.32 -23.27 8.39
CA VAL A 171 0.13 -24.01 9.57
C VAL A 171 -1.08 -24.74 10.13
N PRO A 172 -0.96 -26.02 10.51
CA PRO A 172 -2.17 -26.87 10.67
C PRO A 172 -3.18 -26.40 11.71
N GLY A 173 -2.79 -25.61 12.70
CA GLY A 173 -3.73 -25.30 13.76
C GLY A 173 -3.86 -23.84 14.15
N ILE A 174 -3.80 -22.94 13.17
CA ILE A 174 -3.80 -21.51 13.45
C ILE A 174 -5.11 -20.85 13.09
N VAL A 175 -6.19 -21.62 12.93
CA VAL A 175 -7.49 -21.04 12.61
C VAL A 175 -8.54 -21.57 13.57
N ARG A 176 -8.26 -22.71 14.20
CA ARG A 176 -9.24 -23.39 15.02
C ARG A 176 -9.57 -22.57 16.26
N LEU A 177 -10.86 -22.58 16.63
CA LEU A 177 -11.34 -21.78 17.75
C LEU A 177 -10.67 -22.19 19.06
N ARG A 178 -10.34 -23.47 19.20
CA ARG A 178 -9.64 -23.91 20.40
C ARG A 178 -8.32 -23.18 20.57
N THR A 179 -7.63 -22.90 19.47
CA THR A 179 -6.40 -22.10 19.56
C THR A 179 -6.68 -20.70 20.08
N LEU A 180 -7.76 -20.07 19.61
CA LEU A 180 -8.13 -18.76 20.11
C LEU A 180 -8.39 -18.80 21.61
N LEU A 181 -9.19 -19.77 22.07
CA LEU A 181 -9.50 -19.85 23.49
C LEU A 181 -8.25 -20.09 24.32
N CYS A 182 -7.42 -21.06 23.91
CA CYS A 182 -6.20 -21.37 24.63
C CYS A 182 -5.25 -20.19 24.69
N LYS A 183 -5.02 -19.48 23.59
CA LYS A 183 -4.15 -18.32 23.60
C LYS A 183 -4.70 -17.17 24.44
N VAL A 184 -5.98 -16.85 24.30
CA VAL A 184 -6.52 -15.71 25.06
C VAL A 184 -6.52 -16.02 26.55
N LEU A 185 -6.73 -17.27 26.94
CA LEU A 185 -6.66 -17.60 28.36
C LEU A 185 -5.21 -17.67 28.83
N GLY A 186 -4.30 -18.14 27.99
CA GLY A 186 -2.91 -18.25 28.40
C GLY A 186 -2.25 -16.90 28.60
N VAL A 187 -2.59 -15.92 27.76
CA VAL A 187 -1.92 -14.62 27.83
C VAL A 187 -2.15 -13.96 29.19
N LEU A 188 -3.40 -13.98 29.67
CA LEU A 188 -3.69 -13.32 30.95
C LEU A 188 -3.02 -14.03 32.10
N PHE A 189 -2.98 -15.38 32.07
CA PHE A 189 -2.31 -16.11 33.14
C PHE A 189 -0.81 -15.92 33.10
N SER A 190 -0.22 -15.87 31.91
CA SER A 190 1.23 -15.78 31.80
C SER A 190 1.74 -14.44 32.32
N VAL A 191 1.15 -13.33 31.86
CA VAL A 191 1.64 -12.02 32.27
C VAL A 191 1.39 -11.79 33.76
N ALA A 192 0.28 -12.32 34.29
CA ALA A 192 0.01 -12.17 35.72
C ALA A 192 1.08 -12.86 36.55
N GLY A 193 1.75 -13.87 36.00
CA GLY A 193 2.80 -14.56 36.72
C GLY A 193 4.12 -13.82 36.75
N GLY A 194 4.21 -12.67 36.09
CA GLY A 194 5.47 -11.93 36.07
C GLY A 194 6.58 -12.63 35.32
N LEU A 195 6.28 -13.17 34.14
CA LEU A 195 7.28 -13.88 33.34
C LEU A 195 8.04 -12.99 32.39
N PHE A 196 7.92 -11.66 32.51
CA PHE A 196 8.56 -10.72 31.59
C PHE A 196 8.09 -10.96 30.16
N VAL A 197 6.77 -10.87 29.95
CA VAL A 197 6.15 -11.11 28.66
C VAL A 197 5.26 -9.93 28.32
N GLU A 198 4.55 -10.04 27.21
CA GLU A 198 3.73 -8.95 26.70
C GLU A 198 2.32 -9.46 26.39
N LYS A 199 1.43 -8.51 26.12
CA LYS A 199 0.08 -8.80 25.68
C LYS A 199 -0.21 -8.35 24.26
N GLU A 200 0.57 -7.40 23.73
CA GLU A 200 0.30 -6.85 22.42
C GLU A 200 0.67 -7.79 21.29
N GLY A 201 1.54 -8.76 21.55
CA GLY A 201 1.93 -9.72 20.54
C GLY A 201 0.78 -10.63 20.14
N PRO A 202 0.29 -11.44 21.08
CA PRO A 202 -0.75 -12.42 20.73
C PRO A 202 -2.06 -11.81 20.25
N MET A 203 -2.29 -10.51 20.49
CA MET A 203 -3.53 -9.90 20.02
C MET A 203 -3.66 -9.97 18.51
N ILE A 204 -2.53 -9.94 17.80
CA ILE A 204 -2.57 -10.08 16.34
C ILE A 204 -3.13 -11.43 15.96
N HIS A 205 -2.64 -12.49 16.61
CA HIS A 205 -3.13 -13.83 16.31
C HIS A 205 -4.59 -13.99 16.71
N SER A 206 -4.99 -13.39 17.83
CA SER A 206 -6.39 -13.46 18.23
C SER A 206 -7.29 -12.77 17.20
N GLY A 207 -6.91 -11.59 16.72
CA GLY A 207 -7.68 -10.93 15.70
C GLY A 207 -7.71 -11.73 14.41
N SER A 208 -6.59 -12.36 14.05
CA SER A 208 -6.56 -13.19 12.85
C SER A 208 -7.51 -14.36 12.97
N VAL A 209 -7.54 -15.02 14.12
CA VAL A 209 -8.44 -16.16 14.31
C VAL A 209 -9.88 -15.71 14.24
N VAL A 210 -10.19 -14.58 14.88
CA VAL A 210 -11.56 -14.06 14.85
C VAL A 210 -11.98 -13.76 13.42
N GLY A 211 -11.11 -13.11 12.66
CA GLY A 211 -11.44 -12.79 11.28
C GLY A 211 -11.61 -14.02 10.41
N ALA A 212 -10.80 -15.05 10.66
CA ALA A 212 -10.93 -16.28 9.88
C ALA A 212 -12.21 -17.02 10.22
N GLY A 213 -12.60 -17.00 11.50
CA GLY A 213 -13.69 -17.85 11.94
C GLY A 213 -15.07 -17.25 11.76
N LEU A 214 -15.20 -15.96 12.10
CA LEU A 214 -16.54 -15.38 12.22
C LEU A 214 -17.38 -15.46 10.95
N PRO A 215 -16.89 -15.10 9.76
CA PRO A 215 -17.78 -15.15 8.57
C PRO A 215 -18.28 -16.55 8.27
N GLN A 216 -17.53 -17.60 8.64
CA GLN A 216 -17.98 -18.96 8.38
C GLN A 216 -19.23 -19.29 9.18
N PHE A 217 -19.32 -18.79 10.42
CA PHE A 217 -20.49 -19.06 11.24
C PHE A 217 -21.76 -18.52 10.60
N GLN A 218 -21.69 -17.31 10.07
CA GLN A 218 -22.85 -16.69 9.43
C GLN A 218 -23.08 -17.28 8.04
N PHE A 229 -26.05 -19.63 -3.96
CA PHE A 229 -24.93 -18.70 -3.82
C PHE A 229 -24.38 -18.71 -2.39
N PRO A 230 -23.46 -19.63 -2.12
CA PRO A 230 -22.83 -19.67 -0.80
C PRO A 230 -22.04 -18.39 -0.53
N TYR A 231 -21.93 -18.03 0.74
CA TYR A 231 -21.30 -16.79 1.14
C TYR A 231 -19.85 -17.05 1.58
N PHE A 232 -18.91 -16.42 0.89
CA PHE A 232 -17.51 -16.37 1.31
C PHE A 232 -16.92 -17.76 1.53
N ARG A 233 -17.25 -18.71 0.65
CA ARG A 233 -16.69 -20.05 0.77
C ARG A 233 -15.28 -20.11 0.20
N SER A 234 -14.99 -19.33 -0.83
CA SER A 234 -13.69 -19.39 -1.48
C SER A 234 -12.58 -18.92 -0.54
N ASP A 235 -11.38 -19.44 -0.77
CA ASP A 235 -10.25 -19.09 0.09
C ASP A 235 -9.83 -17.64 -0.07
N ARG A 236 -10.20 -17.02 -1.19
CA ARG A 236 -9.91 -15.60 -1.38
C ARG A 236 -10.54 -14.76 -0.29
N ASP A 237 -11.83 -14.98 -0.02
CA ASP A 237 -12.52 -14.23 1.02
C ASP A 237 -11.94 -14.54 2.39
N LYS A 238 -11.58 -15.80 2.63
CA LYS A 238 -10.99 -16.16 3.92
C LYS A 238 -9.67 -15.42 4.14
N ARG A 239 -8.83 -15.35 3.12
CA ARG A 239 -7.56 -14.64 3.25
C ARG A 239 -7.79 -13.15 3.47
N ASP A 240 -8.75 -12.57 2.75
CA ASP A 240 -9.06 -11.15 2.96
C ASP A 240 -9.52 -10.88 4.38
N PHE A 241 -10.37 -11.76 4.92
CA PHE A 241 -10.87 -11.54 6.27
C PHE A 241 -9.78 -11.77 7.31
N VAL A 242 -8.84 -12.69 7.04
CA VAL A 242 -7.70 -12.86 7.94
C VAL A 242 -6.85 -11.60 7.94
N SER A 243 -6.64 -11.00 6.78
CA SER A 243 -5.89 -9.74 6.73
C SER A 243 -6.60 -8.65 7.52
N ALA A 244 -7.93 -8.56 7.37
CA ALA A 244 -8.69 -7.56 8.13
C ALA A 244 -8.59 -7.81 9.63
N GLY A 245 -8.66 -9.07 10.05
CA GLY A 245 -8.54 -9.39 11.46
C GLY A 245 -7.17 -9.06 12.02
N ALA A 246 -6.12 -9.32 11.24
CA ALA A 246 -4.78 -8.96 11.68
C ALA A 246 -4.63 -7.45 11.85
N ALA A 247 -5.17 -6.68 10.89
CA ALA A 247 -5.12 -5.23 11.02
C ALA A 247 -5.89 -4.76 12.26
N ALA A 248 -7.06 -5.33 12.50
CA ALA A 248 -7.85 -4.95 13.68
C ALA A 248 -7.10 -5.29 14.96
N GLY A 249 -6.45 -6.45 15.00
CA GLY A 249 -5.69 -6.81 16.18
C GLY A 249 -4.54 -5.87 16.45
N VAL A 250 -3.81 -5.49 15.38
CA VAL A 250 -2.70 -4.55 15.57
C VAL A 250 -3.23 -3.22 16.07
N ALA A 251 -4.35 -2.74 15.51
CA ALA A 251 -4.93 -1.48 15.95
C ALA A 251 -5.34 -1.54 17.41
N ALA A 252 -5.98 -2.63 17.83
CA ALA A 252 -6.39 -2.76 19.23
C ALA A 252 -5.18 -2.81 20.15
N ALA A 253 -4.13 -3.52 19.73
CA ALA A 253 -2.95 -3.63 20.59
C ALA A 253 -2.23 -2.31 20.76
N PHE A 254 -1.94 -1.61 19.66
CA PHE A 254 -1.07 -0.45 19.72
C PHE A 254 -1.79 0.89 19.58
N GLY A 255 -3.07 0.89 19.23
CA GLY A 255 -3.79 2.15 19.08
C GLY A 255 -3.50 2.90 17.80
N ALA A 256 -2.83 2.28 16.83
CA ALA A 256 -2.51 2.94 15.56
C ALA A 256 -3.26 2.27 14.43
N PRO A 257 -4.32 2.89 13.88
CA PRO A 257 -5.05 2.22 12.80
C PRO A 257 -4.27 2.13 11.49
N ILE A 258 -3.66 3.22 11.05
CA ILE A 258 -2.93 3.20 9.79
C ILE A 258 -1.74 2.27 9.86
N GLY A 259 -1.10 2.18 11.04
CA GLY A 259 -0.05 1.21 11.21
C GLY A 259 -0.53 -0.22 11.01
N GLY A 260 -1.72 -0.53 11.52
CA GLY A 260 -2.28 -1.85 11.30
C GLY A 260 -2.61 -2.10 9.84
N THR A 261 -3.17 -1.10 9.16
CA THR A 261 -3.47 -1.25 7.74
C THR A 261 -2.20 -1.51 6.94
N LEU A 262 -1.12 -0.78 7.25
CA LEU A 262 0.12 -0.99 6.52
C LEU A 262 0.78 -2.32 6.87
N PHE A 263 0.65 -2.77 8.12
CA PHE A 263 1.18 -4.09 8.47
C PHE A 263 0.44 -5.18 7.71
N SER A 264 -0.88 -5.06 7.59
CA SER A 264 -1.63 -6.06 6.84
C SER A 264 -1.42 -5.93 5.34
N LEU A 265 -1.03 -4.75 4.85
CA LEU A 265 -0.73 -4.61 3.42
C LEU A 265 0.51 -5.40 3.05
N GLU A 266 1.59 -5.23 3.79
CA GLU A 266 2.76 -6.07 3.60
C GLU A 266 2.57 -7.37 4.35
N GLU A 267 3.58 -8.24 4.30
CA GLU A 267 3.54 -9.58 4.88
C GLU A 267 2.53 -10.45 4.14
N GLY A 268 1.80 -9.85 3.21
CA GLY A 268 0.86 -10.55 2.35
C GLY A 268 0.82 -9.93 0.98
N SER A 269 1.97 -9.39 0.54
CA SER A 269 2.02 -8.49 -0.61
C SER A 269 1.36 -9.08 -1.85
N SER A 270 0.29 -8.45 -2.30
CA SER A 270 -0.43 -8.83 -3.51
C SER A 270 -0.68 -7.58 -4.34
N PHE A 271 -1.40 -7.74 -5.44
CA PHE A 271 -1.75 -6.60 -6.29
C PHE A 271 -2.60 -5.61 -5.50
N TRP A 272 -2.36 -4.32 -5.75
CA TRP A 272 -3.06 -3.28 -5.01
C TRP A 272 -4.55 -3.38 -5.21
N ASN A 273 -5.29 -3.68 -4.14
CA ASN A 273 -6.73 -3.88 -4.20
C ASN A 273 -7.40 -2.67 -3.55
N GLN A 274 -7.62 -1.63 -4.33
CA GLN A 274 -8.33 -0.44 -3.85
C GLN A 274 -9.80 -0.78 -3.73
N GLY A 275 -10.32 -0.78 -2.51
CA GLY A 275 -11.67 -1.25 -2.27
C GLY A 275 -11.68 -2.31 -1.19
N LEU A 276 -10.52 -2.89 -0.94
CA LEU A 276 -10.30 -3.78 0.20
C LEU A 276 -9.44 -3.11 1.26
N THR A 277 -8.45 -2.32 0.85
CA THR A 277 -7.75 -1.47 1.81
C THR A 277 -8.71 -0.50 2.48
N TRP A 278 -9.64 0.05 1.70
CA TRP A 278 -10.69 0.91 2.22
C TRP A 278 -11.63 0.19 3.17
N LYS A 279 -11.62 -1.14 3.17
CA LYS A 279 -12.40 -1.91 4.13
C LYS A 279 -11.60 -2.27 5.38
N VAL A 280 -10.34 -2.67 5.21
CA VAL A 280 -9.54 -2.98 6.39
C VAL A 280 -9.22 -1.74 7.18
N LEU A 281 -9.14 -0.56 6.55
CA LEU A 281 -8.98 0.66 7.32
C LEU A 281 -10.21 0.93 8.18
N PHE A 282 -11.40 0.69 7.64
CA PHE A 282 -12.62 0.84 8.43
C PHE A 282 -12.67 -0.16 9.57
N CYS A 283 -12.25 -1.40 9.30
CA CYS A 283 -12.21 -2.42 10.34
C CYS A 283 -11.27 -2.00 11.46
N SER A 284 -10.09 -1.50 11.09
CA SER A 284 -9.12 -1.05 12.08
C SER A 284 -9.65 0.11 12.91
N MET A 285 -10.27 1.09 12.24
CA MET A 285 -10.80 2.25 12.96
C MET A 285 -11.90 1.82 13.92
N SER A 286 -12.78 0.92 13.50
CA SER A 286 -13.83 0.44 14.39
C SER A 286 -13.28 -0.37 15.54
N ALA A 287 -12.22 -1.15 15.30
CA ALA A 287 -11.65 -1.97 16.37
C ALA A 287 -10.96 -1.12 17.42
N THR A 288 -10.25 -0.07 17.01
CA THR A 288 -9.54 0.74 17.99
C THR A 288 -10.43 1.73 18.71
N PHE A 289 -11.65 1.99 18.22
CA PHE A 289 -12.57 2.91 18.86
C PHE A 289 -13.70 2.21 19.60
N THR A 290 -13.68 0.88 19.66
CA THR A 290 -14.57 0.12 20.54
C THR A 290 -13.90 -0.24 21.84
N LEU A 291 -12.61 -0.59 21.79
CA LEU A 291 -11.84 -0.80 23.02
C LEU A 291 -11.77 0.49 23.83
N ASN A 292 -11.59 1.62 23.16
CA ASN A 292 -11.55 2.91 23.85
C ASN A 292 -12.87 3.22 24.54
N PHE A 293 -13.99 2.98 23.85
CA PHE A 293 -15.29 3.38 24.38
C PHE A 293 -15.62 2.68 25.69
N PHE A 294 -15.06 1.48 25.89
CA PHE A 294 -15.30 0.74 27.13
C PHE A 294 -14.18 0.94 28.16
N ARG A 295 -12.92 1.01 27.72
CA ARG A 295 -11.84 1.21 28.68
C ARG A 295 -11.82 2.61 29.24
N SER A 296 -12.46 3.58 28.58
CA SER A 296 -12.61 4.91 29.15
C SER A 296 -13.91 5.06 29.90
N GLY A 297 -14.79 4.07 29.86
CA GLY A 297 -16.03 4.13 30.59
C GLY A 297 -16.00 3.27 31.83
N ILE A 298 -15.02 2.37 31.90
CA ILE A 298 -14.84 1.54 33.09
C ILE A 298 -13.83 2.17 34.04
N GLN A 299 -12.66 2.57 33.54
CA GLN A 299 -11.66 3.17 34.39
C GLN A 299 -12.11 4.52 34.92
N PHE A 300 -12.59 5.40 34.05
CA PHE A 300 -13.05 6.71 34.44
C PHE A 300 -14.56 6.67 34.71
N GLY A 301 -15.18 7.84 34.84
CA GLY A 301 -16.61 7.90 35.11
C GLY A 301 -17.43 8.21 33.88
N SER A 302 -16.95 9.13 33.04
CA SER A 302 -17.67 9.50 31.83
C SER A 302 -17.74 8.32 30.87
N TRP A 303 -18.87 8.20 30.18
CA TRP A 303 -19.07 7.08 29.26
C TRP A 303 -18.97 7.46 27.80
N GLY A 304 -19.41 8.65 27.41
CA GLY A 304 -19.30 9.06 26.02
C GLY A 304 -17.91 9.51 25.62
N SER A 305 -17.01 9.67 26.58
CA SER A 305 -15.69 10.23 26.29
C SER A 305 -14.74 9.16 25.79
N PHE A 306 -13.86 9.57 24.87
CA PHE A 306 -12.80 8.72 24.34
C PHE A 306 -11.48 9.31 24.84
N GLN A 307 -11.06 8.92 26.04
CA GLN A 307 -9.92 9.55 26.69
C GLN A 307 -8.59 8.86 26.44
N LEU A 308 -8.59 7.59 26.02
CA LEU A 308 -7.30 6.92 25.87
C LEU A 308 -7.31 5.84 24.80
N PRO A 309 -6.26 5.74 24.00
CA PRO A 309 -6.18 4.70 22.97
C PRO A 309 -5.96 3.31 23.56
N GLY A 310 -5.64 2.34 22.70
CA GLY A 310 -5.58 0.95 23.10
C GLY A 310 -4.56 0.57 24.16
N LEU A 311 -4.26 -0.72 24.26
CA LEU A 311 -3.58 -1.28 25.43
C LEU A 311 -2.31 -0.52 25.79
N LEU A 312 -1.50 -0.17 24.79
CA LEU A 312 -0.23 0.49 25.03
C LEU A 312 -0.31 1.93 24.58
N ASN A 313 -0.04 2.86 25.50
CA ASN A 313 -0.03 4.29 25.20
C ASN A 313 1.21 4.92 25.81
N PHE A 314 1.88 5.77 25.03
CA PHE A 314 3.12 6.39 25.49
C PHE A 314 2.88 7.63 26.34
N GLY A 315 1.77 8.33 26.11
CA GLY A 315 1.42 9.49 26.90
C GLY A 315 1.42 10.76 26.06
N GLU A 316 1.87 11.85 26.69
CA GLU A 316 1.93 13.16 26.06
C GLU A 316 3.39 13.62 26.05
N PHE A 317 3.86 14.05 24.88
CA PHE A 317 5.24 14.52 24.72
C PHE A 317 5.21 16.04 24.55
N LYS A 318 5.45 16.75 25.65
CA LYS A 318 5.52 18.20 25.64
C LYS A 318 6.56 18.66 26.65
N CYS A 319 7.04 19.88 26.47
CA CYS A 319 7.94 20.47 27.45
C CYS A 319 7.25 20.52 28.81
N SER A 320 7.96 20.06 29.85
CA SER A 320 7.34 19.90 31.15
C SER A 320 6.86 21.23 31.71
N ASP A 321 7.65 22.28 31.55
CA ASP A 321 7.30 23.61 32.02
C ASP A 321 7.62 24.62 30.94
N SER A 322 6.92 25.76 30.99
CA SER A 322 7.23 26.85 30.09
C SER A 322 8.67 27.32 30.34
N ASP A 323 9.55 27.01 29.41
CA ASP A 323 10.98 27.21 29.63
C ASP A 323 11.59 27.88 28.41
N LYS A 324 12.64 28.66 28.65
CA LYS A 324 13.38 29.27 27.55
C LYS A 324 14.15 28.20 26.79
N LYS A 325 13.95 28.19 25.48
CA LYS A 325 14.69 27.28 24.58
C LYS A 325 14.45 25.82 24.96
N CYS A 326 13.19 25.42 25.06
CA CYS A 326 12.82 24.03 25.29
C CYS A 326 12.12 23.50 24.04
N HIS A 327 12.68 22.44 23.46
CA HIS A 327 12.11 21.82 22.27
C HIS A 327 12.13 20.31 22.43
N LEU A 328 11.23 19.64 21.70
CA LEU A 328 11.22 18.18 21.71
C LEU A 328 12.52 17.63 21.15
N TRP A 329 13.02 18.23 20.07
CA TRP A 329 14.30 17.84 19.50
C TRP A 329 14.76 18.95 18.56
N THR A 330 16.06 18.96 18.29
CA THR A 330 16.66 19.95 17.41
C THR A 330 17.59 19.24 16.42
N ALA A 331 18.10 19.99 15.45
CA ALA A 331 18.89 19.39 14.39
C ALA A 331 20.23 18.88 14.87
N MET A 332 20.73 19.38 16.01
CA MET A 332 22.03 18.94 16.51
C MET A 332 21.98 17.54 17.10
N ASP A 333 20.79 17.05 17.44
CA ASP A 333 20.66 15.75 18.10
C ASP A 333 20.80 14.58 17.14
N LEU A 334 20.85 14.85 15.83
CA LEU A 334 20.79 13.78 14.84
C LEU A 334 21.97 12.83 14.97
N GLY A 335 23.16 13.34 15.29
CA GLY A 335 24.29 12.47 15.53
C GLY A 335 24.06 11.53 16.70
N PHE A 336 23.49 12.06 17.79
CA PHE A 336 23.16 11.22 18.92
C PHE A 336 22.16 10.14 18.53
N PHE A 337 21.17 10.51 17.72
CA PHE A 337 20.18 9.53 17.27
C PHE A 337 20.83 8.42 16.44
N VAL A 338 21.75 8.80 15.55
CA VAL A 338 22.41 7.79 14.72
C VAL A 338 23.26 6.85 15.56
N VAL A 339 24.01 7.41 16.52
CA VAL A 339 24.86 6.57 17.37
C VAL A 339 24.01 5.64 18.22
N MET A 340 22.92 6.15 18.79
CA MET A 340 22.02 5.28 19.55
C MET A 340 21.43 4.20 18.66
N GLY A 341 21.12 4.54 17.41
CA GLY A 341 20.60 3.54 16.50
C GLY A 341 21.58 2.42 16.23
N VAL A 342 22.84 2.76 16.00
CA VAL A 342 23.82 1.70 15.72
C VAL A 342 24.08 0.86 16.97
N ILE A 343 24.10 1.48 18.15
CA ILE A 343 24.27 0.71 19.39
C ILE A 343 23.10 -0.25 19.57
N GLY A 344 21.87 0.24 19.35
CA GLY A 344 20.72 -0.63 19.44
C GLY A 344 20.75 -1.75 18.43
N GLY A 345 21.27 -1.49 17.23
CA GLY A 345 21.41 -2.56 16.25
C GLY A 345 22.36 -3.64 16.72
N LEU A 346 23.50 -3.25 17.29
CA LEU A 346 24.44 -4.24 17.81
C LEU A 346 23.80 -5.06 18.94
N LEU A 347 23.09 -4.38 19.84
CA LEU A 347 22.43 -5.09 20.93
C LEU A 347 21.38 -6.07 20.40
N GLY A 348 20.61 -5.65 19.39
CA GLY A 348 19.64 -6.55 18.80
C GLY A 348 20.27 -7.75 18.14
N ALA A 349 21.41 -7.54 17.48
CA ALA A 349 22.13 -8.67 16.88
C ALA A 349 22.56 -9.67 17.95
N THR A 350 23.07 -9.16 19.07
CA THR A 350 23.45 -10.06 20.16
C THR A 350 22.24 -10.82 20.71
N PHE A 351 21.12 -10.11 20.89
CA PHE A 351 19.91 -10.75 21.39
C PHE A 351 19.46 -11.87 20.45
N ASN A 352 19.46 -11.60 19.14
CA ASN A 352 19.07 -12.62 18.18
C ASN A 352 20.01 -13.81 18.23
N CYS A 353 21.32 -13.56 18.34
CA CYS A 353 22.28 -14.66 18.38
C CYS A 353 22.03 -15.59 19.55
N LEU A 354 21.93 -15.01 20.76
CA LEU A 354 21.68 -15.86 21.93
C LEU A 354 20.33 -16.55 21.85
N ASN A 355 19.29 -15.86 21.38
CA ASN A 355 17.98 -16.49 21.31
C ASN A 355 17.98 -17.66 20.33
N LYS A 356 18.66 -17.50 19.18
CA LYS A 356 18.73 -18.57 18.21
C LYS A 356 19.49 -19.77 18.76
N ARG A 357 20.60 -19.53 19.45
CA ARG A 357 21.34 -20.66 20.02
C ARG A 357 20.50 -21.40 21.07
N LEU A 358 19.79 -20.65 21.92
CA LEU A 358 18.94 -21.28 22.91
C LEU A 358 17.81 -22.07 22.25
N ALA A 359 17.22 -21.52 21.19
CA ALA A 359 16.15 -22.22 20.50
C ALA A 359 16.63 -23.50 19.86
N LYS A 360 17.83 -23.48 19.26
CA LYS A 360 18.39 -24.71 18.71
C LYS A 360 18.62 -25.74 19.81
N TYR A 361 19.15 -25.30 20.96
CA TYR A 361 19.37 -26.23 22.06
C TYR A 361 18.07 -26.87 22.51
N ARG A 362 17.02 -26.07 22.68
CA ARG A 362 15.73 -26.61 23.10
C ARG A 362 15.16 -27.55 22.06
N MET A 363 15.24 -27.19 20.79
CA MET A 363 14.72 -28.05 19.73
C MET A 363 15.47 -29.36 19.64
N ARG A 364 16.74 -29.38 20.02
CA ARG A 364 17.53 -30.61 19.94
C ARG A 364 17.29 -31.50 21.15
N ASN A 365 17.23 -30.91 22.35
CA ASN A 365 17.20 -31.75 23.55
C ASN A 365 15.83 -31.76 24.21
N VAL A 366 15.26 -30.59 24.48
CA VAL A 366 14.08 -30.52 25.34
C VAL A 366 12.86 -31.10 24.64
N HIS A 367 12.67 -30.80 23.36
CA HIS A 367 11.44 -31.23 22.69
C HIS A 367 11.29 -32.75 22.62
N PRO A 368 12.30 -33.54 22.24
CA PRO A 368 12.06 -35.01 22.23
C PRO A 368 12.05 -35.60 23.63
N LYS A 369 11.05 -35.20 24.41
CA LYS A 369 10.91 -35.63 25.80
C LYS A 369 9.43 -35.83 26.09
N PRO A 370 9.05 -36.58 27.13
CA PRO A 370 7.62 -36.78 27.40
C PRO A 370 6.97 -35.49 27.89
N LYS A 371 5.64 -35.51 27.94
CA LYS A 371 4.86 -34.31 28.20
C LYS A 371 5.15 -33.73 29.58
N LEU A 372 5.68 -34.54 30.50
CA LEU A 372 6.06 -34.00 31.81
C LEU A 372 7.13 -32.92 31.67
N VAL A 373 8.16 -33.20 30.87
CA VAL A 373 9.10 -32.16 30.49
C VAL A 373 8.39 -31.18 29.56
N ARG A 374 8.97 -29.99 29.40
CA ARG A 374 8.44 -28.83 28.70
C ARG A 374 7.40 -28.13 29.57
N VAL A 375 7.10 -28.68 30.75
CA VAL A 375 6.20 -28.04 31.70
C VAL A 375 7.03 -27.62 32.90
N LEU A 376 8.09 -28.38 33.20
CA LEU A 376 8.96 -28.05 34.32
C LEU A 376 9.85 -26.86 33.98
N GLU A 377 10.19 -26.68 32.71
CA GLU A 377 11.06 -25.57 32.32
C GLU A 377 10.41 -24.23 32.60
N SER A 378 9.12 -24.09 32.30
CA SER A 378 8.43 -22.84 32.56
C SER A 378 8.37 -22.55 34.06
N LEU A 379 8.11 -23.58 34.87
CA LEU A 379 8.12 -23.39 36.32
C LEU A 379 9.49 -22.97 36.80
N LEU A 380 10.54 -23.58 36.25
CA LEU A 380 11.90 -23.22 36.65
C LEU A 380 12.22 -21.77 36.33
N VAL A 381 11.87 -21.33 35.11
CA VAL A 381 12.18 -19.95 34.74
C VAL A 381 11.35 -18.97 35.56
N SER A 382 10.09 -19.31 35.86
CA SER A 382 9.27 -18.46 36.71
C SER A 382 9.87 -18.34 38.11
N LEU A 383 10.31 -19.46 38.68
CA LEU A 383 10.93 -19.43 40.00
C LEU A 383 12.20 -18.60 39.98
N VAL A 384 13.04 -18.78 38.96
CA VAL A 384 14.31 -18.05 38.90
C VAL A 384 14.04 -16.56 38.77
N THR A 385 13.13 -16.16 37.90
CA THR A 385 12.85 -14.74 37.73
C THR A 385 12.20 -14.14 38.97
N THR A 386 11.33 -14.88 39.66
CA THR A 386 10.74 -14.35 40.88
C THR A 386 11.79 -14.15 41.96
N VAL A 387 12.69 -15.13 42.13
CA VAL A 387 13.74 -14.98 43.13
C VAL A 387 14.65 -13.80 42.78
N VAL A 388 15.02 -13.68 41.50
CA VAL A 388 15.92 -12.60 41.09
C VAL A 388 15.27 -11.25 41.32
N VAL A 389 14.00 -11.10 40.94
CA VAL A 389 13.35 -9.80 41.09
C VAL A 389 13.17 -9.45 42.56
N PHE A 390 12.84 -10.45 43.40
CA PHE A 390 12.68 -10.16 44.82
C PHE A 390 14.01 -9.76 45.46
N VAL A 391 15.09 -10.47 45.11
CA VAL A 391 16.39 -10.13 45.68
C VAL A 391 16.84 -8.75 45.22
N ALA A 392 16.64 -8.44 43.93
CA ALA A 392 17.02 -7.12 43.42
C ALA A 392 16.18 -6.01 44.01
N SER A 393 14.93 -6.29 44.39
CA SER A 393 14.14 -5.30 45.08
C SER A 393 14.61 -5.12 46.52
N MET A 394 15.02 -6.21 47.17
CA MET A 394 15.49 -6.11 48.55
C MET A 394 16.84 -5.44 48.63
N VAL A 395 17.78 -5.83 47.77
CA VAL A 395 19.16 -5.37 47.84
C VAL A 395 19.52 -4.74 46.49
N LEU A 396 20.42 -3.76 46.55
CA LEU A 396 20.95 -3.02 45.41
C LEU A 396 19.97 -1.99 44.85
N GLY A 397 18.81 -1.83 45.50
CA GLY A 397 17.86 -0.80 45.11
C GLY A 397 18.00 0.41 46.03
N GLU A 398 18.44 1.51 45.43
CA GLU A 398 18.75 2.72 46.19
C GLU A 398 17.47 3.41 46.62
N CYS A 399 17.34 3.63 47.94
CA CYS A 399 16.20 4.38 48.47
C CYS A 399 16.41 5.86 48.21
N ARG A 400 15.43 6.49 47.57
CA ARG A 400 15.49 7.91 47.27
C ARG A 400 14.31 8.63 47.91
N GLN A 401 14.57 9.85 48.38
CA GLN A 401 13.52 10.65 49.01
C GLN A 401 12.45 11.02 47.99
N MET A 402 11.20 10.99 48.44
CA MET A 402 10.07 11.28 47.57
C MET A 402 10.09 12.73 47.09
N SER A 423 0.65 7.11 44.19
CA SER A 423 0.04 5.79 44.28
C SER A 423 0.78 4.79 43.41
N SER A 424 1.21 5.24 42.22
CA SER A 424 1.96 4.37 41.33
C SER A 424 3.30 3.97 41.93
N ILE A 425 3.97 4.90 42.61
CA ILE A 425 5.26 4.62 43.20
C ILE A 425 5.10 3.65 44.37
N LYS A 426 5.90 2.59 44.36
CA LYS A 426 5.89 1.57 45.41
C LYS A 426 7.13 1.75 46.28
N THR A 427 6.93 1.80 47.59
CA THR A 427 8.02 1.87 48.55
C THR A 427 8.08 0.56 49.33
N PHE A 428 9.12 -0.22 49.07
CA PHE A 428 9.30 -1.54 49.66
C PHE A 428 10.65 -1.59 50.37
N PHE A 429 10.68 -2.17 51.56
CA PHE A 429 11.91 -2.45 52.28
C PHE A 429 12.71 -1.17 52.53
N CYS A 430 11.99 -0.06 52.68
CA CYS A 430 12.61 1.25 52.61
C CYS A 430 12.08 2.13 53.72
N PRO A 431 12.91 3.03 54.28
CA PRO A 431 12.47 3.85 55.41
C PRO A 431 11.49 4.95 55.02
N ASN A 432 11.16 5.80 56.00
CA ASN A 432 10.10 6.78 55.82
C ASN A 432 10.46 7.82 54.76
N ASP A 433 9.45 8.28 54.03
CA ASP A 433 9.59 9.36 53.05
C ASP A 433 10.60 9.01 51.97
N THR A 434 10.75 7.72 51.70
CA THR A 434 11.67 7.24 50.68
C THR A 434 11.03 6.08 49.93
N TYR A 435 11.48 5.89 48.69
CA TYR A 435 10.96 4.86 47.81
C TYR A 435 12.12 4.11 47.16
N ASN A 436 11.84 2.87 46.77
CA ASN A 436 12.83 2.00 46.14
C ASN A 436 12.60 2.02 44.63
N ASP A 437 13.58 2.57 43.90
CA ASP A 437 13.44 2.66 42.44
C ASP A 437 13.40 1.28 41.80
N MET A 438 14.22 0.35 42.29
CA MET A 438 14.21 -1.00 41.74
C MET A 438 12.85 -1.64 41.89
N ALA A 439 12.25 -1.53 43.08
CA ALA A 439 10.93 -2.10 43.30
C ALA A 439 9.89 -1.40 42.44
N THR A 440 9.99 -0.08 42.30
CA THR A 440 9.03 0.66 41.49
C THR A 440 9.07 0.20 40.04
N LEU A 441 10.26 -0.02 39.49
CA LEU A 441 10.37 -0.48 38.12
C LEU A 441 9.91 -1.92 37.97
N PHE A 442 10.34 -2.79 38.87
CA PHE A 442 10.12 -4.22 38.69
C PHE A 442 8.67 -4.62 38.95
N PHE A 443 8.09 -4.11 40.03
CA PHE A 443 6.75 -4.58 40.41
C PHE A 443 5.67 -3.99 39.52
N ASN A 444 5.74 -2.69 39.22
CA ASN A 444 4.66 -2.04 38.52
C ASN A 444 4.47 -2.64 37.13
N PRO A 445 3.24 -2.65 36.62
CA PRO A 445 3.00 -3.21 35.28
C PRO A 445 3.80 -2.46 34.22
N GLN A 446 4.07 -3.15 33.12
CA GLN A 446 4.99 -2.64 32.11
C GLN A 446 4.56 -1.28 31.59
N GLU A 447 3.26 -1.03 31.46
CA GLU A 447 2.79 0.28 31.01
C GLU A 447 3.21 1.37 31.98
N SER A 448 3.06 1.11 33.29
CA SER A 448 3.45 2.11 34.29
C SER A 448 4.96 2.35 34.26
N ALA A 449 5.75 1.28 34.09
CA ALA A 449 7.20 1.45 34.01
C ALA A 449 7.59 2.28 32.80
N ILE A 450 6.95 2.02 31.65
CA ILE A 450 7.24 2.80 30.45
C ILE A 450 6.89 4.27 30.66
N LEU A 451 5.71 4.53 31.24
CA LEU A 451 5.30 5.90 31.48
C LEU A 451 6.27 6.61 32.42
N GLN A 452 6.73 5.92 33.46
CA GLN A 452 7.67 6.53 34.38
C GLN A 452 9.03 6.79 33.72
N LEU A 453 9.48 5.87 32.86
CA LEU A 453 10.76 6.07 32.19
C LEU A 453 10.71 7.19 31.17
N PHE A 454 9.56 7.43 30.55
CA PHE A 454 9.50 8.49 29.55
C PHE A 454 9.38 9.89 30.14
N HIS A 455 8.54 10.08 31.16
CA HIS A 455 8.12 11.41 31.56
C HIS A 455 8.56 11.82 32.97
N GLN A 456 9.44 11.07 33.61
CA GLN A 456 9.96 11.43 34.92
C GLN A 456 11.47 11.58 34.84
N ASP A 457 11.99 12.68 35.38
CA ASP A 457 13.40 13.01 35.34
C ASP A 457 13.95 12.99 36.76
N GLY A 458 15.16 12.46 36.92
CA GLY A 458 15.83 12.44 38.20
C GLY A 458 15.36 11.37 39.15
N THR A 459 14.40 10.54 38.76
CA THR A 459 13.86 9.52 39.66
C THR A 459 14.81 8.34 39.82
N PHE A 460 15.64 8.05 38.82
CA PHE A 460 16.45 6.84 38.79
C PHE A 460 17.93 7.18 38.75
N SER A 461 18.72 6.42 39.51
CA SER A 461 20.16 6.52 39.46
C SER A 461 20.71 5.69 38.30
N PRO A 462 21.86 6.08 37.74
CA PRO A 462 22.42 5.32 36.62
C PRO A 462 22.69 3.86 36.94
N VAL A 463 23.15 3.55 38.15
CA VAL A 463 23.41 2.17 38.53
C VAL A 463 22.12 1.36 38.49
N THR A 464 21.02 1.94 39.00
CA THR A 464 19.72 1.29 38.94
C THR A 464 19.35 0.96 37.49
N LEU A 465 19.51 1.93 36.59
CA LEU A 465 19.17 1.72 35.20
C LEU A 465 20.02 0.61 34.58
N ALA A 466 21.33 0.62 34.83
CA ALA A 466 22.20 -0.38 34.24
C ALA A 466 21.85 -1.77 34.73
N LEU A 467 21.65 -1.93 36.04
CA LEU A 467 21.31 -3.24 36.58
C LEU A 467 19.97 -3.73 36.04
N PHE A 468 18.98 -2.84 36.00
CA PHE A 468 17.67 -3.23 35.49
C PHE A 468 17.75 -3.64 34.03
N PHE A 469 18.48 -2.86 33.22
CA PHE A 469 18.59 -3.18 31.81
C PHE A 469 19.25 -4.54 31.60
N VAL A 470 20.37 -4.79 32.29
CA VAL A 470 21.08 -6.05 32.12
C VAL A 470 20.20 -7.22 32.53
N LEU A 471 19.60 -7.13 33.72
CA LEU A 471 18.79 -8.25 34.21
C LEU A 471 17.59 -8.49 33.32
N TYR A 472 16.89 -7.42 32.92
CA TYR A 472 15.71 -7.59 32.09
C TYR A 472 16.07 -8.16 30.73
N PHE A 473 17.16 -7.68 30.13
CA PHE A 473 17.59 -8.20 28.84
C PHE A 473 17.90 -9.69 28.92
N LEU A 474 18.69 -10.09 29.92
CA LEU A 474 19.05 -11.50 30.03
C LEU A 474 17.82 -12.38 30.29
N LEU A 475 16.95 -11.95 31.20
CA LEU A 475 15.79 -12.77 31.53
C LEU A 475 14.82 -12.85 30.36
N ALA A 476 14.64 -11.75 29.62
CA ALA A 476 13.77 -11.79 28.44
C ALA A 476 14.35 -12.69 27.36
N CYS A 477 15.66 -12.62 27.14
CA CYS A 477 16.28 -13.48 26.14
C CYS A 477 16.14 -14.95 26.52
N TRP A 478 16.26 -15.26 27.81
CA TRP A 478 16.12 -16.65 28.23
C TRP A 478 14.66 -17.12 28.19
N THR A 479 13.72 -16.22 28.48
CA THR A 479 12.33 -16.64 28.65
C THR A 479 11.65 -16.97 27.32
N TYR A 480 11.89 -16.17 26.29
CA TYR A 480 11.12 -16.31 25.06
C TYR A 480 11.43 -17.64 24.37
N GLY A 481 10.39 -18.37 24.01
CA GLY A 481 10.55 -19.64 23.34
C GLY A 481 9.90 -20.79 24.09
N ILE A 482 9.70 -20.62 25.39
CA ILE A 482 9.10 -21.65 26.23
C ILE A 482 7.61 -21.74 25.93
N SER A 483 6.95 -22.73 26.53
CA SER A 483 5.58 -23.07 26.13
C SER A 483 4.62 -21.90 26.29
N VAL A 484 4.72 -21.14 27.38
CA VAL A 484 3.71 -20.15 27.73
C VAL A 484 3.57 -19.11 26.62
N PRO A 485 2.37 -18.56 26.40
CA PRO A 485 2.17 -17.64 25.28
C PRO A 485 2.86 -16.31 25.48
N SER A 486 4.15 -16.27 25.21
CA SER A 486 4.95 -15.07 25.44
C SER A 486 4.63 -13.99 24.43
N GLY A 487 5.06 -12.76 24.75
CA GLY A 487 5.07 -11.66 23.82
C GLY A 487 6.47 -11.09 23.74
N LEU A 488 6.69 -10.23 22.75
CA LEU A 488 8.02 -9.70 22.51
C LEU A 488 8.09 -8.19 22.36
N PHE A 489 7.00 -7.52 21.95
CA PHE A 489 7.07 -6.08 21.72
C PHE A 489 7.38 -5.33 23.00
N VAL A 490 6.61 -5.57 24.06
CA VAL A 490 6.81 -4.83 25.30
C VAL A 490 8.16 -5.13 25.95
N PRO A 491 8.54 -6.39 26.19
CA PRO A 491 9.83 -6.63 26.87
C PRO A 491 11.03 -6.13 26.10
N SER A 492 10.91 -5.94 24.78
CA SER A 492 11.96 -5.30 24.01
C SER A 492 11.80 -3.80 23.91
N LEU A 493 10.59 -3.28 24.15
CA LEU A 493 10.37 -1.85 24.21
C LEU A 493 10.75 -1.26 25.54
N LEU A 494 11.01 -2.08 26.55
CA LEU A 494 11.33 -1.62 27.89
C LEU A 494 12.82 -1.49 28.15
N CYS A 495 13.63 -2.41 27.62
CA CYS A 495 15.07 -2.29 27.76
C CYS A 495 15.60 -1.06 27.03
N GLY A 496 15.07 -0.79 25.84
CA GLY A 496 15.54 0.37 25.09
C GLY A 496 15.26 1.67 25.79
N ALA A 497 14.10 1.78 26.45
CA ALA A 497 13.79 2.99 27.20
C ALA A 497 14.77 3.20 28.34
N ALA A 498 15.11 2.12 29.06
CA ALA A 498 16.08 2.23 30.15
C ALA A 498 17.44 2.64 29.61
N PHE A 499 17.87 2.06 28.50
CA PHE A 499 19.16 2.45 27.92
C PHE A 499 19.16 3.92 27.50
N GLY A 500 18.07 4.37 26.88
CA GLY A 500 18.00 5.77 26.48
C GLY A 500 18.01 6.72 27.67
N ARG A 501 17.29 6.36 28.74
CA ARG A 501 17.31 7.19 29.93
C ARG A 501 18.70 7.23 30.55
N LEU A 502 19.40 6.10 30.55
CA LEU A 502 20.77 6.09 31.05
C LEU A 502 21.68 6.98 30.22
N VAL A 503 21.53 6.93 28.89
CA VAL A 503 22.33 7.78 28.02
C VAL A 503 22.02 9.25 28.28
N ALA A 504 20.74 9.59 28.45
CA ALA A 504 20.38 10.97 28.74
C ALA A 504 20.96 11.43 30.07
N ASN A 505 20.92 10.57 31.08
CA ASN A 505 21.48 10.94 32.38
C ASN A 505 22.99 11.15 32.29
N VAL A 506 23.67 10.31 31.52
CA VAL A 506 25.11 10.49 31.32
C VAL A 506 25.39 11.81 30.60
N LEU A 507 24.61 12.10 29.56
CA LEU A 507 24.87 13.29 28.76
C LEU A 507 24.56 14.57 29.55
N LYS A 508 23.62 14.49 30.49
CA LYS A 508 23.26 15.68 31.26
C LYS A 508 24.43 16.18 32.10
N SER A 509 25.20 15.24 32.67
CA SER A 509 26.32 15.63 33.53
C SER A 509 27.42 16.33 32.74
N TYR A 510 27.81 15.76 31.59
CA TYR A 510 28.95 16.30 30.85
C TYR A 510 28.61 17.61 30.17
N ILE A 511 27.44 17.69 29.51
CA ILE A 511 27.07 18.90 28.77
C ILE A 511 25.64 19.28 29.14
N GLY A 512 25.31 20.55 28.92
CA GLY A 512 23.96 21.04 29.16
C GLY A 512 22.96 20.46 28.17
N LEU A 513 21.85 19.92 28.70
CA LEU A 513 20.81 19.34 27.87
C LEU A 513 19.49 20.08 28.01
N GLY A 514 19.53 21.33 28.50
CA GLY A 514 18.29 22.05 28.72
C GLY A 514 17.59 22.44 27.44
N HIS A 515 18.32 22.43 26.33
CA HIS A 515 17.74 22.89 25.07
C HIS A 515 16.77 21.88 24.47
N ILE A 516 16.79 20.64 24.96
CA ILE A 516 15.93 19.58 24.42
C ILE A 516 15.25 18.84 25.56
N TYR A 517 14.16 18.15 25.20
CA TYR A 517 13.43 17.34 26.16
C TYR A 517 14.25 16.11 26.54
N SER A 518 13.93 15.55 27.72
CA SER A 518 14.70 14.41 28.22
C SER A 518 14.15 13.08 27.69
N GLY A 519 12.83 12.97 27.57
CA GLY A 519 12.23 11.71 27.17
C GLY A 519 12.49 11.31 25.73
N THR A 520 12.91 12.27 24.90
CA THR A 520 13.20 11.95 23.50
C THR A 520 14.27 10.88 23.40
N PHE A 521 15.28 10.93 24.28
CA PHE A 521 16.33 9.91 24.24
C PHE A 521 15.76 8.54 24.58
N ALA A 522 14.86 8.47 25.56
CA ALA A 522 14.24 7.18 25.88
C ALA A 522 13.43 6.66 24.70
N LEU A 523 12.67 7.53 24.03
CA LEU A 523 11.89 7.09 22.89
C LEU A 523 12.79 6.58 21.77
N ILE A 524 13.89 7.30 21.49
CA ILE A 524 14.78 6.90 20.42
C ILE A 524 15.49 5.59 20.78
N GLY A 525 15.84 5.41 22.05
CA GLY A 525 16.43 4.14 22.46
C GLY A 525 15.47 2.98 22.28
N ALA A 526 14.21 3.17 22.64
CA ALA A 526 13.21 2.12 22.44
C ALA A 526 13.04 1.80 20.97
N ALA A 527 12.97 2.83 20.12
CA ALA A 527 12.83 2.61 18.68
C ALA A 527 14.04 1.86 18.13
N ALA A 528 15.24 2.24 18.56
CA ALA A 528 16.45 1.55 18.11
C ALA A 528 16.47 0.09 18.55
N PHE A 529 16.07 -0.21 19.78
CA PHE A 529 16.06 -1.60 20.21
C PHE A 529 15.02 -2.43 19.45
N LEU A 530 13.84 -1.88 19.19
CA LEU A 530 12.89 -2.61 18.35
C LEU A 530 13.47 -2.84 16.96
N GLY A 531 14.07 -1.82 16.37
CA GLY A 531 14.66 -2.00 15.05
C GLY A 531 15.72 -3.07 15.03
N GLY A 532 16.51 -3.14 16.11
CA GLY A 532 17.52 -4.20 16.20
C GLY A 532 16.91 -5.58 16.34
N VAL A 533 15.85 -5.71 17.14
CA VAL A 533 15.32 -7.03 17.46
C VAL A 533 14.44 -7.56 16.34
N VAL A 534 13.37 -6.83 16.01
CA VAL A 534 12.40 -7.37 15.06
C VAL A 534 12.72 -7.01 13.61
N ARG A 535 13.41 -5.89 13.38
CA ARG A 535 13.83 -5.48 12.04
C ARG A 535 12.64 -5.33 11.10
N MET A 536 11.65 -4.54 11.50
CA MET A 536 10.52 -4.22 10.66
C MET A 536 10.63 -2.79 10.15
N THR A 537 10.01 -2.53 9.00
CA THR A 537 10.03 -1.21 8.38
C THR A 537 8.62 -0.84 7.94
N ILE A 538 8.46 0.43 7.56
CA ILE A 538 7.19 0.97 7.09
C ILE A 538 6.12 0.84 8.16
N SER A 539 5.73 -0.41 8.47
CA SER A 539 4.69 -0.62 9.47
C SER A 539 5.13 -0.16 10.84
N LEU A 540 6.37 -0.50 11.24
CA LEU A 540 6.85 -0.13 12.55
C LEU A 540 6.96 1.38 12.70
N THR A 541 7.44 2.06 11.66
CA THR A 541 7.57 3.51 11.72
C THR A 541 6.22 4.18 11.93
N VAL A 542 5.22 3.75 11.18
CA VAL A 542 3.89 4.35 11.31
C VAL A 542 3.31 4.03 12.68
N ILE A 543 3.49 2.80 13.15
CA ILE A 543 2.96 2.43 14.46
C ILE A 543 3.55 3.32 15.55
N LEU A 544 4.87 3.50 15.52
CA LEU A 544 5.52 4.34 16.52
C LEU A 544 5.07 5.79 16.41
N ILE A 545 4.95 6.31 15.19
CA ILE A 545 4.56 7.71 15.02
C ILE A 545 3.16 7.95 15.56
N GLU A 546 2.22 7.08 15.22
CA GLU A 546 0.85 7.29 15.67
C GLU A 546 0.64 6.90 17.13
N SER A 547 1.55 6.11 17.72
CA SER A 547 1.50 5.92 19.16
C SER A 547 2.02 7.15 19.89
N THR A 548 3.07 7.78 19.35
CA THR A 548 3.65 8.96 19.98
C THR A 548 2.66 10.14 19.99
N ASN A 549 1.78 10.20 19.00
CA ASN A 549 0.81 11.28 18.85
C ASN A 549 1.50 12.62 18.59
N GLU A 550 2.65 12.58 17.92
CA GLU A 550 3.40 13.79 17.56
C GLU A 550 4.06 13.55 16.22
N ILE A 551 3.51 14.15 15.16
CA ILE A 551 4.05 13.95 13.82
C ILE A 551 5.46 14.51 13.69
N THR A 552 5.83 15.48 14.53
CA THR A 552 7.16 16.09 14.43
C THR A 552 8.27 15.12 14.77
N TYR A 553 7.95 13.95 15.34
CA TYR A 553 8.92 12.89 15.55
C TYR A 553 9.08 11.99 14.34
N GLY A 554 8.66 12.45 13.16
CA GLY A 554 8.75 11.61 11.98
C GLY A 554 10.17 11.25 11.59
N LEU A 555 11.07 12.24 11.62
CA LEU A 555 12.43 12.02 11.13
C LEU A 555 13.32 11.30 12.14
N PRO A 556 13.40 11.74 13.40
CA PRO A 556 14.34 11.08 14.32
C PRO A 556 14.08 9.59 14.50
N ILE A 557 12.81 9.18 14.52
CA ILE A 557 12.50 7.76 14.62
C ILE A 557 12.98 7.02 13.39
N MET A 558 12.61 7.50 12.21
CA MET A 558 12.82 6.72 10.99
C MET A 558 14.31 6.54 10.69
N VAL A 559 15.09 7.62 10.80
CA VAL A 559 16.53 7.51 10.57
C VAL A 559 17.20 6.62 11.59
N THR A 560 16.51 6.27 12.67
CA THR A 560 17.00 5.27 13.60
C THR A 560 16.59 3.86 13.21
N LEU A 561 15.38 3.71 12.67
CA LEU A 561 14.95 2.39 12.21
C LEU A 561 15.75 1.91 11.01
N MET A 562 16.06 2.82 10.07
CA MET A 562 16.79 2.40 8.87
C MET A 562 18.28 2.23 9.11
N VAL A 563 18.80 2.69 10.24
CA VAL A 563 20.21 2.45 10.57
C VAL A 563 20.37 1.20 11.40
N ALA A 564 19.59 1.08 12.48
CA ALA A 564 19.65 -0.12 13.31
C ALA A 564 19.37 -1.37 12.50
N LYS A 565 18.52 -1.28 11.49
CA LYS A 565 18.33 -2.41 10.59
C LYS A 565 19.61 -2.70 9.81
N TRP A 566 20.17 -1.68 9.17
CA TRP A 566 21.35 -1.89 8.33
C TRP A 566 22.52 -2.40 9.14
N THR A 567 22.67 -1.92 10.38
CA THR A 567 23.71 -2.45 11.25
C THR A 567 23.45 -3.91 11.59
N GLY A 568 22.20 -4.28 11.83
CA GLY A 568 21.90 -5.63 12.27
C GLY A 568 21.98 -6.67 11.17
N ASP A 569 21.64 -6.29 9.94
CA ASP A 569 21.58 -7.26 8.86
C ASP A 569 22.94 -7.88 8.56
N PHE A 570 24.02 -7.25 9.04
CA PHE A 570 25.34 -7.86 8.89
C PHE A 570 25.43 -9.18 9.64
N PHE A 571 24.83 -9.26 10.82
CA PHE A 571 25.03 -10.42 11.68
C PHE A 571 23.92 -11.45 11.52
N ASN A 572 22.66 -11.06 11.77
CA ASN A 572 21.57 -12.01 11.78
C ASN A 572 20.30 -11.35 11.26
N LYS A 573 19.34 -12.19 10.89
CA LYS A 573 18.02 -11.73 10.49
C LYS A 573 17.20 -11.40 11.73
N GLY A 574 15.91 -11.12 11.54
CA GLY A 574 15.05 -10.79 12.66
C GLY A 574 14.65 -12.01 13.46
N ILE A 575 14.00 -11.75 14.61
CA ILE A 575 13.55 -12.83 15.47
C ILE A 575 12.52 -13.70 14.75
N TYR A 576 11.57 -13.06 14.08
CA TYR A 576 10.52 -13.83 13.42
C TYR A 576 11.08 -14.66 12.27
N ASP A 577 12.01 -14.10 11.50
CA ASP A 577 12.63 -14.87 10.43
C ASP A 577 13.41 -16.06 10.98
N ILE A 578 14.12 -15.87 12.09
CA ILE A 578 14.87 -16.96 12.70
C ILE A 578 13.91 -18.05 13.17
N HIS A 579 12.82 -17.66 13.83
CA HIS A 579 11.92 -18.66 14.40
C HIS A 579 11.03 -19.30 13.34
N VAL A 580 10.91 -18.72 12.16
CA VAL A 580 10.19 -19.39 11.09
C VAL A 580 11.11 -20.24 10.23
N GLY A 581 12.40 -19.89 10.13
CA GLY A 581 13.34 -20.74 9.43
C GLY A 581 13.67 -22.00 10.20
N LEU A 582 13.51 -21.98 11.52
CA LEU A 582 13.75 -23.18 12.31
C LEU A 582 12.66 -24.22 12.07
N ARG A 583 11.43 -23.77 11.83
CA ARG A 583 10.33 -24.69 11.57
C ARG A 583 10.44 -25.36 10.21
N GLY A 584 11.31 -24.86 9.34
CA GLY A 584 11.45 -25.42 8.00
C GLY A 584 10.41 -24.96 7.01
N VAL A 585 9.57 -24.00 7.38
CA VAL A 585 8.52 -23.54 6.47
C VAL A 585 9.15 -22.82 5.28
N PRO A 586 8.74 -23.12 4.04
CA PRO A 586 9.26 -22.36 2.90
C PRO A 586 8.59 -21.00 2.75
N LEU A 587 9.35 -19.92 2.78
CA LEU A 587 8.83 -18.57 2.64
C LEU A 587 9.46 -17.90 1.43
N LEU A 588 8.64 -17.17 0.68
CA LEU A 588 9.14 -16.38 -0.43
C LEU A 588 9.61 -15.01 0.07
N GLU A 589 10.82 -14.63 -0.33
CA GLU A 589 11.37 -13.33 0.04
C GLU A 589 10.72 -12.23 -0.78
N TRP A 590 11.03 -10.98 -0.43
CA TRP A 590 10.40 -9.84 -1.12
C TRP A 590 10.87 -9.74 -2.57
N GLU A 591 12.18 -9.79 -2.80
CA GLU A 591 12.74 -9.57 -4.12
C GLU A 591 13.90 -10.53 -4.35
N THR A 592 14.25 -10.73 -5.61
CA THR A 592 15.34 -11.60 -6.00
C THR A 592 16.52 -10.77 -6.51
N GLU A 593 17.72 -11.28 -6.27
CA GLU A 593 18.92 -10.59 -6.67
C GLU A 593 19.09 -10.63 -8.20
N VAL A 594 19.98 -9.79 -8.70
CA VAL A 594 20.21 -9.72 -10.15
C VAL A 594 20.82 -11.03 -10.66
N GLU A 595 21.68 -11.65 -9.86
CA GLU A 595 22.22 -12.95 -10.24
C GLU A 595 21.10 -13.98 -10.37
N MET A 596 20.08 -13.89 -9.50
CA MET A 596 18.93 -14.76 -9.65
C MET A 596 18.19 -14.46 -10.95
N ASP A 597 18.16 -13.19 -11.36
CA ASP A 597 17.54 -12.84 -12.63
C ASP A 597 18.33 -13.39 -13.81
N LYS A 598 19.63 -13.59 -13.62
CA LYS A 598 20.45 -14.15 -14.70
C LYS A 598 19.98 -15.55 -15.08
N LEU A 599 19.38 -16.26 -14.14
CA LEU A 599 18.82 -17.59 -14.42
C LEU A 599 17.56 -17.47 -15.25
N ARG A 600 17.18 -18.57 -15.88
CA ARG A 600 15.99 -18.66 -16.72
C ARG A 600 14.94 -19.53 -16.04
N ALA A 601 13.76 -19.61 -16.66
CA ALA A 601 12.68 -20.42 -16.09
C ALA A 601 12.85 -21.90 -16.40
N SER A 602 13.59 -22.24 -17.45
CA SER A 602 13.76 -23.64 -17.80
C SER A 602 14.61 -24.40 -16.80
N ASP A 603 15.35 -23.68 -15.95
CA ASP A 603 16.27 -24.34 -15.03
C ASP A 603 15.63 -24.67 -13.70
N ILE A 604 14.49 -24.06 -13.36
CA ILE A 604 13.87 -24.29 -12.06
C ILE A 604 12.61 -25.13 -12.14
N MET A 605 12.06 -25.36 -13.33
CA MET A 605 10.87 -26.16 -13.47
C MET A 605 11.17 -27.64 -13.22
N GLU A 606 10.10 -28.42 -13.01
CA GLU A 606 10.23 -29.85 -12.77
C GLU A 606 9.81 -30.61 -14.02
N PRO A 607 10.73 -31.22 -14.76
CA PRO A 607 10.34 -31.88 -16.02
C PRO A 607 9.37 -33.03 -15.85
N ASN A 608 9.37 -33.70 -14.70
CA ASN A 608 8.47 -34.82 -14.51
C ASN A 608 7.06 -34.33 -14.17
N LEU A 609 6.05 -34.99 -14.74
CA LEU A 609 4.66 -34.56 -14.61
C LEU A 609 3.75 -35.73 -14.30
N THR A 610 2.65 -35.43 -13.63
CA THR A 610 1.52 -36.33 -13.49
C THR A 610 0.31 -35.69 -14.17
N TYR A 611 -0.29 -36.41 -15.11
CA TYR A 611 -1.28 -35.82 -16.00
C TYR A 611 -2.58 -36.60 -15.95
N VAL A 612 -3.65 -35.91 -16.35
CA VAL A 612 -5.00 -36.49 -16.40
C VAL A 612 -5.59 -36.16 -17.75
N TYR A 613 -5.95 -37.19 -18.51
CA TYR A 613 -6.65 -36.97 -19.76
C TYR A 613 -8.10 -36.55 -19.48
N PRO A 614 -8.68 -35.70 -20.32
CA PRO A 614 -10.13 -35.52 -20.28
C PRO A 614 -10.82 -36.81 -20.68
N HIS A 615 -11.98 -37.07 -20.07
CA HIS A 615 -12.71 -38.32 -20.25
C HIS A 615 -11.80 -39.51 -19.92
N THR A 616 -11.39 -39.58 -18.66
CA THR A 616 -10.41 -40.55 -18.21
C THR A 616 -11.08 -41.70 -17.46
N ARG A 617 -10.30 -42.77 -17.27
CA ARG A 617 -10.78 -43.96 -16.57
C ARG A 617 -10.77 -43.72 -15.06
N ILE A 618 -11.81 -44.22 -14.39
CA ILE A 618 -11.90 -44.04 -12.94
C ILE A 618 -10.80 -44.81 -12.23
N GLN A 619 -10.41 -45.98 -12.77
CA GLN A 619 -9.33 -46.75 -12.16
C GLN A 619 -8.03 -45.97 -12.19
N SER A 620 -7.72 -45.33 -13.32
CA SER A 620 -6.53 -44.49 -13.39
C SER A 620 -6.61 -43.34 -12.40
N LEU A 621 -7.79 -42.74 -12.26
CA LEU A 621 -7.97 -41.65 -11.31
C LEU A 621 -7.64 -42.10 -9.89
N VAL A 622 -8.24 -43.21 -9.45
CA VAL A 622 -8.03 -43.65 -8.08
C VAL A 622 -6.57 -44.07 -7.88
N SER A 623 -5.97 -44.69 -8.90
CA SER A 623 -4.58 -45.10 -8.78
C SER A 623 -3.66 -43.90 -8.62
N ILE A 624 -3.85 -42.86 -9.42
CA ILE A 624 -2.96 -41.71 -9.32
C ILE A 624 -3.23 -40.89 -8.06
N LEU A 625 -4.48 -40.83 -7.60
CA LEU A 625 -4.75 -40.15 -6.33
C LEU A 625 -4.11 -40.88 -5.16
N ARG A 626 -4.15 -42.22 -5.15
CA ARG A 626 -3.55 -42.94 -4.03
C ARG A 626 -2.04 -42.92 -4.10
N THR A 627 -1.46 -43.10 -5.28
CA THR A 627 -0.01 -43.24 -5.38
C THR A 627 0.71 -41.91 -5.17
N THR A 628 0.21 -40.84 -5.76
CA THR A 628 0.89 -39.55 -5.78
C THR A 628 0.41 -38.65 -4.65
N VAL A 629 1.19 -37.60 -4.38
CA VAL A 629 0.90 -36.65 -3.32
C VAL A 629 0.61 -35.25 -3.86
N HIS A 630 0.80 -35.03 -5.16
CA HIS A 630 0.59 -33.69 -5.73
C HIS A 630 -0.85 -33.25 -5.56
N HIS A 631 -1.04 -31.95 -5.33
CA HIS A 631 -2.38 -31.41 -5.08
C HIS A 631 -3.09 -30.94 -6.34
N ALA A 632 -2.40 -30.84 -7.48
CA ALA A 632 -3.02 -30.42 -8.72
C ALA A 632 -2.45 -31.22 -9.88
N PHE A 633 -3.28 -31.42 -10.91
CA PHE A 633 -2.90 -32.20 -12.07
C PHE A 633 -3.20 -31.41 -13.34
N PRO A 634 -2.24 -31.27 -14.25
CA PRO A 634 -2.54 -30.60 -15.53
C PRO A 634 -3.31 -31.53 -16.45
N VAL A 635 -4.55 -31.13 -16.74
CA VAL A 635 -5.39 -31.86 -17.70
C VAL A 635 -4.84 -31.56 -19.09
N VAL A 636 -4.34 -32.60 -19.75
CA VAL A 636 -3.66 -32.47 -21.04
C VAL A 636 -4.15 -33.56 -21.97
N THR A 637 -3.75 -33.48 -23.23
CA THR A 637 -4.11 -34.43 -24.26
C THR A 637 -2.86 -34.85 -25.02
N GLU A 638 -2.83 -36.11 -25.46
CA GLU A 638 -1.69 -36.60 -26.22
C GLU A 638 -1.57 -35.84 -27.54
N ASN A 639 -0.34 -35.52 -27.92
CA ASN A 639 -0.12 -34.71 -29.12
C ASN A 639 0.12 -35.58 -30.35
N ARG A 640 0.74 -36.73 -30.18
CA ARG A 640 1.04 -37.62 -31.30
C ARG A 640 -0.16 -38.47 -31.67
N GLY A 649 -9.70 -47.40 -24.01
CA GLY A 649 -10.93 -47.69 -24.71
C GLY A 649 -11.11 -46.90 -25.99
N ASN A 650 -11.81 -47.49 -26.95
CA ASN A 650 -12.06 -46.79 -28.22
C ASN A 650 -12.92 -45.55 -28.01
N GLN A 651 -13.95 -45.66 -27.18
CA GLN A 651 -14.79 -44.50 -26.89
C GLN A 651 -14.00 -43.40 -26.18
N LEU A 652 -13.12 -43.78 -25.27
CA LEU A 652 -12.27 -42.81 -24.59
C LEU A 652 -11.43 -42.03 -25.60
N ILE A 653 -10.76 -42.74 -26.50
CA ILE A 653 -9.89 -42.08 -27.49
C ILE A 653 -10.72 -41.21 -28.42
N SER A 654 -11.87 -41.72 -28.87
CA SER A 654 -12.72 -40.95 -29.76
C SER A 654 -13.17 -39.65 -29.11
N ASN A 655 -13.59 -39.73 -27.84
CA ASN A 655 -14.01 -38.53 -27.12
C ASN A 655 -12.85 -37.56 -26.94
N ASN A 656 -11.65 -38.08 -26.67
CA ASN A 656 -10.50 -37.20 -26.53
C ASN A 656 -10.21 -36.45 -27.82
N ILE A 657 -10.26 -37.15 -28.96
CA ILE A 657 -10.01 -36.50 -30.24
C ILE A 657 -11.09 -35.47 -30.55
N LYS A 658 -12.35 -35.82 -30.25
CA LYS A 658 -13.43 -34.86 -30.47
C LYS A 658 -13.24 -33.60 -29.64
N PHE A 659 -12.84 -33.77 -28.37
CA PHE A 659 -12.58 -32.60 -27.53
C PHE A 659 -11.40 -31.79 -28.06
N LYS A 660 -10.37 -32.48 -28.55
CA LYS A 660 -9.20 -31.75 -29.06
C LYS A 660 -9.57 -30.90 -30.26
N LYS A 661 -10.37 -31.44 -31.18
CA LYS A 661 -10.86 -30.61 -32.28
C LYS A 661 -11.86 -29.55 -31.86
N SER A 662 -12.68 -29.80 -30.83
CA SER A 662 -13.68 -28.80 -30.44
C SER A 662 -13.06 -27.64 -29.68
N SER A 663 -11.96 -27.88 -28.96
CA SER A 663 -11.43 -26.86 -28.05
C SER A 663 -10.67 -25.77 -28.80
N ILE A 664 -9.99 -26.11 -29.89
CA ILE A 664 -9.12 -25.15 -30.56
C ILE A 664 -9.95 -24.06 -31.22
N LEU A 665 -9.48 -22.81 -31.10
CA LEU A 665 -10.14 -21.65 -31.70
C LEU A 665 -9.10 -20.91 -32.52
N THR A 666 -9.32 -20.85 -33.84
CA THR A 666 -8.41 -20.18 -34.74
C THR A 666 -8.84 -18.74 -34.97
N ARG A 667 -7.88 -17.89 -35.33
CA ARG A 667 -8.18 -16.47 -35.54
C ARG A 667 -9.14 -16.27 -36.71
N ALA A 668 -8.98 -17.07 -37.77
CA ALA A 668 -9.92 -17.01 -38.88
C ALA A 668 -11.32 -17.38 -38.42
N GLY A 669 -11.44 -18.40 -37.58
CA GLY A 669 -12.73 -18.77 -37.06
C GLY A 669 -13.36 -17.69 -36.21
N GLU A 670 -12.56 -17.03 -35.37
CA GLU A 670 -13.10 -15.96 -34.54
C GLU A 670 -13.54 -14.77 -35.39
N GLN A 671 -12.75 -14.42 -36.41
CA GLN A 671 -13.15 -13.34 -37.31
C GLN A 671 -14.44 -13.67 -38.04
N ARG A 672 -14.56 -14.93 -38.50
CA ARG A 672 -15.80 -15.36 -39.16
C ARG A 672 -16.98 -15.29 -38.20
N LYS A 673 -16.78 -15.70 -36.94
CA LYS A 673 -17.85 -15.64 -35.96
C LYS A 673 -18.29 -14.21 -35.71
N ARG A 674 -17.33 -13.28 -35.61
CA ARG A 674 -17.69 -11.88 -35.42
C ARG A 674 -18.43 -11.33 -36.65
N SER A 675 -17.97 -11.68 -37.85
CA SER A 675 -18.62 -11.17 -39.06
C SER A 675 -20.03 -11.70 -39.20
N GLN A 676 -20.24 -12.99 -38.91
CA GLN A 676 -21.58 -13.56 -39.01
C GLN A 676 -22.52 -12.93 -37.98
N SER A 677 -22.03 -12.73 -36.75
CA SER A 677 -22.81 -12.18 -35.65
C SER A 677 -24.10 -12.97 -35.42
N THR A 731 10.51 -46.88 -22.65
CA THR A 731 11.78 -46.16 -22.53
C THR A 731 11.54 -44.74 -22.07
N MET A 732 12.59 -43.91 -22.14
CA MET A 732 12.47 -42.52 -21.71
C MET A 732 11.60 -41.71 -22.66
N GLU A 733 11.64 -42.03 -23.96
CA GLU A 733 10.79 -41.32 -24.92
C GLU A 733 9.32 -41.54 -24.62
N GLU A 734 8.95 -42.77 -24.25
CA GLU A 734 7.59 -43.02 -23.81
C GLU A 734 7.29 -42.25 -22.53
N ARG A 735 8.26 -42.19 -21.61
CA ARG A 735 8.05 -41.47 -20.36
C ARG A 735 7.85 -39.96 -20.61
N PHE A 736 8.65 -39.39 -21.51
CA PHE A 736 8.59 -37.96 -21.80
C PHE A 736 7.99 -37.79 -23.19
N ARG A 737 6.69 -37.55 -23.24
CA ARG A 737 5.91 -37.50 -24.46
C ARG A 737 5.32 -36.12 -24.68
N PRO A 738 5.22 -35.67 -25.93
CA PRO A 738 4.59 -34.36 -26.19
C PRO A 738 3.13 -34.35 -25.80
N LEU A 739 2.74 -33.37 -24.98
CA LEU A 739 1.38 -33.23 -24.48
C LEU A 739 0.93 -31.80 -24.67
N THR A 740 -0.33 -31.61 -25.07
CA THR A 740 -0.88 -30.27 -25.23
C THR A 740 -1.64 -29.87 -23.97
N PHE A 741 -1.28 -28.72 -23.43
CA PHE A 741 -1.86 -28.26 -22.17
C PHE A 741 -3.29 -27.78 -22.40
N HIS A 742 -4.22 -28.24 -21.57
CA HIS A 742 -5.61 -27.84 -21.66
C HIS A 742 -6.15 -27.19 -20.40
N GLY A 743 -5.68 -27.57 -19.23
CA GLY A 743 -6.15 -26.92 -18.02
C GLY A 743 -5.49 -27.49 -16.79
N LEU A 744 -5.99 -27.07 -15.62
CA LEU A 744 -5.53 -27.57 -14.34
C LEU A 744 -6.73 -28.02 -13.52
N ILE A 745 -6.58 -29.15 -12.83
CA ILE A 745 -7.64 -29.68 -11.96
C ILE A 745 -7.06 -29.95 -10.58
N LEU A 746 -7.80 -29.54 -9.56
CA LEU A 746 -7.35 -29.71 -8.18
C LEU A 746 -7.75 -31.09 -7.66
N ARG A 747 -6.97 -31.57 -6.69
CA ARG A 747 -7.27 -32.88 -6.12
C ARG A 747 -8.62 -32.88 -5.42
N SER A 748 -8.98 -31.76 -4.77
CA SER A 748 -10.23 -31.70 -4.03
C SER A 748 -11.43 -31.92 -4.95
N GLN A 749 -11.42 -31.30 -6.13
CA GLN A 749 -12.53 -31.49 -7.06
C GLN A 749 -12.61 -32.93 -7.54
N LEU A 750 -11.45 -33.56 -7.79
CA LEU A 750 -11.45 -34.97 -8.19
C LEU A 750 -12.02 -35.85 -7.09
N VAL A 751 -11.65 -35.60 -5.84
CA VAL A 751 -12.18 -36.38 -4.73
C VAL A 751 -13.69 -36.18 -4.63
N THR A 752 -14.15 -34.94 -4.78
CA THR A 752 -15.59 -34.68 -4.73
C THR A 752 -16.31 -35.41 -5.84
N LEU A 753 -15.74 -35.42 -7.05
CA LEU A 753 -16.37 -36.14 -8.15
C LEU A 753 -16.42 -37.64 -7.87
N LEU A 754 -15.36 -38.19 -7.31
CA LEU A 754 -15.34 -39.62 -6.98
C LEU A 754 -16.37 -39.95 -5.92
N VAL A 755 -16.53 -39.07 -4.92
CA VAL A 755 -17.49 -39.33 -3.85
C VAL A 755 -18.90 -39.45 -4.42
N ARG A 756 -19.28 -38.52 -5.28
CA ARG A 756 -20.59 -38.58 -5.91
C ARG A 756 -20.53 -39.51 -7.12
N GLY A 757 -21.71 -39.79 -7.68
CA GLY A 757 -21.79 -40.64 -8.85
C GLY A 757 -21.58 -39.89 -10.14
N VAL A 758 -20.36 -39.42 -10.37
CA VAL A 758 -20.05 -38.59 -11.53
C VAL A 758 -19.28 -39.47 -12.51
N CYS A 759 -19.99 -40.07 -13.45
CA CYS A 759 -19.40 -40.95 -14.44
C CYS A 759 -20.46 -41.34 -15.46
N TYR A 760 -20.01 -41.83 -16.61
CA TYR A 760 -20.92 -42.35 -17.62
C TYR A 760 -20.30 -43.58 -18.27
N SER A 761 -21.17 -44.49 -18.71
CA SER A 761 -20.71 -45.73 -19.33
C SER A 761 -20.08 -45.44 -20.69
N GLU A 762 -19.24 -46.38 -21.13
CA GLU A 762 -18.58 -46.21 -22.42
C GLU A 762 -19.59 -46.18 -23.57
N SER A 763 -20.61 -47.04 -23.52
CA SER A 763 -21.63 -47.05 -24.56
C SER A 763 -22.42 -45.74 -24.57
N GLN A 764 -22.75 -45.22 -23.39
CA GLN A 764 -23.47 -43.96 -23.32
C GLN A 764 -22.56 -42.79 -23.66
N SER A 765 -23.12 -41.78 -24.30
CA SER A 765 -22.36 -40.60 -24.65
C SER A 765 -22.07 -39.75 -23.42
N SER A 766 -21.17 -38.79 -23.58
CA SER A 766 -20.78 -37.91 -22.49
C SER A 766 -21.82 -36.85 -22.18
N ALA A 767 -22.89 -36.75 -22.98
CA ALA A 767 -23.90 -35.72 -22.75
C ALA A 767 -24.59 -35.92 -21.41
N SER A 768 -24.90 -37.16 -21.06
CA SER A 768 -25.55 -37.44 -19.79
C SER A 768 -24.54 -37.33 -18.65
N GLN A 769 -24.89 -36.56 -17.63
CA GLN A 769 -24.02 -36.32 -16.49
C GLN A 769 -24.85 -35.72 -15.38
N PRO A 770 -24.53 -36.02 -14.11
CA PRO A 770 -25.28 -35.39 -13.01
C PRO A 770 -25.21 -33.87 -13.03
N ARG A 771 -24.08 -33.29 -13.43
CA ARG A 771 -23.93 -31.85 -13.57
C ARG A 771 -24.19 -31.13 -12.24
N LEU A 772 -23.29 -31.39 -11.29
CA LEU A 772 -23.42 -30.82 -9.96
C LEU A 772 -23.39 -29.30 -10.01
N SER A 773 -24.10 -28.68 -9.06
CA SER A 773 -24.14 -27.23 -8.98
C SER A 773 -23.07 -26.71 -8.02
N TYR A 774 -22.98 -25.38 -7.94
CA TYR A 774 -21.99 -24.74 -7.08
C TYR A 774 -22.22 -25.07 -5.62
N ALA A 775 -23.48 -25.06 -5.18
CA ALA A 775 -23.77 -25.33 -3.77
C ALA A 775 -23.36 -26.74 -3.37
N GLU A 776 -23.60 -27.71 -4.25
CA GLU A 776 -23.23 -29.09 -3.93
C GLU A 776 -21.72 -29.23 -3.78
N MET A 777 -20.95 -28.58 -4.65
CA MET A 777 -19.50 -28.62 -4.52
C MET A 777 -19.04 -27.91 -3.25
N ALA A 778 -19.65 -26.78 -2.92
CA ALA A 778 -19.21 -26.01 -1.76
C ALA A 778 -19.67 -26.64 -0.45
N GLU A 779 -20.64 -27.57 -0.51
CA GLU A 779 -21.13 -28.21 0.71
C GLU A 779 -20.00 -28.90 1.47
N ASP A 780 -19.04 -29.46 0.76
CA ASP A 780 -17.91 -30.15 1.38
C ASP A 780 -16.68 -29.28 1.51
N TYR A 781 -16.80 -27.97 1.29
CA TYR A 781 -15.60 -27.11 1.29
C TYR A 781 -14.82 -27.11 2.59
N PRO A 782 -15.41 -26.91 3.78
CA PRO A 782 -14.58 -26.75 4.97
C PRO A 782 -13.67 -27.95 5.26
N ARG A 783 -14.15 -29.16 5.03
CA ARG A 783 -13.38 -30.37 5.29
C ARG A 783 -13.44 -31.27 4.07
N TYR A 784 -12.27 -31.55 3.48
CA TYR A 784 -12.17 -32.37 2.28
C TYR A 784 -11.80 -33.79 2.64
N PRO A 785 -12.65 -34.77 2.33
CA PRO A 785 -12.35 -36.16 2.70
C PRO A 785 -11.09 -36.66 2.02
N ASP A 786 -10.34 -37.51 2.74
CA ASP A 786 -9.16 -38.12 2.17
C ASP A 786 -9.54 -39.31 1.29
N ILE A 787 -8.67 -39.60 0.31
CA ILE A 787 -8.93 -40.72 -0.58
C ILE A 787 -8.84 -42.04 0.17
N HIS A 788 -7.88 -42.16 1.10
CA HIS A 788 -7.78 -43.39 1.88
C HIS A 788 -8.95 -43.53 2.85
N ASP A 789 -9.54 -42.40 3.27
CA ASP A 789 -10.71 -42.45 4.12
C ASP A 789 -11.88 -43.11 3.40
N LEU A 790 -12.03 -42.82 2.11
CA LEU A 790 -13.16 -43.36 1.34
C LEU A 790 -13.05 -44.87 1.22
N ASP A 791 -14.21 -45.54 1.30
CA ASP A 791 -14.24 -46.99 1.19
C ASP A 791 -13.86 -47.45 -0.22
N LEU A 792 -14.34 -46.75 -1.24
CA LEU A 792 -14.05 -46.97 -2.66
C LEU A 792 -14.60 -48.29 -3.18
N THR A 793 -15.36 -49.05 -2.38
CA THR A 793 -15.92 -50.31 -2.87
C THR A 793 -17.04 -50.06 -3.85
N LEU A 794 -17.82 -49.00 -3.66
CA LEU A 794 -18.96 -48.72 -4.52
C LEU A 794 -18.51 -48.37 -5.94
N LEU A 795 -17.37 -47.69 -6.06
CA LEU A 795 -16.91 -47.23 -7.37
C LEU A 795 -16.65 -48.40 -8.30
N ASN A 796 -17.15 -48.31 -9.52
CA ASN A 796 -17.00 -49.36 -10.52
C ASN A 796 -15.88 -49.02 -11.47
N PRO A 797 -14.84 -49.83 -11.55
CA PRO A 797 -13.72 -49.53 -12.45
C PRO A 797 -14.15 -49.59 -13.92
N ARG A 798 -13.21 -49.23 -14.79
CA ARG A 798 -13.44 -49.15 -16.23
C ARG A 798 -14.64 -48.26 -16.55
N MET A 799 -14.73 -47.14 -15.86
CA MET A 799 -15.83 -46.20 -16.02
C MET A 799 -15.25 -44.82 -16.31
N ILE A 800 -15.78 -44.16 -17.33
CA ILE A 800 -15.20 -42.91 -17.80
C ILE A 800 -15.77 -41.75 -16.97
N VAL A 801 -14.88 -40.87 -16.52
CA VAL A 801 -15.24 -39.67 -15.77
C VAL A 801 -14.82 -38.45 -16.58
N ASP A 802 -15.75 -37.52 -16.77
CA ASP A 802 -15.48 -36.30 -17.51
C ASP A 802 -15.10 -35.19 -16.54
N VAL A 803 -13.92 -34.60 -16.74
CA VAL A 803 -13.42 -33.52 -15.89
C VAL A 803 -13.32 -32.20 -16.64
N THR A 804 -13.74 -32.17 -17.90
CA THR A 804 -13.66 -30.92 -18.66
C THR A 804 -14.48 -29.79 -18.05
N PRO A 805 -15.76 -29.99 -17.68
CA PRO A 805 -16.51 -28.85 -17.11
C PRO A 805 -15.92 -28.29 -15.83
N TYR A 806 -15.36 -29.13 -14.97
CA TYR A 806 -14.98 -28.72 -13.63
C TYR A 806 -13.52 -28.28 -13.50
N MET A 807 -12.77 -28.27 -14.59
CA MET A 807 -11.38 -27.84 -14.55
C MET A 807 -11.30 -26.32 -14.73
N ASN A 808 -10.09 -25.80 -14.48
CA ASN A 808 -9.81 -24.38 -14.68
C ASN A 808 -9.21 -24.17 -16.06
N PRO A 809 -10.00 -23.77 -17.04
CA PRO A 809 -9.50 -23.76 -18.43
C PRO A 809 -8.33 -22.82 -18.68
N SER A 810 -8.24 -21.71 -17.96
CA SER A 810 -7.28 -20.65 -18.29
C SER A 810 -6.49 -20.22 -17.06
N PRO A 811 -5.53 -21.03 -16.62
CA PRO A 811 -4.59 -20.58 -15.60
C PRO A 811 -3.52 -19.70 -16.21
N PHE A 812 -2.83 -18.96 -15.35
CA PHE A 812 -1.73 -18.12 -15.81
C PHE A 812 -0.55 -19.01 -16.21
N THR A 813 -0.05 -18.82 -17.42
CA THR A 813 1.06 -19.60 -17.94
C THR A 813 2.22 -18.68 -18.28
N VAL A 814 3.38 -19.26 -18.53
CA VAL A 814 4.58 -18.48 -18.85
C VAL A 814 5.48 -19.29 -19.77
N SER A 815 6.16 -18.61 -20.67
CA SER A 815 7.02 -19.27 -21.63
C SER A 815 8.33 -19.70 -20.97
N PRO A 816 8.92 -20.81 -21.43
CA PRO A 816 10.18 -21.27 -20.82
C PRO A 816 11.33 -20.30 -20.98
N ASN A 817 11.27 -19.39 -21.96
CA ASN A 817 12.36 -18.45 -22.17
C ASN A 817 12.33 -17.25 -21.23
N THR A 818 11.30 -17.13 -20.39
CA THR A 818 11.21 -16.00 -19.49
C THR A 818 12.27 -16.11 -18.40
N HIS A 819 12.50 -14.98 -17.72
CA HIS A 819 13.51 -14.93 -16.68
C HIS A 819 12.86 -15.10 -15.31
N VAL A 820 13.72 -15.29 -14.30
CA VAL A 820 13.24 -15.67 -12.97
C VAL A 820 12.48 -14.52 -12.31
N SER A 821 12.88 -13.27 -12.55
CA SER A 821 12.24 -12.16 -11.87
C SER A 821 10.75 -12.05 -12.23
N GLN A 822 10.42 -12.21 -13.51
CA GLN A 822 9.02 -12.16 -13.93
C GLN A 822 8.21 -13.28 -13.29
N VAL A 823 8.77 -14.49 -13.28
CA VAL A 823 8.09 -15.62 -12.67
C VAL A 823 7.84 -15.37 -11.19
N PHE A 824 8.86 -14.87 -10.49
CA PHE A 824 8.70 -14.60 -9.08
C PHE A 824 7.66 -13.52 -8.84
N ASN A 825 7.67 -12.46 -9.64
CA ASN A 825 6.69 -11.39 -9.49
C ASN A 825 5.27 -11.93 -9.67
N LEU A 826 5.04 -12.70 -10.73
CA LEU A 826 3.72 -13.28 -10.92
C LEU A 826 3.33 -14.17 -9.75
N PHE A 827 4.19 -15.13 -9.43
CA PHE A 827 3.82 -16.17 -8.48
C PHE A 827 3.64 -15.60 -7.08
N ARG A 828 4.30 -14.49 -6.78
CA ARG A 828 4.09 -13.82 -5.50
C ARG A 828 2.86 -12.91 -5.53
N THR A 829 2.89 -11.86 -6.35
CA THR A 829 1.85 -10.83 -6.27
C THR A 829 0.48 -11.40 -6.62
N MET A 830 0.39 -12.23 -7.66
CA MET A 830 -0.91 -12.80 -7.97
C MET A 830 -1.33 -13.85 -6.94
N GLY A 831 -0.43 -14.28 -6.07
CA GLY A 831 -0.77 -15.23 -5.03
C GLY A 831 -1.18 -16.59 -5.52
N LEU A 832 -0.91 -16.92 -6.78
CA LEU A 832 -1.39 -18.18 -7.35
C LEU A 832 -0.51 -19.34 -6.89
N ARG A 833 -0.74 -20.50 -7.50
CA ARG A 833 -0.12 -21.75 -7.10
C ARG A 833 -0.05 -22.64 -8.34
N HIS A 834 1.01 -23.42 -8.45
CA HIS A 834 1.20 -24.36 -9.56
C HIS A 834 1.19 -23.63 -10.90
N LEU A 835 2.22 -22.83 -11.10
CA LEU A 835 2.36 -22.06 -12.34
C LEU A 835 2.89 -22.95 -13.45
N PRO A 836 2.13 -23.20 -14.52
CA PRO A 836 2.61 -24.08 -15.58
C PRO A 836 3.45 -23.34 -16.61
N VAL A 837 4.42 -24.06 -17.18
CA VAL A 837 5.33 -23.56 -18.19
C VAL A 837 5.10 -24.35 -19.46
N VAL A 838 4.71 -23.65 -20.53
CA VAL A 838 4.35 -24.25 -21.81
C VAL A 838 5.13 -23.54 -22.91
N ASN A 839 5.59 -24.31 -23.90
CA ASN A 839 6.45 -23.77 -24.94
C ASN A 839 5.63 -23.15 -26.07
N ALA A 840 6.30 -22.87 -27.19
CA ALA A 840 5.66 -22.13 -28.27
C ALA A 840 4.64 -22.98 -29.02
N VAL A 841 4.88 -24.29 -29.13
CA VAL A 841 4.01 -25.15 -29.93
C VAL A 841 2.85 -25.63 -29.08
N GLY A 842 2.70 -25.07 -27.88
CA GLY A 842 1.63 -25.47 -27.00
C GLY A 842 1.91 -26.67 -26.14
N GLU A 843 3.07 -27.29 -26.31
CA GLU A 843 3.46 -28.43 -25.49
C GLU A 843 3.71 -27.97 -24.06
N ILE A 844 3.14 -28.69 -23.10
CA ILE A 844 3.40 -28.39 -21.69
C ILE A 844 4.75 -28.97 -21.30
N VAL A 845 5.61 -28.14 -20.74
CA VAL A 845 6.98 -28.54 -20.44
C VAL A 845 7.25 -28.66 -18.95
N GLY A 846 6.56 -27.90 -18.10
CA GLY A 846 6.85 -28.05 -16.68
C GLY A 846 5.83 -27.39 -15.79
N ILE A 847 6.02 -27.59 -14.48
CA ILE A 847 5.21 -26.99 -13.44
C ILE A 847 6.14 -26.37 -12.42
N ILE A 848 5.78 -25.19 -11.93
CA ILE A 848 6.56 -24.48 -10.91
C ILE A 848 5.71 -24.37 -9.65
N THR A 849 6.29 -24.76 -8.51
CA THR A 849 5.64 -24.74 -7.22
C THR A 849 6.50 -23.91 -6.26
N ARG A 850 5.90 -23.49 -5.15
CA ARG A 850 6.60 -22.64 -4.20
C ARG A 850 7.92 -23.26 -3.73
N HIS A 851 7.99 -24.59 -3.67
CA HIS A 851 9.23 -25.25 -3.31
C HIS A 851 10.37 -24.93 -4.29
N ASN A 852 10.04 -24.55 -5.51
CA ASN A 852 11.07 -24.26 -6.50
C ASN A 852 11.57 -22.82 -6.42
N LEU A 853 10.89 -21.96 -5.66
CA LEU A 853 11.21 -20.55 -5.61
C LEU A 853 11.75 -20.09 -4.27
N THR A 854 12.04 -21.03 -3.36
CA THR A 854 12.66 -20.64 -2.10
C THR A 854 14.10 -20.19 -2.35
N TYR A 855 14.64 -19.46 -1.37
CA TYR A 855 15.99 -18.90 -1.55
C TYR A 855 17.03 -20.00 -1.66
N GLU A 856 16.91 -21.07 -0.86
CA GLU A 856 17.91 -22.12 -0.88
C GLU A 856 17.95 -22.82 -2.24
N PHE A 857 16.79 -23.13 -2.81
CA PHE A 857 16.75 -23.80 -4.10
C PHE A 857 17.35 -22.93 -5.19
N LEU A 858 17.02 -21.64 -5.19
CA LEU A 858 17.56 -20.74 -6.21
C LEU A 858 19.07 -20.60 -6.07
N GLN A 859 19.57 -20.50 -4.83
CA GLN A 859 21.01 -20.41 -4.62
C GLN A 859 21.71 -21.68 -5.09
N ALA A 860 21.15 -22.84 -4.78
CA ALA A 860 21.75 -24.10 -5.22
C ALA A 860 21.76 -24.20 -6.74
N ARG A 861 20.67 -23.82 -7.39
CA ARG A 861 20.62 -23.91 -8.85
C ARG A 861 21.58 -22.92 -9.48
N LEU A 862 21.74 -21.73 -8.90
CA LEU A 862 22.71 -20.77 -9.42
C LEU A 862 24.13 -21.28 -9.28
N ARG A 863 24.45 -21.90 -8.14
CA ARG A 863 25.77 -22.49 -7.96
C ARG A 863 26.01 -23.60 -8.97
N GLN A 864 25.00 -24.43 -9.21
CA GLN A 864 25.11 -25.47 -10.22
C GLN A 864 25.33 -24.88 -11.61
N HIS A 865 24.63 -23.79 -11.91
CA HIS A 865 24.79 -23.15 -13.21
C HIS A 865 26.20 -22.61 -13.41
N TYR A 866 26.76 -21.98 -12.37
CA TYR A 866 28.16 -21.58 -12.46
C TYR A 866 29.08 -22.78 -12.61
N GLN A 867 28.77 -23.89 -11.92
CA GLN A 867 29.61 -25.08 -12.02
C GLN A 867 29.59 -25.65 -13.43
N THR A 868 28.45 -25.59 -14.11
CA THR A 868 28.35 -26.13 -15.45
C THR A 868 29.28 -25.40 -16.42
N ILE A 869 29.33 -24.07 -16.33
CA ILE A 869 30.21 -23.29 -17.20
C ILE A 869 31.32 -22.66 -16.37
N LYS B 46 -7.76 12.58 -30.24
CA LYS B 46 -6.31 12.62 -30.15
C LYS B 46 -5.74 11.24 -29.85
N ASP B 47 -4.45 11.06 -30.11
CA ASP B 47 -3.73 9.83 -29.81
C ASP B 47 -2.55 10.13 -28.91
N TYR B 48 -2.34 9.27 -27.92
CA TYR B 48 -1.29 9.46 -26.93
C TYR B 48 -0.44 8.21 -26.83
N GLU B 49 0.83 8.41 -26.47
CA GLU B 49 1.79 7.31 -26.35
C GLU B 49 1.90 6.91 -24.89
N SER B 50 1.68 5.63 -24.61
CA SER B 50 1.74 5.13 -23.24
C SER B 50 3.18 4.87 -22.83
N LEU B 51 3.39 4.79 -21.52
CA LEU B 51 4.70 4.46 -20.97
C LEU B 51 5.02 2.99 -21.17
N ASP B 52 6.30 2.70 -21.39
CA ASP B 52 6.76 1.32 -21.54
C ASP B 52 7.30 0.80 -20.21
N TYR B 53 6.37 0.60 -19.27
CA TYR B 53 6.78 0.20 -17.93
C TYR B 53 7.29 -1.23 -17.88
N ASP B 54 6.76 -2.12 -18.73
CA ASP B 54 7.19 -3.50 -18.70
C ASP B 54 8.66 -3.63 -19.11
N ARG B 55 9.40 -4.43 -18.37
CA ARG B 55 10.83 -4.59 -18.63
C ARG B 55 11.07 -5.37 -19.90
N CYS B 56 12.08 -4.97 -20.66
CA CYS B 56 12.49 -5.64 -21.88
C CYS B 56 13.89 -6.20 -21.67
N ILE B 57 14.05 -7.51 -21.88
CA ILE B 57 15.31 -8.19 -21.65
C ILE B 57 15.75 -8.83 -22.97
N ASN B 58 16.94 -8.46 -23.43
CA ASN B 58 17.52 -8.99 -24.66
C ASN B 58 19.01 -9.22 -24.45
N ASP B 59 19.71 -9.55 -25.54
CA ASP B 59 21.13 -9.88 -25.43
C ASP B 59 22.01 -8.74 -24.92
N PRO B 60 21.85 -7.48 -25.34
CA PRO B 60 22.63 -6.42 -24.70
C PRO B 60 22.41 -6.34 -23.19
N TYR B 61 21.15 -6.43 -22.76
CA TYR B 61 20.87 -6.42 -21.33
C TYR B 61 21.42 -7.67 -20.66
N LEU B 62 21.42 -8.80 -21.36
CA LEU B 62 22.02 -10.01 -20.82
C LEU B 62 23.52 -9.83 -20.61
N GLU B 63 24.20 -9.19 -21.56
CA GLU B 63 25.62 -8.92 -21.41
C GLU B 63 25.88 -8.00 -20.23
N VAL B 64 25.07 -6.94 -20.09
CA VAL B 64 25.24 -6.03 -18.96
C VAL B 64 25.02 -6.77 -17.64
N LEU B 65 24.02 -7.65 -17.60
CA LEU B 65 23.77 -8.43 -16.39
C LEU B 65 24.93 -9.37 -16.09
N GLU B 66 25.49 -10.01 -17.11
CA GLU B 66 26.62 -10.90 -16.89
C GLU B 66 27.82 -10.13 -16.35
N THR B 67 28.08 -8.93 -16.89
CA THR B 67 29.12 -8.08 -16.34
C THR B 67 28.80 -7.59 -14.93
N MET B 68 27.51 -7.48 -14.59
CA MET B 68 27.11 -6.95 -13.30
C MET B 68 27.57 -7.88 -12.18
N ASP B 69 27.90 -7.27 -11.03
CA ASP B 69 28.35 -8.00 -9.85
C ASP B 69 27.64 -7.45 -8.62
N ASN B 70 27.82 -8.15 -7.50
CA ASN B 70 27.15 -7.76 -6.27
C ASN B 70 27.59 -6.36 -5.81
N LYS B 71 28.89 -6.07 -5.92
CA LYS B 71 29.38 -4.75 -5.55
C LYS B 71 28.76 -3.67 -6.43
N LYS B 72 28.62 -3.96 -7.73
CA LYS B 72 27.96 -3.02 -8.63
C LYS B 72 26.51 -2.81 -8.25
N GLY B 73 25.80 -3.87 -7.83
CA GLY B 73 24.44 -3.69 -7.37
C GLY B 73 24.34 -2.83 -6.13
N ARG B 74 25.28 -3.03 -5.19
CA ARG B 74 25.31 -2.18 -3.99
C ARG B 74 25.54 -0.72 -4.36
N ARG B 75 26.47 -0.47 -5.28
CA ARG B 75 26.71 0.91 -5.72
C ARG B 75 25.49 1.49 -6.40
N TYR B 76 24.79 0.68 -7.20
CA TYR B 76 23.57 1.14 -7.84
C TYR B 76 22.52 1.55 -6.82
N GLU B 77 22.33 0.73 -5.78
CA GLU B 77 21.34 1.07 -4.76
C GLU B 77 21.74 2.34 -4.00
N ALA B 78 23.03 2.49 -3.71
CA ALA B 78 23.49 3.71 -3.04
C ALA B 78 23.20 4.95 -3.89
N VAL B 79 23.47 4.87 -5.19
CA VAL B 79 23.19 5.99 -6.08
C VAL B 79 21.70 6.30 -6.10
N LYS B 80 20.87 5.25 -6.11
CA LYS B 80 19.43 5.46 -6.13
C LYS B 80 18.95 6.16 -4.86
N TRP B 81 19.49 5.77 -3.70
CA TRP B 81 19.14 6.45 -2.46
C TRP B 81 19.55 7.91 -2.50
N MET B 82 20.75 8.20 -3.02
CA MET B 82 21.20 9.59 -3.12
C MET B 82 20.26 10.40 -4.01
N VAL B 83 19.85 9.83 -5.14
CA VAL B 83 18.94 10.54 -6.04
C VAL B 83 17.61 10.83 -5.36
N VAL B 84 17.08 9.86 -4.62
CA VAL B 84 15.82 10.06 -3.91
C VAL B 84 15.94 11.20 -2.92
N PHE B 85 17.02 11.21 -2.13
CA PHE B 85 17.20 12.29 -1.16
C PHE B 85 17.31 13.64 -1.84
N ALA B 86 18.03 13.70 -2.97
CA ALA B 86 18.17 14.96 -3.69
C ALA B 86 16.83 15.46 -4.20
N ILE B 87 15.99 14.54 -4.69
CA ILE B 87 14.67 14.92 -5.16
C ILE B 87 13.86 15.53 -4.02
N GLY B 88 13.89 14.90 -2.85
CA GLY B 88 13.18 15.44 -1.71
C GLY B 88 13.63 16.84 -1.35
N VAL B 89 14.96 17.05 -1.30
CA VAL B 89 15.50 18.35 -0.93
C VAL B 89 15.08 19.41 -1.95
N CYS B 90 15.15 19.08 -3.24
CA CYS B 90 14.79 20.06 -4.27
C CYS B 90 13.31 20.42 -4.20
N THR B 91 12.45 19.44 -3.93
CA THR B 91 11.03 19.76 -3.79
C THR B 91 10.78 20.69 -2.61
N GLY B 92 11.46 20.44 -1.48
CA GLY B 92 11.35 21.35 -0.36
C GLY B 92 11.77 22.76 -0.70
N LEU B 93 12.89 22.88 -1.43
CA LEU B 93 13.37 24.21 -1.82
C LEU B 93 12.37 24.92 -2.72
N VAL B 94 11.75 24.18 -3.64
CA VAL B 94 10.74 24.78 -4.52
C VAL B 94 9.57 25.30 -3.69
N GLY B 95 9.10 24.52 -2.73
CA GLY B 95 8.03 24.98 -1.86
C GLY B 95 8.39 26.25 -1.11
N LEU B 96 9.60 26.31 -0.57
CA LEU B 96 10.04 27.50 0.14
C LEU B 96 10.08 28.71 -0.79
N PHE B 97 10.60 28.52 -2.01
CA PHE B 97 10.68 29.61 -2.97
C PHE B 97 9.29 30.16 -3.29
N VAL B 98 8.31 29.28 -3.45
CA VAL B 98 6.95 29.75 -3.71
C VAL B 98 6.43 30.55 -2.52
N ASP B 99 6.54 29.97 -1.32
CA ASP B 99 5.87 30.56 -0.16
C ASP B 99 6.44 31.93 0.18
N PHE B 100 7.77 32.08 0.13
CA PHE B 100 8.38 33.33 0.57
C PHE B 100 7.93 34.50 -0.30
N PHE B 101 7.97 34.32 -1.62
CA PHE B 101 7.56 35.42 -2.49
C PHE B 101 6.05 35.64 -2.47
N VAL B 102 5.24 34.61 -2.29
CA VAL B 102 3.80 34.85 -2.14
C VAL B 102 3.55 35.76 -0.93
N ARG B 103 4.18 35.43 0.19
CA ARG B 103 4.00 36.25 1.39
C ARG B 103 4.50 37.67 1.17
N LEU B 104 5.67 37.81 0.54
CA LEU B 104 6.23 39.15 0.31
C LEU B 104 5.29 40.01 -0.54
N PHE B 105 4.82 39.45 -1.66
CA PHE B 105 3.97 40.22 -2.55
C PHE B 105 2.65 40.59 -1.89
N THR B 106 2.01 39.64 -1.19
CA THR B 106 0.72 39.97 -0.58
C THR B 106 0.89 41.01 0.53
N GLN B 107 1.96 40.89 1.31
CA GLN B 107 2.20 41.86 2.37
C GLN B 107 2.45 43.25 1.80
N LEU B 108 3.25 43.34 0.74
CA LEU B 108 3.49 44.64 0.12
C LEU B 108 2.21 45.24 -0.45
N LYS B 109 1.41 44.42 -1.13
CA LYS B 109 0.16 44.94 -1.70
C LYS B 109 -0.78 45.44 -0.62
N PHE B 110 -0.88 44.73 0.50
CA PHE B 110 -1.75 45.20 1.57
C PHE B 110 -1.17 46.43 2.26
N GLY B 111 0.15 46.52 2.35
CA GLY B 111 0.76 47.70 2.91
C GLY B 111 0.55 48.95 2.09
N VAL B 112 0.57 48.84 0.78
CA VAL B 112 0.32 50.00 -0.06
C VAL B 112 -1.11 50.48 0.06
N VAL B 113 -2.07 49.56 0.12
CA VAL B 113 -3.48 49.94 0.01
C VAL B 113 -4.06 50.42 1.35
N GLN B 114 -3.64 49.85 2.48
CA GLN B 114 -4.29 50.14 3.75
C GLN B 114 -4.20 51.62 4.11
N THR B 115 -3.01 52.21 3.98
CA THR B 115 -2.87 53.64 4.22
C THR B 115 -3.73 54.44 3.27
N SER B 116 -3.69 54.09 1.97
CA SER B 116 -4.52 54.78 0.99
C SER B 116 -5.99 54.62 1.33
N VAL B 117 -6.38 53.44 1.80
CA VAL B 117 -7.75 53.25 2.28
C VAL B 117 -8.07 54.28 3.35
N GLU B 118 -7.16 54.44 4.31
CA GLU B 118 -7.42 55.37 5.41
C GLU B 118 -7.58 56.81 4.92
N GLU B 119 -6.61 57.30 4.14
CA GLU B 119 -6.69 58.70 3.71
C GLU B 119 -7.89 58.94 2.80
N CYS B 120 -8.13 58.04 1.85
CA CYS B 120 -9.24 58.26 0.92
C CYS B 120 -10.58 58.06 1.62
N SER B 121 -10.59 57.38 2.76
CA SER B 121 -11.81 57.28 3.55
C SER B 121 -12.04 58.54 4.39
N GLN B 122 -10.95 59.19 4.81
CA GLN B 122 -11.10 60.40 5.61
C GLN B 122 -11.95 61.45 4.90
N LYS B 123 -11.65 61.74 3.63
CA LYS B 123 -12.43 62.74 2.91
C LYS B 123 -13.68 62.12 2.31
N GLY B 124 -13.65 60.80 2.05
CA GLY B 124 -14.79 60.10 1.50
C GLY B 124 -14.68 59.71 0.04
N CYS B 125 -13.50 59.87 -0.58
CA CYS B 125 -13.35 59.50 -1.98
C CYS B 125 -13.49 57.99 -2.18
N LEU B 126 -12.76 57.19 -1.40
CA LEU B 126 -12.81 55.73 -1.46
C LEU B 126 -12.38 55.18 -2.81
N ALA B 127 -11.91 56.03 -3.73
CA ALA B 127 -11.63 55.58 -5.08
C ALA B 127 -10.20 55.06 -5.21
N LEU B 128 -9.22 55.86 -4.77
CA LEU B 128 -7.81 55.49 -4.97
C LEU B 128 -7.51 54.13 -4.37
N SER B 129 -8.16 53.79 -3.25
CA SER B 129 -8.01 52.47 -2.67
C SER B 129 -8.46 51.40 -3.64
N LEU B 130 -9.59 51.61 -4.30
CA LEU B 130 -10.09 50.63 -5.26
C LEU B 130 -9.25 50.62 -6.54
N LEU B 131 -8.82 51.80 -7.00
CA LEU B 131 -8.04 51.88 -8.23
C LEU B 131 -6.70 51.17 -8.08
N GLU B 132 -6.00 51.40 -6.96
CA GLU B 132 -4.71 50.74 -6.76
C GLU B 132 -4.87 49.23 -6.65
N LEU B 133 -5.90 48.79 -5.92
CA LEU B 133 -6.16 47.36 -5.81
C LEU B 133 -6.43 46.74 -7.17
N LEU B 134 -7.26 47.40 -7.98
CA LEU B 134 -7.55 46.89 -9.31
C LEU B 134 -6.29 46.85 -10.18
N GLY B 135 -5.45 47.89 -10.08
CA GLY B 135 -4.22 47.88 -10.85
C GLY B 135 -3.32 46.72 -10.49
N PHE B 136 -3.13 46.49 -9.19
CA PHE B 136 -2.29 45.37 -8.75
C PHE B 136 -2.86 44.05 -9.23
N ASN B 137 -4.17 43.85 -9.03
CA ASN B 137 -4.79 42.59 -9.42
C ASN B 137 -4.67 42.36 -10.93
N LEU B 138 -4.95 43.40 -11.71
CA LEU B 138 -4.90 43.25 -13.16
C LEU B 138 -3.48 42.96 -13.64
N THR B 139 -2.49 43.63 -13.07
CA THR B 139 -1.10 43.35 -13.47
C THR B 139 -0.72 41.90 -13.17
N PHE B 140 -1.01 41.44 -11.95
CA PHE B 140 -0.62 40.09 -11.58
C PHE B 140 -1.35 39.05 -12.43
N VAL B 141 -2.66 39.23 -12.64
CA VAL B 141 -3.42 38.26 -13.41
C VAL B 141 -2.97 38.27 -14.87
N PHE B 142 -2.64 39.44 -15.40
CA PHE B 142 -2.15 39.51 -16.77
C PHE B 142 -0.83 38.75 -16.92
N LEU B 143 0.08 38.93 -15.96
CA LEU B 143 1.33 38.20 -16.01
C LEU B 143 1.10 36.70 -15.94
N ALA B 144 0.21 36.25 -15.04
CA ALA B 144 -0.08 34.82 -14.94
C ALA B 144 -0.69 34.28 -16.22
N SER B 145 -1.63 35.03 -16.81
CA SER B 145 -2.26 34.58 -18.05
C SER B 145 -1.26 34.47 -19.18
N LEU B 146 -0.36 35.45 -19.30
CA LEU B 146 0.67 35.37 -20.32
C LEU B 146 1.56 34.15 -20.10
N LEU B 147 1.96 33.91 -18.85
CA LEU B 147 2.84 32.77 -18.57
C LEU B 147 2.16 31.46 -18.91
N VAL B 148 0.86 31.35 -18.63
CA VAL B 148 0.13 30.14 -19.03
C VAL B 148 0.03 30.06 -20.55
N LEU B 149 -0.16 31.21 -21.20
CA LEU B 149 -0.21 31.22 -22.66
C LEU B 149 1.07 30.68 -23.26
N ILE B 150 2.20 30.87 -22.56
CA ILE B 150 3.46 30.29 -23.03
C ILE B 150 3.37 28.76 -23.05
N GLU B 151 2.87 28.16 -21.97
CA GLU B 151 2.78 26.71 -21.87
C GLU B 151 1.35 26.28 -21.57
N PRO B 152 0.62 25.71 -22.53
CA PRO B 152 -0.82 25.47 -22.32
C PRO B 152 -1.13 24.51 -21.19
N VAL B 153 -0.30 23.49 -20.96
CA VAL B 153 -0.62 22.46 -19.99
C VAL B 153 -0.51 22.92 -18.55
N ALA B 154 0.09 24.09 -18.31
CA ALA B 154 0.24 24.56 -16.94
C ALA B 154 -1.08 25.03 -16.35
N ALA B 155 -2.10 25.17 -17.19
CA ALA B 155 -3.39 25.68 -16.73
C ALA B 155 -4.05 24.71 -15.76
N GLY B 156 -4.74 25.25 -14.76
CA GLY B 156 -5.49 24.44 -13.83
C GLY B 156 -4.62 23.75 -12.81
N SER B 157 -5.28 22.93 -11.99
CA SER B 157 -4.57 22.14 -10.99
C SER B 157 -3.68 21.10 -11.66
N GLY B 158 -2.64 20.69 -10.95
CA GLY B 158 -1.70 19.74 -11.52
C GLY B 158 -2.20 18.31 -11.49
N ILE B 159 -3.08 18.00 -10.54
CA ILE B 159 -3.52 16.62 -10.30
C ILE B 159 -4.14 15.97 -11.54
N PRO B 160 -5.00 16.64 -12.31
CA PRO B 160 -5.55 15.98 -13.51
C PRO B 160 -4.49 15.53 -14.49
N GLU B 161 -3.37 16.24 -14.60
CA GLU B 161 -2.30 15.86 -15.50
C GLU B 161 -1.22 15.03 -14.83
N VAL B 162 -1.39 14.71 -13.55
CA VAL B 162 -0.49 13.79 -12.87
C VAL B 162 -1.12 12.40 -12.71
N LYS B 163 -2.43 12.31 -12.52
CA LYS B 163 -3.10 11.02 -12.51
C LYS B 163 -2.93 10.26 -13.82
N CYS B 164 -2.68 10.98 -14.92
CA CYS B 164 -2.50 10.31 -16.20
C CYS B 164 -1.09 9.75 -16.36
N TYR B 165 -0.07 10.49 -15.91
CA TYR B 165 1.30 10.01 -16.06
C TYR B 165 1.56 8.80 -15.18
N LEU B 166 1.08 8.82 -13.94
CA LEU B 166 1.23 7.65 -13.08
C LEU B 166 0.41 6.48 -13.60
N ASN B 167 -0.64 6.75 -14.36
CA ASN B 167 -1.38 5.70 -15.06
C ASN B 167 -0.77 5.36 -16.41
N GLY B 168 0.20 6.14 -16.89
CA GLY B 168 0.90 5.83 -18.11
C GLY B 168 0.21 6.30 -19.38
N VAL B 169 0.00 7.61 -19.51
CA VAL B 169 -0.64 8.14 -20.71
C VAL B 169 0.29 9.14 -21.40
N LYS B 170 1.14 9.80 -20.62
CA LYS B 170 2.15 10.73 -21.15
C LYS B 170 1.52 11.87 -21.93
N VAL B 171 0.81 12.72 -21.20
CA VAL B 171 0.34 14.00 -21.73
C VAL B 171 1.55 14.75 -22.28
N PRO B 172 1.46 15.34 -23.47
CA PRO B 172 2.69 15.70 -24.21
C PRO B 172 3.63 16.68 -23.52
N GLY B 173 3.17 17.49 -22.57
CA GLY B 173 4.05 18.50 -22.02
C GLY B 173 4.11 18.61 -20.51
N ILE B 174 4.06 17.48 -19.81
CA ILE B 174 3.98 17.47 -18.36
C ILE B 174 5.29 17.03 -17.72
N VAL B 175 6.40 17.08 -18.45
CA VAL B 175 7.69 16.69 -17.88
C VAL B 175 8.72 17.78 -18.17
N ARG B 176 8.45 18.60 -19.18
CA ARG B 176 9.42 19.59 -19.65
C ARG B 176 9.66 20.66 -18.59
N LEU B 177 10.93 21.07 -18.48
CA LEU B 177 11.32 22.03 -17.45
C LEU B 177 10.62 23.37 -17.64
N ARG B 178 10.33 23.74 -18.89
CA ARG B 178 9.59 24.98 -19.12
C ARG B 178 8.24 24.96 -18.43
N THR B 179 7.58 23.79 -18.38
CA THR B 179 6.33 23.68 -17.65
C THR B 179 6.53 23.93 -16.17
N LEU B 180 7.61 23.38 -15.60
CA LEU B 180 7.90 23.64 -14.19
C LEU B 180 8.09 25.13 -13.93
N LEU B 181 8.91 25.79 -14.76
CA LEU B 181 9.16 27.22 -14.55
C LEU B 181 7.88 28.02 -14.69
N CYS B 182 7.11 27.78 -15.76
CA CYS B 182 5.87 28.51 -15.97
C CYS B 182 4.87 28.30 -14.84
N LYS B 183 4.67 27.07 -14.38
CA LYS B 183 3.75 26.83 -13.28
C LYS B 183 4.21 27.44 -11.96
N VAL B 184 5.49 27.30 -11.61
CA VAL B 184 5.95 27.84 -10.34
C VAL B 184 5.89 29.36 -10.35
N LEU B 185 6.14 30.00 -11.50
CA LEU B 185 6.02 31.44 -11.55
C LEU B 185 4.55 31.88 -11.59
N GLY B 186 3.69 31.10 -12.26
CA GLY B 186 2.30 31.46 -12.34
C GLY B 186 1.57 31.38 -11.02
N VAL B 187 1.92 30.38 -10.20
CA VAL B 187 1.19 30.18 -8.95
C VAL B 187 1.34 31.39 -8.04
N LEU B 188 2.56 31.91 -7.90
CA LEU B 188 2.77 33.04 -6.99
C LEU B 188 2.06 34.29 -7.51
N PHE B 189 2.08 34.52 -8.82
CA PHE B 189 1.40 35.68 -9.37
C PHE B 189 -0.11 35.55 -9.25
N SER B 190 -0.64 34.35 -9.47
CA SER B 190 -2.08 34.17 -9.46
C SER B 190 -2.68 34.40 -8.08
N VAL B 191 -2.10 33.77 -7.05
CA VAL B 191 -2.65 33.90 -5.70
C VAL B 191 -2.49 35.31 -5.18
N ALA B 192 -1.40 35.98 -5.56
CA ALA B 192 -1.19 37.36 -5.13
C ALA B 192 -2.26 38.28 -5.69
N GLY B 193 -2.87 37.91 -6.81
CA GLY B 193 -3.92 38.70 -7.39
C GLY B 193 -5.28 38.54 -6.73
N GLY B 194 -5.38 37.68 -5.73
CA GLY B 194 -6.66 37.45 -5.07
C GLY B 194 -7.71 36.82 -5.95
N LEU B 195 -7.34 35.77 -6.69
CA LEU B 195 -8.26 35.10 -7.58
C LEU B 195 -9.02 33.96 -6.92
N PHE B 196 -8.96 33.83 -5.59
CA PHE B 196 -9.58 32.71 -4.88
C PHE B 196 -9.04 31.38 -5.37
N VAL B 197 -7.72 31.21 -5.26
CA VAL B 197 -7.04 30.01 -5.71
C VAL B 197 -6.17 29.49 -4.57
N GLU B 198 -5.41 28.44 -4.86
CA GLU B 198 -4.60 27.76 -3.86
C GLU B 198 -3.17 27.60 -4.35
N LYS B 199 -2.30 27.20 -3.43
CA LYS B 199 -0.92 26.87 -3.74
C LYS B 199 -0.58 25.40 -3.54
N GLU B 200 -1.38 24.68 -2.76
CA GLU B 200 -1.07 23.28 -2.45
C GLU B 200 -1.35 22.35 -3.61
N GLY B 201 -2.20 22.75 -4.55
CA GLY B 201 -2.50 21.94 -5.71
C GLY B 201 -1.30 21.75 -6.62
N PRO B 202 -0.82 22.86 -7.22
CA PRO B 202 0.27 22.74 -8.19
C PRO B 202 1.57 22.21 -7.62
N MET B 203 1.75 22.20 -6.30
CA MET B 203 2.98 21.67 -5.73
C MET B 203 3.18 20.21 -6.08
N ILE B 204 2.09 19.45 -6.23
CA ILE B 204 2.20 18.06 -6.64
C ILE B 204 2.82 17.97 -8.03
N HIS B 205 2.35 18.79 -8.96
CA HIS B 205 2.90 18.77 -10.31
C HIS B 205 4.34 19.24 -10.32
N SER B 206 4.67 20.25 -9.51
CA SER B 206 6.05 20.71 -9.43
C SER B 206 6.97 19.60 -8.92
N GLY B 207 6.57 18.90 -7.86
CA GLY B 207 7.36 17.78 -7.38
C GLY B 207 7.48 16.67 -8.41
N SER B 208 6.40 16.40 -9.14
CA SER B 208 6.46 15.38 -10.18
C SER B 208 7.45 15.76 -11.27
N VAL B 209 7.45 17.02 -11.70
CA VAL B 209 8.38 17.46 -12.74
C VAL B 209 9.81 17.37 -12.24
N VAL B 210 10.04 17.79 -10.99
CA VAL B 210 11.39 17.71 -10.43
C VAL B 210 11.86 16.26 -10.39
N GLY B 211 11.00 15.35 -9.93
CA GLY B 211 11.40 13.95 -9.87
C GLY B 211 11.64 13.34 -11.23
N ALA B 212 10.87 13.75 -12.24
CA ALA B 212 11.07 13.24 -13.58
C ALA B 212 12.36 13.76 -14.18
N GLY B 213 12.69 15.02 -13.90
CA GLY B 213 13.79 15.66 -14.61
C GLY B 213 15.15 15.43 -13.98
N LEU B 214 15.23 15.51 -12.65
CA LEU B 214 16.53 15.57 -12.00
C LEU B 214 17.43 14.37 -12.28
N PRO B 215 16.98 13.11 -12.17
CA PRO B 215 17.92 11.99 -12.42
C PRO B 215 18.50 11.99 -13.82
N GLN B 216 17.77 12.51 -14.80
CA GLN B 216 18.28 12.54 -16.18
C GLN B 216 19.51 13.44 -16.29
N PHE B 217 19.51 14.56 -15.56
CA PHE B 217 20.66 15.46 -15.62
C PHE B 217 21.94 14.78 -15.15
N GLN B 218 21.84 14.01 -14.06
CA GLN B 218 23.01 13.32 -13.53
C GLN B 218 23.32 12.08 -14.36
N PHE B 229 26.92 0.87 -18.81
CA PHE B 229 25.77 0.79 -17.93
C PHE B 229 25.14 2.17 -17.69
N PRO B 230 24.25 2.58 -18.58
CA PRO B 230 23.56 3.86 -18.39
C PRO B 230 22.71 3.84 -17.13
N TYR B 231 22.54 5.01 -16.54
CA TYR B 231 21.84 5.16 -15.28
C TYR B 231 20.40 5.58 -15.51
N PHE B 232 19.45 4.73 -15.07
CA PHE B 232 18.03 5.09 -15.00
C PHE B 232 17.49 5.56 -16.35
N ARG B 233 17.89 4.89 -17.43
CA ARG B 233 17.37 5.24 -18.74
C ARG B 233 16.00 4.65 -18.98
N SER B 234 15.73 3.46 -18.43
CA SER B 234 14.46 2.79 -18.67
C SER B 234 13.30 3.58 -18.09
N ASP B 235 12.12 3.42 -18.68
CA ASP B 235 10.94 4.15 -18.25
C ASP B 235 10.48 3.70 -16.87
N ARG B 236 10.88 2.50 -16.45
CA ARG B 236 10.54 2.01 -15.11
C ARG B 236 11.08 2.96 -14.04
N ASP B 237 12.37 3.30 -14.15
CA ASP B 237 12.98 4.20 -13.18
C ASP B 237 12.36 5.59 -13.26
N LYS B 238 12.03 6.06 -14.47
CA LYS B 238 11.39 7.37 -14.59
C LYS B 238 10.05 7.39 -13.89
N ARG B 239 9.24 6.34 -14.06
CA ARG B 239 7.95 6.28 -13.39
C ARG B 239 8.11 6.22 -11.88
N ASP B 240 9.09 5.45 -11.40
CA ASP B 240 9.33 5.38 -9.96
C ASP B 240 9.72 6.75 -9.40
N PHE B 241 10.57 7.48 -10.11
CA PHE B 241 11.00 8.78 -9.63
C PHE B 241 9.87 9.80 -9.71
N VAL B 242 8.99 9.67 -10.70
CA VAL B 242 7.82 10.54 -10.74
C VAL B 242 6.91 10.28 -9.54
N SER B 243 6.73 9.01 -9.19
CA SER B 243 5.94 8.71 -8.00
C SER B 243 6.58 9.29 -6.75
N ALA B 244 7.90 9.17 -6.62
CA ALA B 244 8.59 9.76 -5.47
C ALA B 244 8.43 11.27 -5.43
N GLY B 245 8.53 11.93 -6.59
CA GLY B 245 8.36 13.36 -6.63
C GLY B 245 6.95 13.80 -6.27
N ALA B 246 5.95 13.04 -6.71
CA ALA B 246 4.57 13.36 -6.34
C ALA B 246 4.37 13.23 -4.84
N ALA B 247 4.92 12.16 -4.24
CA ALA B 247 4.81 12.01 -2.79
C ALA B 247 5.49 13.15 -2.06
N ALA B 248 6.69 13.55 -2.52
CA ALA B 248 7.40 14.66 -1.89
C ALA B 248 6.61 15.96 -2.01
N GLY B 249 6.00 16.20 -3.17
CA GLY B 249 5.20 17.39 -3.34
C GLY B 249 4.00 17.42 -2.42
N VAL B 250 3.31 16.29 -2.28
CA VAL B 250 2.16 16.25 -1.37
C VAL B 250 2.61 16.50 0.06
N ALA B 251 3.74 15.90 0.46
CA ALA B 251 4.25 16.12 1.81
C ALA B 251 4.59 17.58 2.05
N ALA B 252 5.26 18.22 1.09
CA ALA B 252 5.60 19.62 1.26
C ALA B 252 4.36 20.49 1.32
N ALA B 253 3.35 20.18 0.50
CA ALA B 253 2.14 21.00 0.49
C ALA B 253 1.36 20.88 1.80
N PHE B 254 1.10 19.67 2.26
CA PHE B 254 0.18 19.46 3.38
C PHE B 254 0.86 19.10 4.69
N GLY B 255 2.15 18.80 4.68
CA GLY B 255 2.83 18.44 5.91
C GLY B 255 2.57 17.02 6.41
N ALA B 256 1.97 16.17 5.58
CA ALA B 256 1.69 14.79 5.97
C ALA B 256 2.51 13.84 5.13
N PRO B 257 3.57 13.22 5.66
CA PRO B 257 4.38 12.31 4.84
C PRO B 257 3.66 11.02 4.47
N ILE B 258 3.03 10.35 5.44
CA ILE B 258 2.37 9.08 5.15
C ILE B 258 1.20 9.30 4.19
N GLY B 259 0.52 10.44 4.30
CA GLY B 259 -0.51 10.76 3.32
C GLY B 259 0.03 10.85 1.92
N GLY B 260 1.21 11.46 1.76
CA GLY B 260 1.83 11.51 0.44
C GLY B 260 2.23 10.16 -0.07
N THR B 261 2.79 9.32 0.81
CA THR B 261 3.16 7.97 0.41
C THR B 261 1.94 7.19 -0.06
N LEU B 262 0.83 7.30 0.66
CA LEU B 262 -0.38 6.58 0.26
C LEU B 262 -1.00 7.16 -1.00
N PHE B 263 -0.91 8.48 -1.20
CA PHE B 263 -1.41 9.05 -2.45
C PHE B 263 -0.59 8.55 -3.63
N SER B 264 0.73 8.45 -3.48
CA SER B 264 1.54 7.93 -4.56
C SER B 264 1.40 6.43 -4.74
N LEU B 265 0.99 5.71 -3.70
CA LEU B 265 0.75 4.28 -3.84
C LEU B 265 -0.44 4.02 -4.74
N GLU B 266 -1.57 4.66 -4.48
CA GLU B 266 -2.69 4.59 -5.39
C GLU B 266 -2.47 5.58 -6.53
N GLU B 267 -3.45 5.67 -7.42
CA GLU B 267 -3.39 6.50 -8.62
C GLU B 267 -2.33 5.98 -9.58
N GLY B 268 -1.57 4.98 -9.13
CA GLY B 268 -0.57 4.31 -9.94
C GLY B 268 -0.50 2.83 -9.59
N SER B 269 -1.64 2.26 -9.20
CA SER B 269 -1.67 0.95 -8.54
C SER B 269 -0.94 -0.12 -9.32
N SER B 270 0.13 -0.64 -8.74
CA SER B 270 0.92 -1.73 -9.30
C SER B 270 1.16 -2.78 -8.23
N PHE B 271 1.94 -3.79 -8.57
CA PHE B 271 2.28 -4.82 -7.60
C PHE B 271 3.05 -4.22 -6.43
N TRP B 272 2.78 -4.72 -5.23
CA TRP B 272 3.40 -4.17 -4.03
C TRP B 272 4.92 -4.29 -4.10
N ASN B 273 5.61 -3.16 -4.15
CA ASN B 273 7.06 -3.12 -4.29
C ASN B 273 7.66 -2.68 -2.96
N GLN B 274 7.87 -3.65 -2.07
CA GLN B 274 8.50 -3.38 -0.79
C GLN B 274 9.99 -3.14 -1.03
N GLY B 275 10.45 -1.93 -0.77
CA GLY B 275 11.80 -1.55 -1.12
C GLY B 275 11.80 -0.28 -1.95
N LEU B 276 10.65 0.03 -2.54
CA LEU B 276 10.41 1.30 -3.20
C LEU B 276 9.48 2.20 -2.39
N THR B 277 8.48 1.60 -1.73
CA THR B 277 7.71 2.35 -0.74
C THR B 277 8.60 2.86 0.38
N TRP B 278 9.55 2.02 0.82
CA TRP B 278 10.53 2.40 1.81
C TRP B 278 11.46 3.51 1.32
N LYS B 279 11.50 3.77 0.01
CA LYS B 279 12.26 4.88 -0.53
C LYS B 279 11.43 6.15 -0.67
N VAL B 280 10.19 6.01 -1.16
CA VAL B 280 9.34 7.19 -1.27
C VAL B 280 8.94 7.73 0.09
N LEU B 281 8.85 6.88 1.11
CA LEU B 281 8.60 7.38 2.46
C LEU B 281 9.78 8.23 2.93
N PHE B 282 11.01 7.78 2.65
CA PHE B 282 12.18 8.58 3.01
C PHE B 282 12.21 9.89 2.23
N CYS B 283 11.86 9.84 0.95
CA CYS B 283 11.81 11.07 0.16
C CYS B 283 10.80 12.05 0.73
N SER B 284 9.62 11.55 1.10
CA SER B 284 8.59 12.40 1.69
C SER B 284 9.04 13.00 3.01
N MET B 285 9.65 12.18 3.87
CA MET B 285 10.11 12.68 5.17
C MET B 285 11.18 13.75 4.98
N SER B 286 12.11 13.54 4.05
CA SER B 286 13.13 14.55 3.81
C SER B 286 12.56 15.81 3.20
N ALA B 287 11.54 15.69 2.34
CA ALA B 287 10.96 16.86 1.71
C ALA B 287 10.18 17.71 2.72
N THR B 288 9.46 17.07 3.63
CA THR B 288 8.68 17.85 4.58
C THR B 288 9.50 18.41 5.74
N PHE B 289 10.72 17.92 5.95
CA PHE B 289 11.57 18.41 7.02
C PHE B 289 12.70 19.30 6.53
N THR B 290 12.72 19.62 5.24
CA THR B 290 13.60 20.65 4.70
C THR B 290 12.89 21.99 4.56
N LEU B 291 11.62 21.96 4.15
CA LEU B 291 10.80 23.16 4.15
C LEU B 291 10.65 23.72 5.56
N ASN B 292 10.45 22.84 6.54
CA ASN B 292 10.33 23.26 7.93
C ASN B 292 11.60 23.93 8.42
N PHE B 293 12.76 23.34 8.11
CA PHE B 293 14.03 23.83 8.66
C PHE B 293 14.31 25.26 8.23
N PHE B 294 13.80 25.68 7.07
CA PHE B 294 13.99 27.04 6.59
C PHE B 294 12.84 27.96 6.93
N ARG B 295 11.60 27.48 6.87
CA ARG B 295 10.47 28.33 7.18
C ARG B 295 10.36 28.62 8.68
N SER B 296 10.99 27.81 9.53
CA SER B 296 11.07 28.10 10.94
C SER B 296 12.33 28.88 11.30
N GLY B 297 13.25 29.06 10.36
CA GLY B 297 14.45 29.81 10.61
C GLY B 297 14.40 31.18 10.00
N ILE B 298 13.45 31.39 9.09
CA ILE B 298 13.24 32.71 8.50
C ILE B 298 12.17 33.49 9.25
N GLN B 299 11.01 32.87 9.48
CA GLN B 299 9.94 33.55 10.20
C GLN B 299 10.33 33.83 11.65
N PHE B 300 10.81 32.82 12.35
CA PHE B 300 11.21 32.97 13.75
C PHE B 300 12.70 33.30 13.83
N GLY B 301 13.27 33.22 15.03
CA GLY B 301 14.67 33.53 15.20
C GLY B 301 15.54 32.29 15.31
N SER B 302 15.06 31.28 16.02
CA SER B 302 15.82 30.05 16.19
C SER B 302 15.99 29.34 14.86
N TRP B 303 17.15 28.72 14.66
CA TRP B 303 17.44 28.06 13.39
C TRP B 303 17.39 26.54 13.48
N GLY B 304 17.80 25.95 14.60
CA GLY B 304 17.73 24.50 14.72
C GLY B 304 16.35 23.96 15.02
N SER B 305 15.40 24.84 15.32
CA SER B 305 14.08 24.41 15.76
C SER B 305 13.19 24.08 14.57
N PHE B 306 12.34 23.07 14.76
CA PHE B 306 11.34 22.68 13.78
C PHE B 306 9.98 23.00 14.39
N GLN B 307 9.51 24.23 14.21
CA GLN B 307 8.32 24.71 14.91
C GLN B 307 7.03 24.55 14.12
N LEU B 308 7.10 24.37 12.79
CA LEU B 308 5.85 24.31 12.05
C LEU B 308 5.95 23.47 10.79
N PRO B 309 4.93 22.66 10.48
CA PRO B 309 4.95 21.85 9.26
C PRO B 309 4.75 22.68 8.01
N GLY B 310 4.51 22.03 6.88
CA GLY B 310 4.48 22.68 5.58
C GLY B 310 3.42 23.75 5.38
N LEU B 311 3.18 24.09 4.11
CA LEU B 311 2.46 25.31 3.75
C LEU B 311 1.15 25.47 4.50
N LEU B 312 0.38 24.40 4.63
CA LEU B 312 -0.94 24.45 5.26
C LEU B 312 -0.89 23.74 6.60
N ASN B 313 -1.23 24.45 7.67
CA ASN B 313 -1.28 23.89 9.00
C ASN B 313 -2.58 24.32 9.69
N PHE B 314 -3.23 23.36 10.35
CA PHE B 314 -4.52 23.64 10.97
C PHE B 314 -4.37 24.24 12.36
N GLY B 315 -3.28 23.92 13.07
CA GLY B 315 -3.00 24.49 14.36
C GLY B 315 -3.02 23.43 15.46
N GLU B 316 -3.52 23.82 16.62
CA GLU B 316 -3.61 22.94 17.78
C GLU B 316 -5.08 22.79 18.16
N PHE B 317 -5.52 21.55 18.35
CA PHE B 317 -6.90 21.25 18.71
C PHE B 317 -6.92 20.80 20.17
N LYS B 318 -7.24 21.73 21.06
CA LYS B 318 -7.37 21.43 22.49
C LYS B 318 -8.47 22.30 23.08
N CYS B 319 -8.98 21.87 24.23
CA CYS B 319 -9.95 22.68 24.94
C CYS B 319 -9.32 24.03 25.29
N SER B 320 -10.06 25.10 25.00
CA SER B 320 -9.50 26.44 25.12
C SER B 320 -9.09 26.75 26.55
N ASP B 321 -9.92 26.36 27.52
CA ASP B 321 -9.64 26.58 28.92
C ASP B 321 -9.94 25.32 29.70
N SER B 322 -9.29 25.17 30.85
CA SER B 322 -9.60 24.06 31.74
C SER B 322 -11.06 24.17 32.18
N ASP B 323 -11.90 23.29 31.66
CA ASP B 323 -13.34 23.40 31.83
C ASP B 323 -13.92 22.06 32.23
N LYS B 324 -15.01 22.11 32.99
CA LYS B 324 -15.72 20.88 33.34
C LYS B 324 -16.41 20.31 32.12
N LYS B 325 -16.15 19.03 31.85
CA LYS B 325 -16.81 18.30 30.76
C LYS B 325 -16.54 18.96 29.42
N CYS B 326 -15.27 19.18 29.10
CA CYS B 326 -14.86 19.70 27.80
C CYS B 326 -14.08 18.60 27.07
N HIS B 327 -14.57 18.21 25.90
CA HIS B 327 -13.93 17.19 25.09
C HIS B 327 -13.90 17.63 23.64
N LEU B 328 -12.93 17.08 22.89
CA LEU B 328 -12.88 17.37 21.46
C LEU B 328 -14.13 16.88 20.75
N TRP B 329 -14.60 15.68 21.10
CA TRP B 329 -15.84 15.15 20.57
C TRP B 329 -16.29 14.00 21.45
N THR B 330 -17.57 13.68 21.35
CA THR B 330 -18.17 12.60 22.12
C THR B 330 -19.02 11.74 21.19
N ALA B 331 -19.53 10.62 21.73
CA ALA B 331 -20.25 9.66 20.90
C ALA B 331 -21.58 10.19 20.42
N MET B 332 -22.14 11.19 21.11
CA MET B 332 -23.45 11.71 20.72
C MET B 332 -23.38 12.56 19.46
N ASP B 333 -22.18 13.04 19.09
CA ASP B 333 -22.05 13.94 17.96
C ASP B 333 -22.09 13.21 16.62
N LEU B 334 -22.10 11.87 16.63
CA LEU B 334 -21.95 11.12 15.39
C LEU B 334 -23.10 11.38 14.42
N GLY B 335 -24.31 11.55 14.95
CA GLY B 335 -25.43 11.91 14.08
C GLY B 335 -25.22 13.25 13.40
N PHE B 336 -24.72 14.23 14.15
CA PHE B 336 -24.40 15.53 13.55
C PHE B 336 -23.35 15.38 12.47
N PHE B 337 -22.33 14.56 12.72
CA PHE B 337 -21.29 14.35 11.71
C PHE B 337 -21.86 13.72 10.44
N VAL B 338 -22.75 12.74 10.60
CA VAL B 338 -23.34 12.08 9.43
C VAL B 338 -24.19 13.07 8.63
N VAL B 339 -25.00 13.87 9.32
CA VAL B 339 -25.85 14.82 8.62
C VAL B 339 -25.01 15.88 7.90
N MET B 340 -23.97 16.38 8.56
CA MET B 340 -23.08 17.33 7.91
C MET B 340 -22.40 16.68 6.70
N GLY B 341 -22.05 15.41 6.81
CA GLY B 341 -21.45 14.72 5.68
C GLY B 341 -22.37 14.65 4.48
N VAL B 342 -23.64 14.29 4.71
CA VAL B 342 -24.56 14.19 3.58
C VAL B 342 -24.84 15.56 2.98
N ILE B 343 -24.95 16.60 3.82
CA ILE B 343 -25.14 17.95 3.28
C ILE B 343 -23.94 18.37 2.44
N GLY B 344 -22.73 18.11 2.92
CA GLY B 344 -21.55 18.40 2.15
C GLY B 344 -21.49 17.63 0.84
N GLY B 345 -21.96 16.38 0.85
CA GLY B 345 -22.02 15.62 -0.38
C GLY B 345 -22.95 16.24 -1.41
N LEU B 346 -24.12 16.69 -0.97
CA LEU B 346 -25.05 17.37 -1.88
C LEU B 346 -24.43 18.64 -2.44
N LEU B 347 -23.79 19.43 -1.57
CA LEU B 347 -23.15 20.66 -2.03
C LEU B 347 -22.04 20.37 -3.03
N GLY B 348 -21.24 19.32 -2.78
CA GLY B 348 -20.22 18.95 -3.73
C GLY B 348 -20.77 18.51 -5.06
N ALA B 349 -21.89 17.78 -5.04
CA ALA B 349 -22.53 17.39 -6.29
C ALA B 349 -22.97 18.61 -7.08
N THR B 350 -23.56 19.59 -6.40
CA THR B 350 -23.95 20.83 -7.09
C THR B 350 -22.74 21.55 -7.67
N PHE B 351 -21.66 21.63 -6.89
CA PHE B 351 -20.44 22.28 -7.37
C PHE B 351 -19.91 21.60 -8.62
N ASN B 352 -19.86 20.27 -8.61
CA ASN B 352 -19.40 19.53 -9.78
C ASN B 352 -20.29 19.78 -10.98
N CYS B 353 -21.61 19.80 -10.77
CA CYS B 353 -22.53 20.00 -11.89
C CYS B 353 -22.28 21.35 -12.56
N LEU B 354 -22.27 22.42 -11.77
CA LEU B 354 -22.05 23.74 -12.36
C LEU B 354 -20.67 23.84 -13.00
N ASN B 355 -19.63 23.29 -12.36
CA ASN B 355 -18.30 23.39 -12.93
C ASN B 355 -18.22 22.65 -14.26
N LYS B 356 -18.85 21.48 -14.35
CA LYS B 356 -18.83 20.72 -15.60
C LYS B 356 -19.56 21.47 -16.70
N ARG B 357 -20.72 22.05 -16.38
CA ARG B 357 -21.43 22.81 -17.41
C ARG B 357 -20.62 24.00 -17.90
N LEU B 358 -19.98 24.72 -16.97
CA LEU B 358 -19.15 25.85 -17.37
C LEU B 358 -17.97 25.39 -18.21
N ALA B 359 -17.35 24.26 -17.85
CA ALA B 359 -16.22 23.76 -18.61
C ALA B 359 -16.62 23.38 -20.02
N LYS B 360 -17.79 22.74 -20.17
CA LYS B 360 -18.28 22.42 -21.50
C LYS B 360 -18.53 23.68 -22.31
N TYR B 361 -19.12 24.70 -21.69
CA TYR B 361 -19.36 25.95 -22.40
C TYR B 361 -18.06 26.57 -22.89
N ARG B 362 -17.05 26.61 -22.01
CA ARG B 362 -15.76 27.19 -22.40
C ARG B 362 -15.10 26.37 -23.51
N MET B 363 -15.14 25.04 -23.39
CA MET B 363 -14.54 24.18 -24.42
C MET B 363 -15.24 24.32 -25.75
N ARG B 364 -16.52 24.65 -25.76
CA ARG B 364 -17.26 24.79 -27.00
C ARG B 364 -17.04 26.15 -27.65
N ASN B 365 -17.06 27.22 -26.85
CA ASN B 365 -17.06 28.55 -27.43
C ASN B 365 -15.71 29.25 -27.25
N VAL B 366 -15.20 29.32 -26.03
CA VAL B 366 -14.07 30.19 -25.74
C VAL B 366 -12.79 29.67 -26.39
N HIS B 367 -12.55 28.35 -26.32
CA HIS B 367 -11.28 27.82 -26.82
C HIS B 367 -11.07 28.05 -28.31
N PRO B 368 -12.03 27.80 -29.21
CA PRO B 368 -11.74 28.07 -30.64
C PRO B 368 -11.77 29.56 -30.96
N LYS B 369 -10.82 30.29 -30.37
CA LYS B 369 -10.73 31.74 -30.52
C LYS B 369 -9.26 32.13 -30.59
N PRO B 370 -8.90 33.30 -31.11
CA PRO B 370 -7.48 33.66 -31.18
C PRO B 370 -6.90 33.91 -29.80
N LYS B 371 -5.57 34.02 -29.76
CA LYS B 371 -4.85 34.06 -28.49
C LYS B 371 -5.22 35.30 -27.67
N LEU B 372 -5.76 36.34 -28.31
CA LEU B 372 -6.23 37.50 -27.55
C LEU B 372 -7.33 37.11 -26.57
N VAL B 373 -8.31 36.35 -27.04
CA VAL B 373 -9.27 35.74 -26.14
C VAL B 373 -8.56 34.67 -25.32
N ARG B 374 -9.17 34.26 -24.21
CA ARG B 374 -8.65 33.36 -23.19
C ARG B 374 -7.68 34.14 -22.29
N VAL B 375 -7.41 35.40 -22.59
CA VAL B 375 -6.60 36.24 -21.73
C VAL B 375 -7.48 37.32 -21.13
N LEU B 376 -8.53 37.71 -21.87
CA LEU B 376 -9.45 38.71 -21.36
C LEU B 376 -10.38 38.13 -20.30
N GLU B 377 -10.67 36.82 -20.39
CA GLU B 377 -11.56 36.19 -19.42
C GLU B 377 -10.98 36.24 -18.01
N SER B 378 -9.68 35.96 -17.89
CA SER B 378 -9.04 36.02 -16.57
C SER B 378 -9.06 37.42 -16.00
N LEU B 379 -8.81 38.43 -16.85
CA LEU B 379 -8.88 39.80 -16.38
C LEU B 379 -10.30 40.16 -15.95
N LEU B 380 -11.31 39.69 -16.69
CA LEU B 380 -12.68 39.96 -16.33
C LEU B 380 -13.04 39.34 -14.98
N VAL B 381 -12.65 38.09 -14.76
CA VAL B 381 -13.00 37.45 -13.50
C VAL B 381 -12.24 38.10 -12.34
N SER B 382 -10.98 38.51 -12.57
CA SER B 382 -10.24 39.20 -11.52
C SER B 382 -10.91 40.53 -11.17
N LEU B 383 -11.33 41.28 -12.19
CA LEU B 383 -12.00 42.54 -11.92
C LEU B 383 -13.31 42.32 -11.16
N VAL B 384 -14.09 41.33 -11.58
CA VAL B 384 -15.38 41.08 -10.94
C VAL B 384 -15.17 40.68 -9.49
N THR B 385 -14.23 39.78 -9.23
CA THR B 385 -14.00 39.36 -7.85
C THR B 385 -13.43 40.46 -6.99
N THR B 386 -12.56 41.32 -7.53
CA THR B 386 -12.05 42.45 -6.77
C THR B 386 -13.17 43.42 -6.41
N VAL B 387 -14.03 43.74 -7.38
CA VAL B 387 -15.14 44.66 -7.10
C VAL B 387 -16.06 44.05 -6.05
N VAL B 388 -16.37 42.76 -6.18
CA VAL B 388 -17.29 42.11 -5.26
C VAL B 388 -16.71 42.10 -3.85
N VAL B 389 -15.43 41.76 -3.71
CA VAL B 389 -14.84 41.67 -2.39
C VAL B 389 -14.74 43.06 -1.76
N PHE B 390 -14.41 44.08 -2.54
CA PHE B 390 -14.32 45.43 -1.99
C PHE B 390 -15.69 45.93 -1.54
N VAL B 391 -16.73 45.68 -2.36
CA VAL B 391 -18.07 46.12 -1.98
C VAL B 391 -18.55 45.38 -0.72
N ALA B 392 -18.31 44.07 -0.66
CA ALA B 392 -18.71 43.31 0.51
C ALA B 392 -17.94 43.70 1.76
N SER B 393 -16.70 44.18 1.61
CA SER B 393 -15.97 44.69 2.76
C SER B 393 -16.51 46.06 3.19
N MET B 394 -16.91 46.89 2.22
CA MET B 394 -17.45 48.20 2.55
C MET B 394 -18.84 48.10 3.18
N VAL B 395 -19.71 47.30 2.58
CA VAL B 395 -21.11 47.22 2.98
C VAL B 395 -21.43 45.77 3.33
N LEU B 396 -22.37 45.59 4.26
CA LEU B 396 -22.88 44.31 4.75
C LEU B 396 -21.90 43.62 5.69
N GLY B 397 -20.79 44.25 6.03
CA GLY B 397 -19.86 43.72 7.01
C GLY B 397 -20.09 44.37 8.36
N GLU B 398 -20.54 43.57 9.31
CA GLU B 398 -20.94 44.06 10.62
C GLU B 398 -19.70 44.41 11.44
N CYS B 399 -19.63 45.64 11.91
CA CYS B 399 -18.55 46.08 12.80
C CYS B 399 -18.81 45.52 14.18
N ARG B 400 -17.82 44.81 14.74
CA ARG B 400 -17.92 44.23 16.07
C ARG B 400 -16.81 44.79 16.95
N GLN B 401 -17.12 45.00 18.23
CA GLN B 401 -16.14 45.50 19.17
C GLN B 401 -15.04 44.47 19.38
N MET B 402 -13.80 44.96 19.50
CA MET B 402 -12.65 44.09 19.67
C MET B 402 -12.71 43.34 21.00
N SER B 423 -2.94 41.94 15.37
CA SER B 423 -2.28 42.30 14.11
C SER B 423 -2.94 41.62 12.93
N SER B 424 -3.34 40.35 13.13
CA SER B 424 -4.01 39.61 12.07
C SER B 424 -5.36 40.22 11.74
N ILE B 425 -6.09 40.69 12.75
CA ILE B 425 -7.41 41.27 12.52
C ILE B 425 -7.26 42.61 11.80
N LYS B 426 -8.01 42.78 10.72
CA LYS B 426 -8.01 43.99 9.93
C LYS B 426 -9.29 44.78 10.21
N THR B 427 -9.15 46.06 10.52
CA THR B 427 -10.29 46.95 10.73
C THR B 427 -10.35 47.96 9.58
N PHE B 428 -11.34 47.81 8.72
CA PHE B 428 -11.50 48.65 7.54
C PHE B 428 -12.87 49.29 7.56
N PHE B 429 -12.93 50.58 7.21
CA PHE B 429 -14.20 51.28 7.02
C PHE B 429 -15.04 51.25 8.29
N CYS B 430 -14.38 51.22 9.44
CA CYS B 430 -15.05 50.87 10.68
C CYS B 430 -14.59 51.81 11.78
N PRO B 431 -15.49 52.15 12.72
CA PRO B 431 -15.13 53.12 13.77
C PRO B 431 -14.17 52.57 14.82
N ASN B 432 -13.92 53.37 15.85
CA ASN B 432 -12.89 53.04 16.83
C ASN B 432 -13.25 51.80 17.63
N ASP B 433 -12.21 51.03 17.98
CA ASP B 433 -12.34 49.86 18.87
C ASP B 433 -13.29 48.83 18.26
N THR B 434 -13.38 48.81 16.94
CA THR B 434 -14.23 47.86 16.23
C THR B 434 -13.52 47.36 14.98
N TYR B 435 -13.90 46.18 14.54
CA TYR B 435 -13.31 45.53 13.38
C TYR B 435 -14.40 45.00 12.47
N ASN B 436 -14.07 44.87 11.19
CA ASN B 436 -14.99 44.38 10.18
C ASN B 436 -14.69 42.91 9.92
N ASP B 437 -15.65 42.04 10.26
CA ASP B 437 -15.45 40.60 10.09
C ASP B 437 -15.33 40.24 8.61
N MET B 438 -16.14 40.86 7.76
CA MET B 438 -16.06 40.59 6.33
C MET B 438 -14.67 40.91 5.79
N ALA B 439 -14.14 42.08 6.16
CA ALA B 439 -12.80 42.46 5.70
C ALA B 439 -11.75 41.51 6.26
N THR B 440 -11.90 41.12 7.53
CA THR B 440 -10.94 40.22 8.15
C THR B 440 -10.88 38.88 7.41
N LEU B 441 -12.04 38.34 7.05
CA LEU B 441 -12.07 37.07 6.33
C LEU B 441 -11.56 37.22 4.90
N PHE B 442 -12.00 38.27 4.20
CA PHE B 442 -11.72 38.36 2.77
C PHE B 442 -10.27 38.75 2.50
N PHE B 443 -9.75 39.74 3.23
CA PHE B 443 -8.42 40.25 2.90
C PHE B 443 -7.32 39.30 3.36
N ASN B 444 -7.43 38.77 4.58
CA ASN B 444 -6.33 37.98 5.14
C ASN B 444 -6.06 36.75 4.28
N PRO B 445 -4.81 36.30 4.24
CA PRO B 445 -4.49 35.10 3.44
C PRO B 445 -5.26 33.89 3.94
N GLN B 446 -5.46 32.93 3.03
CA GLN B 446 -6.35 31.81 3.31
C GLN B 446 -5.95 31.04 4.57
N GLU B 447 -4.65 30.92 4.83
CA GLU B 447 -4.22 30.24 6.06
C GLU B 447 -4.72 30.98 7.30
N SER B 448 -4.62 32.30 7.30
CA SER B 448 -5.09 33.08 8.45
C SER B 448 -6.61 32.95 8.60
N ALA B 449 -7.34 32.97 7.50
CA ALA B 449 -8.79 32.80 7.57
C ALA B 449 -9.15 31.44 8.14
N ILE B 450 -8.46 30.39 7.70
CA ILE B 450 -8.72 29.05 8.22
C ILE B 450 -8.44 28.99 9.72
N LEU B 451 -7.30 29.55 10.14
CA LEU B 451 -6.95 29.53 11.55
C LEU B 451 -7.99 30.29 12.38
N GLN B 452 -8.47 31.43 11.88
CA GLN B 452 -9.48 32.16 12.62
C GLN B 452 -10.80 31.41 12.67
N LEU B 453 -11.18 30.73 11.59
CA LEU B 453 -12.44 29.99 11.60
C LEU B 453 -12.39 28.78 12.51
N PHE B 454 -11.22 28.16 12.68
CA PHE B 454 -11.15 26.98 13.52
C PHE B 454 -11.11 27.30 15.02
N HIS B 455 -10.33 28.29 15.43
CA HIS B 455 -9.98 28.44 16.84
C HIS B 455 -10.49 29.72 17.48
N GLN B 456 -11.38 30.46 16.82
CA GLN B 456 -11.97 31.66 17.41
C GLN B 456 -13.48 31.50 17.47
N ASP B 457 -14.06 31.80 18.64
CA ASP B 457 -15.49 31.64 18.87
C ASP B 457 -16.09 33.02 19.11
N GLY B 458 -17.28 33.23 18.57
CA GLY B 458 -18.01 34.46 18.76
C GLY B 458 -17.55 35.63 17.92
N THR B 459 -16.54 35.44 17.07
CA THR B 459 -16.02 36.53 16.26
C THR B 459 -16.91 36.88 15.08
N PHE B 460 -17.69 35.92 14.59
CA PHE B 460 -18.45 36.10 13.36
C PHE B 460 -19.94 35.95 13.61
N SER B 461 -20.73 36.80 12.97
CA SER B 461 -22.17 36.68 12.99
C SER B 461 -22.64 35.68 11.94
N PRO B 462 -23.77 35.01 12.16
CA PRO B 462 -24.25 34.03 11.18
C PRO B 462 -24.49 34.62 9.79
N VAL B 463 -24.98 35.86 9.71
CA VAL B 463 -25.20 36.48 8.40
C VAL B 463 -23.88 36.65 7.66
N THR B 464 -22.85 37.09 8.38
CA THR B 464 -21.51 37.19 7.79
C THR B 464 -21.07 35.85 7.21
N LEU B 465 -21.23 34.78 7.98
CA LEU B 465 -20.81 33.46 7.51
C LEU B 465 -21.59 33.04 6.28
N ALA B 466 -22.91 33.23 6.29
CA ALA B 466 -23.71 32.80 5.14
C ALA B 466 -23.33 33.57 3.88
N LEU B 467 -23.19 34.89 3.99
CA LEU B 467 -22.82 35.69 2.83
C LEU B 467 -21.45 35.30 2.31
N PHE B 468 -20.48 35.13 3.21
CA PHE B 468 -19.14 34.75 2.80
C PHE B 468 -19.14 33.40 2.11
N PHE B 469 -19.85 32.43 2.68
CA PHE B 469 -19.89 31.10 2.10
C PHE B 469 -20.49 31.14 0.69
N VAL B 470 -21.63 31.83 0.53
CA VAL B 470 -22.28 31.85 -0.77
C VAL B 470 -21.38 32.53 -1.81
N LEU B 471 -20.84 33.70 -1.46
CA LEU B 471 -20.01 34.42 -2.41
C LEU B 471 -18.76 33.64 -2.77
N TYR B 472 -18.08 33.06 -1.77
CA TYR B 472 -16.86 32.34 -2.04
C TYR B 472 -17.13 31.10 -2.88
N PHE B 473 -18.22 30.38 -2.58
CA PHE B 473 -18.57 29.19 -3.35
C PHE B 473 -18.83 29.54 -4.80
N LEU B 474 -19.65 30.57 -5.05
CA LEU B 474 -19.95 30.95 -6.43
C LEU B 474 -18.71 31.41 -7.17
N LEU B 475 -17.90 32.26 -6.55
CA LEU B 475 -16.72 32.77 -7.23
C LEU B 475 -15.69 31.68 -7.49
N ALA B 476 -15.52 30.74 -6.54
CA ALA B 476 -14.60 29.64 -6.77
C ALA B 476 -15.09 28.72 -7.88
N CYS B 477 -16.40 28.45 -7.91
CA CYS B 477 -16.94 27.61 -8.98
C CYS B 477 -16.77 28.27 -10.33
N TRP B 478 -16.93 29.59 -10.40
CA TRP B 478 -16.75 30.28 -11.68
C TRP B 478 -15.28 30.39 -12.07
N THR B 479 -14.38 30.53 -11.10
CA THR B 479 -12.99 30.83 -11.41
C THR B 479 -12.24 29.62 -11.96
N TYR B 480 -12.46 28.44 -11.39
CA TYR B 480 -11.63 27.29 -11.73
C TYR B 480 -11.86 26.86 -13.17
N GLY B 481 -10.78 26.68 -13.90
CA GLY B 481 -10.86 26.27 -15.30
C GLY B 481 -10.20 27.24 -16.25
N ILE B 482 -10.07 28.50 -15.82
CA ILE B 482 -9.47 29.54 -16.65
C ILE B 482 -7.96 29.32 -16.72
N SER B 483 -7.29 30.12 -17.55
CA SER B 483 -5.89 29.86 -17.90
C SER B 483 -4.99 29.81 -16.67
N VAL B 484 -5.17 30.74 -15.73
CA VAL B 484 -4.21 30.93 -14.64
C VAL B 484 -4.06 29.65 -13.82
N PRO B 485 -2.88 29.38 -13.27
CA PRO B 485 -2.66 28.10 -12.58
C PRO B 485 -3.40 28.00 -11.26
N SER B 486 -4.70 27.69 -11.33
CA SER B 486 -5.53 27.67 -10.15
C SER B 486 -5.22 26.47 -9.26
N GLY B 487 -5.70 26.54 -8.02
CA GLY B 487 -5.71 25.42 -7.12
C GLY B 487 -7.13 25.18 -6.64
N LEU B 488 -7.33 24.03 -6.00
CA LEU B 488 -8.67 23.63 -5.58
C LEU B 488 -8.79 23.19 -4.14
N PHE B 489 -7.71 22.71 -3.52
CA PHE B 489 -7.82 22.20 -2.15
C PHE B 489 -8.22 23.30 -1.18
N VAL B 490 -7.49 24.41 -1.17
CA VAL B 490 -7.77 25.49 -0.22
C VAL B 490 -9.14 26.13 -0.46
N PRO B 491 -9.49 26.59 -1.66
CA PRO B 491 -10.79 27.25 -1.84
C PRO B 491 -11.97 26.35 -1.55
N SER B 492 -11.80 25.04 -1.60
CA SER B 492 -12.84 24.11 -1.17
C SER B 492 -12.72 23.72 0.29
N LEU B 493 -11.56 23.90 0.90
CA LEU B 493 -11.39 23.70 2.33
C LEU B 493 -11.85 24.88 3.15
N LEU B 494 -12.13 26.02 2.52
CA LEU B 494 -12.52 27.24 3.21
C LEU B 494 -14.02 27.41 3.31
N CYS B 495 -14.77 27.03 2.28
CA CYS B 495 -16.23 27.10 2.35
C CYS B 495 -16.77 26.12 3.41
N GLY B 496 -16.20 24.92 3.46
CA GLY B 496 -16.67 23.95 4.43
C GLY B 496 -16.47 24.40 5.86
N ALA B 497 -15.35 25.06 6.14
CA ALA B 497 -15.12 25.58 7.48
C ALA B 497 -16.16 26.62 7.87
N ALA B 498 -16.49 27.52 6.92
CA ALA B 498 -17.51 28.52 7.20
C ALA B 498 -18.87 27.87 7.45
N PHE B 499 -19.22 26.87 6.64
CA PHE B 499 -20.49 26.18 6.84
C PHE B 499 -20.53 25.49 8.20
N GLY B 500 -19.42 24.84 8.59
CA GLY B 500 -19.39 24.18 9.88
C GLY B 500 -19.49 25.16 11.03
N ARG B 501 -18.81 26.31 10.93
CA ARG B 501 -18.91 27.32 11.97
C ARG B 501 -20.33 27.86 12.06
N LEU B 502 -21.00 28.05 10.91
CA LEU B 502 -22.38 28.49 10.94
C LEU B 502 -23.29 27.46 11.62
N VAL B 503 -23.07 26.19 11.32
CA VAL B 503 -23.86 25.13 11.95
C VAL B 503 -23.62 25.12 13.46
N ALA B 504 -22.38 25.27 13.87
CA ALA B 504 -22.07 25.30 15.30
C ALA B 504 -22.73 26.50 15.99
N ASN B 505 -22.70 27.66 15.34
CA ASN B 505 -23.33 28.84 15.92
C ASN B 505 -24.84 28.65 16.03
N VAL B 506 -25.46 28.03 15.03
CA VAL B 506 -26.89 27.75 15.11
C VAL B 506 -27.18 26.77 16.25
N LEU B 507 -26.37 25.73 16.37
CA LEU B 507 -26.64 24.71 17.38
C LEU B 507 -26.41 25.24 18.80
N LYS B 508 -25.52 26.22 18.94
CA LYS B 508 -25.24 26.76 20.27
C LYS B 508 -26.46 27.44 20.86
N SER B 509 -27.23 28.15 20.03
CA SER B 509 -28.39 28.88 20.51
C SER B 509 -29.48 27.92 20.99
N TYR B 510 -29.79 26.90 20.21
CA TYR B 510 -30.92 26.02 20.53
C TYR B 510 -30.60 25.12 21.72
N ILE B 511 -29.41 24.50 21.73
CA ILE B 511 -29.04 23.55 22.77
C ILE B 511 -27.65 23.90 23.29
N GLY B 512 -27.36 23.45 24.51
CA GLY B 512 -26.04 23.64 25.09
C GLY B 512 -24.98 22.83 24.39
N LEU B 513 -23.88 23.47 24.01
CA LEU B 513 -22.77 22.82 23.33
C LEU B 513 -21.49 22.87 24.14
N GLY B 514 -21.59 23.10 25.45
CA GLY B 514 -20.40 23.23 26.27
C GLY B 514 -19.65 21.93 26.44
N HIS B 515 -20.33 20.80 26.17
CA HIS B 515 -19.71 19.51 26.42
C HIS B 515 -18.68 19.15 25.35
N ILE B 516 -18.67 19.87 24.22
CA ILE B 516 -17.75 19.58 23.13
C ILE B 516 -17.10 20.87 22.65
N TYR B 517 -15.97 20.69 21.96
CA TYR B 517 -15.25 21.81 21.38
C TYR B 517 -16.04 22.39 20.20
N SER B 518 -15.76 23.66 19.90
CA SER B 518 -16.51 24.33 18.84
C SER B 518 -15.88 24.11 17.47
N GLY B 519 -14.55 24.05 17.38
CA GLY B 519 -13.88 23.93 16.10
C GLY B 519 -14.07 22.59 15.43
N THR B 520 -14.48 21.56 16.18
CA THR B 520 -14.70 20.25 15.59
C THR B 520 -15.72 20.32 14.48
N PHE B 521 -16.77 21.11 14.65
CA PHE B 521 -17.78 21.25 13.60
C PHE B 521 -17.18 21.87 12.34
N ALA B 522 -16.32 22.87 12.50
CA ALA B 522 -15.67 23.46 11.34
C ALA B 522 -14.78 22.43 10.62
N LEU B 523 -14.03 21.64 11.39
CA LEU B 523 -13.18 20.63 10.77
C LEU B 523 -14.01 19.59 10.02
N ILE B 524 -15.12 19.15 10.62
CA ILE B 524 -15.95 18.14 9.97
C ILE B 524 -16.62 18.72 8.73
N GLY B 525 -17.02 19.98 8.78
CA GLY B 525 -17.58 20.61 7.60
C GLY B 525 -16.58 20.69 6.46
N ALA B 526 -15.33 21.06 6.78
CA ALA B 526 -14.29 21.09 5.75
C ALA B 526 -14.05 19.71 5.16
N ALA B 527 -13.98 18.69 6.02
CA ALA B 527 -13.76 17.34 5.53
C ALA B 527 -14.91 16.89 4.64
N ALA B 528 -16.15 17.19 5.03
CA ALA B 528 -17.31 16.84 4.23
C ALA B 528 -17.30 17.54 2.87
N PHE B 529 -16.94 18.83 2.84
CA PHE B 529 -16.90 19.51 1.55
C PHE B 529 -15.79 18.98 0.64
N LEU B 530 -14.62 18.66 1.19
CA LEU B 530 -13.61 18.01 0.35
C LEU B 530 -14.11 16.68 -0.17
N GLY B 531 -14.72 15.86 0.70
CA GLY B 531 -15.24 14.58 0.24
C GLY B 531 -16.26 14.74 -0.86
N GLY B 532 -17.10 15.78 -0.77
CA GLY B 532 -18.06 16.03 -1.82
C GLY B 532 -17.42 16.46 -3.12
N VAL B 533 -16.39 17.31 -3.04
CA VAL B 533 -15.82 17.90 -4.26
C VAL B 533 -14.87 16.93 -4.95
N VAL B 534 -13.82 16.50 -4.26
CA VAL B 534 -12.79 15.71 -4.92
C VAL B 534 -13.06 14.22 -4.87
N ARG B 535 -13.77 13.74 -3.84
CA ARG B 535 -14.15 12.33 -3.71
C ARG B 535 -12.91 11.43 -3.69
N MET B 536 -11.98 11.71 -2.79
CA MET B 536 -10.82 10.86 -2.59
C MET B 536 -10.97 10.09 -1.28
N THR B 537 -10.31 8.94 -1.22
CA THR B 537 -10.35 8.08 -0.05
C THR B 537 -8.93 7.62 0.29
N ILE B 538 -8.80 7.02 1.47
CA ILE B 538 -7.54 6.49 1.97
C ILE B 538 -6.51 7.60 2.09
N SER B 539 -6.09 8.16 0.95
CA SER B 539 -5.08 9.22 0.98
C SER B 539 -5.61 10.47 1.68
N LEU B 540 -6.84 10.88 1.36
CA LEU B 540 -7.40 12.08 1.95
C LEU B 540 -7.58 11.93 3.46
N THR B 541 -8.04 10.76 3.90
CA THR B 541 -8.23 10.53 5.33
C THR B 541 -6.91 10.66 6.08
N VAL B 542 -5.86 10.04 5.58
CA VAL B 542 -4.57 10.11 6.24
C VAL B 542 -4.03 11.54 6.21
N ILE B 543 -4.19 12.23 5.09
CA ILE B 543 -3.71 13.61 5.00
C ILE B 543 -4.38 14.47 6.05
N LEU B 544 -5.71 14.35 6.17
CA LEU B 544 -6.43 15.16 7.16
C LEU B 544 -6.03 14.79 8.58
N ILE B 545 -5.88 13.49 8.86
CA ILE B 545 -5.53 13.07 10.22
C ILE B 545 -4.17 13.60 10.62
N GLU B 546 -3.17 13.48 9.74
CA GLU B 546 -1.83 13.94 10.10
C GLU B 546 -1.68 15.44 10.00
N SER B 547 -2.59 16.14 9.31
CA SER B 547 -2.59 17.59 9.39
C SER B 547 -3.19 18.06 10.71
N THR B 548 -4.24 17.37 11.18
CA THR B 548 -4.89 17.73 12.43
C THR B 548 -3.95 17.55 13.63
N ASN B 549 -3.02 16.60 13.54
CA ASN B 549 -2.10 16.29 14.62
C ASN B 549 -2.82 15.74 15.85
N GLU B 550 -3.94 15.04 15.63
CA GLU B 550 -4.71 14.44 16.71
C GLU B 550 -5.30 13.14 16.19
N ILE B 551 -4.72 12.01 16.61
CA ILE B 551 -5.20 10.72 16.13
C ILE B 551 -6.62 10.43 16.59
N THR B 552 -7.07 11.05 17.68
CA THR B 552 -8.41 10.79 18.20
C THR B 552 -9.50 11.25 17.25
N TYR B 553 -9.16 12.06 16.24
CA TYR B 553 -10.10 12.44 15.19
C TYR B 553 -10.16 11.41 14.07
N GLY B 554 -9.72 10.17 14.32
CA GLY B 554 -9.72 9.17 13.27
C GLY B 554 -11.11 8.81 12.79
N LEU B 555 -12.04 8.61 13.72
CA LEU B 555 -13.37 8.13 13.35
C LEU B 555 -14.28 9.22 12.79
N PRO B 556 -14.43 10.38 13.45
CA PRO B 556 -15.39 11.38 12.93
C PRO B 556 -15.07 11.83 11.52
N ILE B 557 -13.80 11.98 11.19
CA ILE B 557 -13.43 12.37 9.83
C ILE B 557 -13.83 11.29 8.84
N MET B 558 -13.43 10.05 9.11
CA MET B 558 -13.55 9.00 8.11
C MET B 558 -15.01 8.69 7.80
N VAL B 559 -15.85 8.55 8.84
CA VAL B 559 -17.26 8.29 8.63
C VAL B 559 -17.95 9.45 7.92
N THR B 560 -17.28 10.60 7.81
CA THR B 560 -17.79 11.68 6.99
C THR B 560 -17.31 11.58 5.55
N LEU B 561 -16.06 11.12 5.34
CA LEU B 561 -15.57 10.94 3.99
C LEU B 561 -16.30 9.83 3.26
N MET B 562 -16.60 8.73 3.94
CA MET B 562 -17.26 7.61 3.28
C MET B 562 -18.75 7.81 3.08
N VAL B 563 -19.34 8.80 3.73
CA VAL B 563 -20.75 9.13 3.50
C VAL B 563 -20.90 10.19 2.41
N ALA B 564 -20.17 11.29 2.55
CA ALA B 564 -20.22 12.33 1.53
C ALA B 564 -19.86 11.80 0.15
N LYS B 565 -18.96 10.82 0.08
CA LYS B 565 -18.69 10.16 -1.18
C LYS B 565 -19.92 9.40 -1.67
N TRP B 566 -20.49 8.55 -0.81
CA TRP B 566 -21.62 7.73 -1.24
C TRP B 566 -22.81 8.58 -1.63
N THR B 567 -23.04 9.69 -0.94
CA THR B 567 -24.10 10.61 -1.34
C THR B 567 -23.80 11.23 -2.69
N GLY B 568 -22.54 11.58 -2.95
CA GLY B 568 -22.22 12.29 -4.17
C GLY B 568 -22.20 11.41 -5.41
N ASP B 569 -21.82 10.15 -5.26
CA ASP B 569 -21.68 9.27 -6.42
C ASP B 569 -23.00 9.05 -7.13
N PHE B 570 -24.12 9.35 -6.49
CA PHE B 570 -25.41 9.27 -7.16
C PHE B 570 -25.48 10.26 -8.33
N PHE B 571 -24.94 11.46 -8.14
CA PHE B 571 -25.12 12.51 -9.13
C PHE B 571 -23.96 12.60 -10.12
N ASN B 572 -22.74 12.81 -9.64
CA ASN B 572 -21.62 13.05 -10.52
C ASN B 572 -20.35 12.47 -9.92
N LYS B 573 -19.35 12.30 -10.77
CA LYS B 573 -18.02 11.86 -10.32
C LYS B 573 -17.27 13.05 -9.73
N GLY B 574 -15.99 12.86 -9.43
CA GLY B 574 -15.19 13.93 -8.86
C GLY B 574 -14.79 14.96 -9.88
N ILE B 575 -14.20 16.05 -9.38
CA ILE B 575 -13.75 17.13 -10.25
C ILE B 575 -12.66 16.62 -11.19
N TYR B 576 -11.70 15.88 -10.66
CA TYR B 576 -10.59 15.41 -11.49
C TYR B 576 -11.07 14.43 -12.55
N ASP B 577 -11.99 13.54 -12.19
CA ASP B 577 -12.53 12.61 -13.18
C ASP B 577 -13.29 13.35 -14.27
N ILE B 578 -14.05 14.37 -13.90
CA ILE B 578 -14.78 15.16 -14.89
C ILE B 578 -13.81 15.86 -15.83
N HIS B 579 -12.77 16.48 -15.27
CA HIS B 579 -11.85 17.25 -16.09
C HIS B 579 -10.89 16.38 -16.88
N VAL B 580 -10.74 15.11 -16.53
CA VAL B 580 -9.95 14.22 -17.37
C VAL B 580 -10.80 13.51 -18.41
N GLY B 581 -12.09 13.30 -18.14
CA GLY B 581 -12.97 12.74 -19.14
C GLY B 581 -13.29 13.71 -20.26
N LEU B 582 -13.19 15.01 -19.98
CA LEU B 582 -13.41 16.01 -21.00
C LEU B 582 -12.28 16.02 -22.03
N ARG B 583 -11.06 15.74 -21.57
CA ARG B 583 -9.92 15.71 -22.47
C ARG B 583 -9.94 14.50 -23.40
N GLY B 584 -10.78 13.51 -23.12
CA GLY B 584 -10.84 12.31 -23.92
C GLY B 584 -9.77 11.28 -23.62
N VAL B 585 -8.99 11.49 -22.56
CA VAL B 585 -7.91 10.54 -22.24
C VAL B 585 -8.52 9.23 -21.79
N PRO B 586 -8.04 8.08 -22.29
CA PRO B 586 -8.54 6.79 -21.79
C PRO B 586 -7.90 6.41 -20.47
N LEU B 587 -8.72 6.20 -19.43
CA LEU B 587 -8.24 5.84 -18.12
C LEU B 587 -8.84 4.49 -17.70
N LEU B 588 -8.01 3.65 -17.10
CA LEU B 588 -8.49 2.39 -16.56
C LEU B 588 -9.03 2.60 -15.14
N GLU B 589 -10.24 2.09 -14.90
CA GLU B 589 -10.85 2.18 -13.58
C GLU B 589 -10.19 1.19 -12.63
N TRP B 590 -10.58 1.27 -11.35
CA TRP B 590 -9.96 0.40 -10.35
C TRP B 590 -10.36 -1.05 -10.54
N GLU B 591 -11.66 -1.32 -10.68
CA GLU B 591 -12.17 -2.68 -10.75
C GLU B 591 -13.29 -2.76 -11.79
N THR B 592 -13.57 -3.97 -12.24
CA THR B 592 -14.60 -4.24 -13.23
C THR B 592 -15.78 -4.93 -12.56
N GLU B 593 -16.97 -4.64 -13.06
CA GLU B 593 -18.19 -5.23 -12.52
C GLU B 593 -18.27 -6.71 -12.86
N VAL B 594 -19.18 -7.41 -12.18
CA VAL B 594 -19.34 -8.84 -12.39
C VAL B 594 -19.87 -9.11 -13.79
N GLU B 595 -20.75 -8.25 -14.29
CA GLU B 595 -21.22 -8.39 -15.67
C GLU B 595 -20.07 -8.27 -16.65
N MET B 596 -19.09 -7.40 -16.35
CA MET B 596 -17.89 -7.34 -17.18
C MET B 596 -17.11 -8.64 -17.10
N ASP B 597 -17.12 -9.28 -15.93
CA ASP B 597 -16.45 -10.58 -15.80
C ASP B 597 -17.17 -11.66 -16.60
N LYS B 598 -18.47 -11.48 -16.83
CA LYS B 598 -19.20 -12.47 -17.61
C LYS B 598 -18.67 -12.55 -19.04
N LEU B 599 -18.08 -11.46 -19.53
CA LEU B 599 -17.47 -11.46 -20.85
C LEU B 599 -16.17 -12.26 -20.84
N ARG B 600 -15.73 -12.65 -22.03
CA ARG B 600 -14.49 -13.40 -22.21
C ARG B 600 -13.44 -12.53 -22.89
N ALA B 601 -12.24 -13.08 -23.04
CA ALA B 601 -11.16 -12.33 -23.67
C ALA B 601 -11.25 -12.35 -25.19
N SER B 602 -11.94 -13.34 -25.75
CA SER B 602 -12.03 -13.43 -27.21
C SER B 602 -12.89 -12.32 -27.80
N ASP B 603 -13.71 -11.66 -26.96
CA ASP B 603 -14.64 -10.67 -27.48
C ASP B 603 -14.05 -9.27 -27.52
N ILE B 604 -12.95 -9.02 -26.80
CA ILE B 604 -12.38 -7.68 -26.75
C ILE B 604 -11.09 -7.54 -27.54
N MET B 605 -10.48 -8.64 -27.96
CA MET B 605 -9.24 -8.58 -28.72
C MET B 605 -9.50 -8.06 -30.14
N GLU B 606 -8.43 -7.67 -30.81
CA GLU B 606 -8.51 -7.17 -32.18
C GLU B 606 -7.99 -8.23 -33.14
N PRO B 607 -8.86 -8.87 -33.92
CA PRO B 607 -8.39 -9.96 -34.79
C PRO B 607 -7.39 -9.55 -35.84
N ASN B 608 -7.41 -8.28 -36.28
CA ASN B 608 -6.47 -7.85 -37.30
C ASN B 608 -5.12 -7.56 -36.68
N LEU B 609 -4.05 -7.95 -37.39
CA LEU B 609 -2.69 -7.85 -36.88
C LEU B 609 -1.75 -7.29 -37.93
N THR B 610 -0.68 -6.65 -37.46
CA THR B 610 0.47 -6.30 -38.27
C THR B 610 1.68 -7.04 -37.72
N TYR B 611 2.35 -7.81 -38.58
CA TYR B 611 3.35 -8.75 -38.12
C TYR B 611 4.69 -8.50 -38.81
N VAL B 612 5.75 -8.98 -38.16
CA VAL B 612 7.11 -8.87 -38.67
C VAL B 612 7.76 -10.24 -38.59
N TYR B 613 8.18 -10.78 -39.73
CA TYR B 613 8.94 -12.02 -39.72
C TYR B 613 10.34 -11.77 -39.19
N PRO B 614 10.94 -12.73 -38.48
CA PRO B 614 12.38 -12.66 -38.23
C PRO B 614 13.14 -12.80 -39.55
N HIS B 615 14.28 -12.10 -39.63
CA HIS B 615 15.05 -12.01 -40.86
C HIS B 615 14.18 -11.49 -42.01
N THR B 616 13.71 -10.25 -41.85
CA THR B 616 12.75 -9.66 -42.77
C THR B 616 13.42 -8.68 -43.72
N ARG B 617 12.68 -8.32 -44.77
CA ARG B 617 13.17 -7.38 -45.77
C ARG B 617 13.09 -5.95 -45.25
N ILE B 618 14.10 -5.16 -45.57
CA ILE B 618 14.14 -3.77 -45.12
C ILE B 618 13.02 -2.96 -45.78
N GLN B 619 12.70 -3.28 -47.04
CA GLN B 619 11.63 -2.58 -47.74
C GLN B 619 10.30 -2.80 -47.03
N SER B 620 10.03 -4.04 -46.63
CA SER B 620 8.80 -4.32 -45.89
C SER B 620 8.79 -3.57 -44.56
N LEU B 621 9.95 -3.50 -43.89
CA LEU B 621 10.04 -2.77 -42.63
C LEU B 621 9.66 -1.31 -42.83
N VAL B 622 10.28 -0.64 -43.81
CA VAL B 622 10.02 0.78 -43.98
C VAL B 622 8.58 0.99 -44.42
N SER B 623 8.05 0.09 -45.25
CA SER B 623 6.66 0.24 -45.70
C SER B 623 5.69 0.14 -44.52
N ILE B 624 5.89 -0.84 -43.64
CA ILE B 624 4.95 -1.01 -42.54
C ILE B 624 5.13 0.09 -41.50
N LEU B 625 6.35 0.57 -41.29
CA LEU B 625 6.54 1.69 -40.37
C LEU B 625 5.88 2.97 -40.89
N ARG B 626 5.96 3.22 -42.19
CA ARG B 626 5.34 4.44 -42.71
C ARG B 626 3.83 4.32 -42.78
N THR B 627 3.32 3.16 -43.21
CA THR B 627 1.88 3.03 -43.42
C THR B 627 1.11 2.97 -42.11
N THR B 628 1.59 2.20 -41.16
CA THR B 628 0.86 1.91 -39.92
C THR B 628 1.26 2.86 -38.81
N VAL B 629 0.43 2.89 -37.77
CA VAL B 629 0.63 3.76 -36.61
C VAL B 629 0.89 2.98 -35.33
N HIS B 630 0.76 1.66 -35.36
CA HIS B 630 0.93 0.85 -34.16
C HIS B 630 2.35 0.97 -33.63
N HIS B 631 2.49 0.96 -32.31
CA HIS B 631 3.78 1.15 -31.66
C HIS B 631 4.53 -0.15 -31.41
N ALA B 632 3.89 -1.31 -31.56
CA ALA B 632 4.56 -2.58 -31.36
C ALA B 632 4.07 -3.59 -32.38
N PHE B 633 4.95 -4.52 -32.74
CA PHE B 633 4.65 -5.53 -33.74
C PHE B 633 4.98 -6.92 -33.19
N PRO B 634 4.07 -7.87 -33.27
CA PRO B 634 4.39 -9.25 -32.85
C PRO B 634 5.24 -9.94 -33.90
N VAL B 635 6.48 -10.25 -33.53
CA VAL B 635 7.38 -11.02 -34.37
C VAL B 635 6.89 -12.46 -34.36
N VAL B 636 6.46 -12.93 -35.53
CA VAL B 636 5.83 -14.25 -35.69
C VAL B 636 6.41 -14.92 -36.93
N THR B 637 6.06 -16.19 -37.09
CA THR B 637 6.51 -17.01 -38.20
C THR B 637 5.31 -17.72 -38.81
N GLU B 638 5.35 -17.91 -40.13
CA GLU B 638 4.27 -18.61 -40.82
C GLU B 638 4.18 -20.05 -40.32
N ASN B 639 2.95 -20.53 -40.14
CA ASN B 639 2.76 -21.87 -39.59
C ASN B 639 2.61 -22.91 -40.68
N ARG B 640 2.02 -22.55 -41.81
CA ARG B 640 1.81 -23.49 -42.91
C ARG B 640 3.06 -23.64 -43.76
N GLY B 649 12.56 -14.05 -50.62
CA GLY B 649 13.85 -14.64 -50.99
C GLY B 649 14.04 -16.03 -50.44
N ASN B 650 14.82 -16.85 -51.17
CA ASN B 650 15.09 -18.21 -50.71
C ASN B 650 15.89 -18.21 -49.42
N GLN B 651 16.88 -17.33 -49.32
CA GLN B 651 17.67 -17.25 -48.08
C GLN B 651 16.80 -16.80 -46.92
N LEU B 652 15.90 -15.85 -47.15
CA LEU B 652 14.97 -15.42 -46.11
C LEU B 652 14.17 -16.58 -45.58
N ILE B 653 13.56 -17.36 -46.48
CA ILE B 653 12.72 -18.48 -46.05
C ILE B 653 13.56 -19.54 -45.35
N SER B 654 14.74 -19.83 -45.88
CA SER B 654 15.59 -20.83 -45.24
C SER B 654 15.98 -20.42 -43.83
N ASN B 655 16.34 -19.14 -43.65
CA ASN B 655 16.68 -18.65 -42.31
C ASN B 655 15.48 -18.71 -41.38
N ASN B 656 14.28 -18.38 -41.89
CA ASN B 656 13.09 -18.45 -41.06
C ASN B 656 12.83 -19.89 -40.59
N ILE B 657 12.97 -20.86 -41.48
CA ILE B 657 12.74 -22.25 -41.10
C ILE B 657 13.80 -22.72 -40.11
N LYS B 658 15.06 -22.31 -40.33
CA LYS B 658 16.11 -22.66 -39.38
C LYS B 658 15.83 -22.10 -38.01
N PHE B 659 15.38 -20.84 -37.94
CA PHE B 659 15.05 -20.25 -36.65
C PHE B 659 13.87 -20.97 -36.01
N LYS B 660 12.87 -21.36 -36.81
CA LYS B 660 11.71 -22.04 -36.26
C LYS B 660 12.09 -23.37 -35.64
N LYS B 661 12.96 -24.14 -36.31
CA LYS B 661 13.47 -25.36 -35.69
C LYS B 661 14.41 -25.11 -34.51
N SER B 662 15.19 -24.02 -34.52
CA SER B 662 16.13 -23.80 -33.42
C SER B 662 15.44 -23.29 -32.16
N SER B 663 14.31 -22.59 -32.31
CA SER B 663 13.70 -21.91 -31.17
C SER B 663 12.94 -22.88 -30.27
N ILE B 664 12.33 -23.91 -30.84
CA ILE B 664 11.44 -24.78 -30.07
C ILE B 664 12.26 -25.62 -29.09
N LEU B 665 11.74 -25.74 -27.86
CA LEU B 665 12.39 -26.53 -26.81
C LEU B 665 11.36 -27.53 -26.29
N THR B 666 11.63 -28.81 -26.48
CA THR B 666 10.74 -29.86 -26.03
C THR B 666 11.14 -30.35 -24.64
N ARG B 667 10.15 -30.91 -23.92
CA ARG B 667 10.42 -31.37 -22.56
C ARG B 667 11.42 -32.51 -22.55
N ALA B 668 11.34 -33.42 -23.53
CA ALA B 668 12.32 -34.48 -23.64
C ALA B 668 13.71 -33.91 -23.85
N GLY B 669 13.82 -32.88 -24.69
CA GLY B 669 15.12 -32.25 -24.90
C GLY B 669 15.67 -31.60 -23.64
N GLU B 670 14.80 -30.94 -22.87
CA GLU B 670 15.26 -30.31 -21.64
C GLU B 670 15.69 -31.35 -20.62
N GLN B 671 14.94 -32.45 -20.51
CA GLN B 671 15.34 -33.52 -19.60
C GLN B 671 16.66 -34.13 -20.00
N ARG B 672 16.86 -34.33 -21.31
CA ARG B 672 18.14 -34.84 -21.80
C ARG B 672 19.28 -33.88 -21.50
N LYS B 673 19.02 -32.58 -21.68
CA LYS B 673 20.05 -31.58 -21.38
C LYS B 673 20.42 -31.59 -19.91
N ARG B 674 19.43 -31.71 -19.01
CA ARG B 674 19.73 -31.79 -17.59
C ARG B 674 20.50 -33.06 -17.26
N SER B 675 20.11 -34.19 -17.84
CA SER B 675 20.78 -35.45 -17.56
C SER B 675 22.24 -35.42 -18.03
N GLN B 676 22.48 -34.90 -19.23
CA GLN B 676 23.84 -34.82 -19.74
C GLN B 676 24.70 -33.90 -18.90
N SER B 677 24.15 -32.76 -18.49
CA SER B 677 24.86 -31.76 -17.70
C SER B 677 26.17 -31.33 -18.37
N THR B 731 -7.70 -13.58 -50.78
CA THR B 731 -8.98 -13.66 -50.11
C THR B 731 -8.83 -13.47 -48.60
N MET B 732 -9.91 -13.73 -47.85
CA MET B 732 -9.85 -13.57 -46.41
C MET B 732 -8.98 -14.64 -45.76
N GLU B 733 -8.93 -15.85 -46.32
CA GLU B 733 -8.08 -16.89 -45.75
C GLU B 733 -6.62 -16.50 -45.86
N GLU B 734 -6.22 -15.89 -46.97
CA GLU B 734 -4.87 -15.35 -47.07
C GLU B 734 -4.65 -14.23 -46.06
N ARG B 735 -5.66 -13.38 -45.86
CA ARG B 735 -5.54 -12.29 -44.90
C ARG B 735 -5.40 -12.82 -43.48
N PHE B 736 -6.17 -13.83 -43.12
CA PHE B 736 -6.15 -14.39 -41.77
C PHE B 736 -5.49 -15.77 -41.85
N ARG B 737 -4.19 -15.81 -41.55
CA ARG B 737 -3.36 -16.99 -41.71
C ARG B 737 -2.83 -17.45 -40.36
N PRO B 738 -2.67 -18.76 -40.16
CA PRO B 738 -2.10 -19.24 -38.90
C PRO B 738 -0.64 -18.80 -38.75
N LEU B 739 -0.34 -18.18 -37.62
CA LEU B 739 0.98 -17.66 -37.32
C LEU B 739 1.39 -18.11 -35.93
N THR B 740 2.66 -18.48 -35.76
CA THR B 740 3.18 -18.89 -34.46
C THR B 740 3.85 -17.70 -33.79
N PHE B 741 3.43 -17.40 -32.57
CA PHE B 741 3.94 -16.23 -31.85
C PHE B 741 5.36 -16.50 -31.36
N HIS B 742 6.26 -15.55 -31.61
CA HIS B 742 7.64 -15.67 -31.17
C HIS B 742 8.11 -14.54 -30.27
N GLY B 743 7.59 -13.33 -30.44
CA GLY B 743 7.97 -12.25 -29.55
C GLY B 743 7.28 -10.96 -29.91
N LEU B 744 7.71 -9.89 -29.25
CA LEU B 744 7.21 -8.54 -29.51
C LEU B 744 8.38 -7.61 -29.75
N ILE B 745 8.25 -6.71 -30.74
CA ILE B 745 9.29 -5.74 -31.05
C ILE B 745 8.67 -4.35 -31.06
N LEU B 746 9.34 -3.39 -30.43
CA LEU B 746 8.82 -2.03 -30.36
C LEU B 746 9.25 -1.24 -31.59
N ARG B 747 8.45 -0.22 -31.93
CA ARG B 747 8.77 0.61 -33.08
C ARG B 747 10.09 1.35 -32.89
N SER B 748 10.37 1.76 -31.65
CA SER B 748 11.59 2.53 -31.39
C SER B 748 12.83 1.73 -31.72
N GLN B 749 12.86 0.45 -31.34
CA GLN B 749 14.02 -0.38 -31.66
C GLN B 749 14.16 -0.58 -33.16
N LEU B 750 13.05 -0.75 -33.87
CA LEU B 750 13.12 -0.87 -35.32
C LEU B 750 13.67 0.39 -35.97
N VAL B 751 13.23 1.56 -35.49
CA VAL B 751 13.75 2.82 -36.03
C VAL B 751 15.23 2.95 -35.74
N THR B 752 15.66 2.57 -34.53
CA THR B 752 17.08 2.62 -34.20
C THR B 752 17.89 1.70 -35.11
N LEU B 753 17.37 0.49 -35.36
CA LEU B 753 18.07 -0.43 -36.25
C LEU B 753 18.17 0.14 -37.66
N LEU B 754 17.10 0.76 -38.14
CA LEU B 754 17.12 1.35 -39.48
C LEU B 754 18.11 2.50 -39.56
N VAL B 755 18.20 3.31 -38.50
CA VAL B 755 19.12 4.45 -38.52
C VAL B 755 20.55 3.98 -38.67
N ARG B 756 20.93 2.96 -37.89
CA ARG B 756 22.27 2.41 -38.02
C ARG B 756 22.31 1.39 -39.16
N GLY B 757 23.52 0.95 -39.49
CA GLY B 757 23.68 -0.02 -40.55
C GLY B 757 23.50 -1.45 -40.07
N VAL B 758 22.29 -1.82 -39.71
CA VAL B 758 22.00 -3.13 -39.12
C VAL B 758 21.30 -3.95 -40.21
N CYS B 759 22.09 -4.72 -40.96
CA CYS B 759 21.56 -5.55 -42.03
C CYS B 759 22.69 -6.43 -42.54
N TYR B 760 22.32 -7.48 -43.28
CA TYR B 760 23.28 -8.35 -43.94
C TYR B 760 22.74 -8.76 -45.29
N SER B 761 23.65 -8.98 -46.23
CA SER B 761 23.27 -9.37 -47.58
C SER B 761 22.70 -10.79 -47.59
N GLU B 762 21.92 -11.07 -48.63
CA GLU B 762 21.31 -12.40 -48.75
C GLU B 762 22.37 -13.48 -48.88
N SER B 763 23.41 -13.23 -49.67
CA SER B 763 24.48 -14.21 -49.83
C SER B 763 25.22 -14.45 -48.52
N GLN B 764 25.48 -13.38 -47.77
CA GLN B 764 26.15 -13.51 -46.48
C GLN B 764 25.20 -14.11 -45.44
N SER B 765 25.77 -14.92 -44.55
CA SER B 765 24.98 -15.53 -43.49
C SER B 765 24.61 -14.48 -42.44
N SER B 766 23.67 -14.87 -41.57
CA SER B 766 23.20 -13.97 -40.52
C SER B 766 24.19 -13.84 -39.37
N ALA B 767 25.28 -14.61 -39.38
CA ALA B 767 26.24 -14.54 -38.28
C ALA B 767 26.88 -13.16 -38.19
N SER B 768 27.22 -12.57 -39.33
CA SER B 768 27.81 -11.24 -39.32
C SER B 768 26.76 -10.18 -39.04
N GLN B 769 27.03 -9.31 -38.08
CA GLN B 769 26.10 -8.28 -37.66
C GLN B 769 26.85 -7.27 -36.82
N PRO B 770 26.49 -5.98 -36.90
CA PRO B 770 27.16 -4.99 -36.03
C PRO B 770 27.04 -5.30 -34.55
N ARG B 771 25.90 -5.86 -34.11
CA ARG B 771 25.70 -6.27 -32.72
C ARG B 771 25.88 -5.10 -31.77
N LEU B 772 24.94 -4.15 -31.87
CA LEU B 772 24.99 -2.95 -31.05
C LEU B 772 24.91 -3.29 -29.57
N SER B 773 25.55 -2.45 -28.76
CA SER B 773 25.53 -2.65 -27.32
C SER B 773 24.41 -1.85 -26.67
N TYR B 774 24.26 -2.04 -25.35
CA TYR B 774 23.20 -1.36 -24.62
C TYR B 774 23.38 0.16 -24.64
N ALA B 775 24.61 0.63 -24.49
CA ALA B 775 24.85 2.07 -24.46
C ALA B 775 24.48 2.72 -25.79
N GLU B 776 24.79 2.06 -26.90
CA GLU B 776 24.46 2.62 -28.21
C GLU B 776 22.95 2.74 -28.40
N MET B 777 22.20 1.73 -27.95
CA MET B 777 20.75 1.80 -28.03
C MET B 777 20.20 2.90 -27.13
N ALA B 778 20.77 3.03 -25.92
CA ALA B 778 20.24 4.01 -24.96
C ALA B 778 20.66 5.42 -25.31
N GLU B 779 21.66 5.59 -26.20
CA GLU B 779 22.12 6.92 -26.55
C GLU B 779 20.99 7.77 -27.15
N ASP B 780 20.08 7.13 -27.87
CA ASP B 780 18.95 7.83 -28.48
C ASP B 780 17.68 7.74 -27.66
N TYR B 781 17.76 7.29 -26.41
CA TYR B 781 16.54 7.07 -25.63
C TYR B 781 15.70 8.32 -25.42
N PRO B 782 16.22 9.46 -24.97
CA PRO B 782 15.32 10.58 -24.62
C PRO B 782 14.46 11.05 -25.77
N ARG B 783 14.99 11.08 -26.99
CA ARG B 783 14.26 11.55 -28.16
C ARG B 783 14.41 10.52 -29.28
N TYR B 784 13.28 9.95 -29.71
CA TYR B 784 13.26 8.93 -30.75
C TYR B 784 12.93 9.54 -32.10
N PRO B 785 13.84 9.46 -33.08
CA PRO B 785 13.56 10.07 -34.38
C PRO B 785 12.35 9.46 -35.07
N ASP B 786 11.61 10.29 -35.78
CA ASP B 786 10.47 9.81 -36.56
C ASP B 786 10.94 9.18 -37.86
N ILE B 787 10.14 8.25 -38.37
CA ILE B 787 10.47 7.60 -39.64
C ILE B 787 10.40 8.59 -40.79
N HIS B 788 9.40 9.48 -40.78
CA HIS B 788 9.31 10.49 -41.83
C HIS B 788 10.44 11.50 -41.74
N ASP B 789 10.96 11.72 -40.52
CA ASP B 789 12.10 12.62 -40.36
C ASP B 789 13.33 12.08 -41.08
N LEU B 790 13.52 10.76 -41.04
CA LEU B 790 14.70 10.16 -41.66
C LEU B 790 14.66 10.32 -43.18
N ASP B 791 15.84 10.58 -43.76
CA ASP B 791 15.93 10.74 -45.20
C ASP B 791 15.63 9.44 -45.93
N LEU B 792 16.13 8.32 -45.42
CA LEU B 792 15.91 6.97 -45.92
C LEU B 792 16.54 6.73 -47.29
N THR B 793 17.28 7.69 -47.85
CA THR B 793 17.91 7.47 -49.14
C THR B 793 19.07 6.49 -49.05
N LEU B 794 19.79 6.52 -47.93
CA LEU B 794 20.96 5.65 -47.78
C LEU B 794 20.57 4.18 -47.71
N LEU B 795 19.41 3.88 -47.13
CA LEU B 795 19.00 2.50 -46.94
C LEU B 795 18.81 1.81 -48.28
N ASN B 796 19.37 0.61 -48.40
CA ASN B 796 19.32 -0.18 -49.63
C ASN B 796 18.22 -1.22 -49.53
N PRO B 797 17.22 -1.18 -50.40
CA PRO B 797 16.14 -2.17 -50.32
C PRO B 797 16.62 -3.57 -50.63
N ARG B 798 15.71 -4.53 -50.48
CA ARG B 798 16.00 -5.95 -50.68
C ARG B 798 17.18 -6.40 -49.82
N MET B 799 17.19 -5.93 -48.57
CA MET B 799 18.27 -6.22 -47.63
C MET B 799 17.66 -6.79 -46.37
N ILE B 800 18.20 -7.91 -45.89
CA ILE B 800 17.61 -8.62 -44.77
C ILE B 800 18.08 -8.02 -43.46
N VAL B 801 17.14 -7.78 -42.54
CA VAL B 801 17.43 -7.26 -41.21
C VAL B 801 17.00 -8.30 -40.20
N ASP B 802 17.89 -8.63 -39.27
CA ASP B 802 17.61 -9.60 -38.22
C ASP B 802 17.15 -8.88 -36.97
N VAL B 803 15.96 -9.22 -36.49
CA VAL B 803 15.39 -8.63 -35.29
C VAL B 803 15.28 -9.61 -34.15
N THR B 804 15.74 -10.85 -34.33
CA THR B 804 15.65 -11.83 -33.25
C THR B 804 16.41 -11.42 -31.99
N PRO B 805 17.66 -10.97 -32.05
CA PRO B 805 18.35 -10.60 -30.80
C PRO B 805 17.69 -9.47 -30.04
N TYR B 806 17.11 -8.49 -30.72
CA TYR B 806 16.65 -7.27 -30.07
C TYR B 806 15.19 -7.29 -29.69
N MET B 807 14.48 -8.39 -29.92
CA MET B 807 13.07 -8.48 -29.55
C MET B 807 12.94 -8.95 -28.11
N ASN B 808 11.71 -8.85 -27.60
CA ASN B 808 11.39 -9.33 -26.26
C ASN B 808 10.83 -10.75 -26.35
N PRO B 809 11.66 -11.76 -26.10
CA PRO B 809 11.23 -13.15 -26.37
C PRO B 809 10.04 -13.60 -25.56
N SER B 810 9.87 -13.13 -24.34
CA SER B 810 8.88 -13.68 -23.41
C SER B 810 8.03 -12.59 -22.80
N PRO B 811 7.08 -12.04 -23.54
CA PRO B 811 6.07 -11.16 -22.94
C PRO B 811 4.99 -11.97 -22.25
N PHE B 812 4.24 -11.30 -21.39
CA PHE B 812 3.13 -11.95 -20.72
C PHE B 812 2.00 -12.21 -21.71
N THR B 813 1.55 -13.46 -21.78
CA THR B 813 0.50 -13.87 -22.69
C THR B 813 -0.68 -14.41 -21.90
N VAL B 814 -1.80 -14.59 -22.57
CA VAL B 814 -3.01 -15.10 -21.93
C VAL B 814 -3.83 -15.88 -22.94
N SER B 815 -4.51 -16.92 -22.47
CA SER B 815 -5.30 -17.77 -23.35
C SER B 815 -6.62 -17.09 -23.71
N PRO B 816 -7.15 -17.35 -24.90
CA PRO B 816 -8.41 -16.70 -25.29
C PRO B 816 -9.59 -17.09 -24.43
N ASN B 817 -9.52 -18.22 -23.71
CA ASN B 817 -10.63 -18.66 -22.88
C ASN B 817 -10.68 -17.96 -21.54
N THR B 818 -9.69 -17.13 -21.21
CA THR B 818 -9.69 -16.45 -19.92
C THR B 818 -10.79 -15.40 -19.87
N HIS B 819 -11.11 -14.97 -18.65
CA HIS B 819 -12.15 -13.99 -18.44
C HIS B 819 -11.58 -12.59 -18.31
N VAL B 820 -12.47 -11.59 -18.35
CA VAL B 820 -12.03 -10.21 -18.44
C VAL B 820 -11.35 -9.75 -17.16
N SER B 821 -11.78 -10.24 -15.99
CA SER B 821 -11.21 -9.76 -14.74
C SER B 821 -9.72 -10.08 -14.64
N GLN B 822 -9.32 -11.30 -15.03
CA GLN B 822 -7.91 -11.66 -14.99
C GLN B 822 -7.09 -10.79 -15.94
N VAL B 823 -7.60 -10.56 -17.15
CA VAL B 823 -6.90 -9.73 -18.10
C VAL B 823 -6.73 -8.32 -17.58
N PHE B 824 -7.81 -7.76 -17.00
CA PHE B 824 -7.73 -6.42 -16.44
C PHE B 824 -6.74 -6.35 -15.29
N ASN B 825 -6.75 -7.35 -14.42
CA ASN B 825 -5.81 -7.37 -13.29
C ASN B 825 -4.38 -7.39 -13.78
N LEU B 826 -4.06 -8.27 -14.72
CA LEU B 826 -2.71 -8.30 -15.27
C LEU B 826 -2.35 -6.96 -15.90
N PHE B 827 -3.18 -6.49 -16.83
CA PHE B 827 -2.81 -5.35 -17.65
C PHE B 827 -2.72 -4.07 -16.82
N ARG B 828 -3.44 -4.02 -15.70
CA ARG B 828 -3.31 -2.89 -14.79
C ARG B 828 -2.12 -3.05 -13.85
N THR B 829 -2.15 -4.06 -12.98
CA THR B 829 -1.15 -4.13 -11.92
C THR B 829 0.25 -4.32 -12.46
N MET B 830 0.41 -5.18 -13.47
CA MET B 830 1.75 -5.32 -14.03
C MET B 830 2.17 -4.09 -14.85
N GLY B 831 1.24 -3.19 -15.14
CA GLY B 831 1.57 -1.98 -15.86
C GLY B 831 2.05 -2.18 -17.27
N LEU B 832 1.86 -3.36 -17.85
CA LEU B 832 2.40 -3.65 -19.16
C LEU B 832 1.55 -3.01 -20.25
N ARG B 833 1.85 -3.38 -21.49
CA ARG B 833 1.27 -2.78 -22.68
C ARG B 833 1.29 -3.82 -23.80
N HIS B 834 0.25 -3.82 -24.63
CA HIS B 834 0.16 -4.73 -25.76
C HIS B 834 0.19 -6.19 -25.31
N LEU B 835 -0.86 -6.58 -24.60
CA LEU B 835 -0.95 -7.94 -24.09
C LEU B 835 -1.40 -8.88 -25.22
N PRO B 836 -0.59 -9.85 -25.62
CA PRO B 836 -0.99 -10.74 -26.71
C PRO B 836 -1.81 -11.93 -26.21
N VAL B 837 -2.71 -12.37 -27.08
CA VAL B 837 -3.60 -13.50 -26.81
C VAL B 837 -3.28 -14.59 -27.83
N VAL B 838 -2.87 -15.76 -27.33
CA VAL B 838 -2.44 -16.88 -28.14
C VAL B 838 -3.20 -18.12 -27.69
N ASN B 839 -3.57 -18.97 -28.65
CA ASN B 839 -4.40 -20.13 -28.36
C ASN B 839 -3.55 -21.33 -27.94
N ALA B 840 -4.18 -22.50 -27.89
CA ALA B 840 -3.53 -23.68 -27.36
C ALA B 840 -2.44 -24.21 -28.29
N VAL B 841 -2.63 -24.08 -29.60
CA VAL B 841 -1.70 -24.66 -30.56
C VAL B 841 -0.54 -23.70 -30.81
N GLY B 842 -0.48 -22.62 -30.03
CA GLY B 842 0.58 -21.64 -30.20
C GLY B 842 0.28 -20.57 -31.23
N GLU B 843 -0.84 -20.67 -31.93
CA GLU B 843 -1.23 -19.65 -32.90
C GLU B 843 -1.56 -18.35 -32.19
N ILE B 844 -1.00 -17.24 -32.68
CA ILE B 844 -1.33 -15.94 -32.13
C ILE B 844 -2.67 -15.49 -32.69
N VAL B 845 -3.60 -15.13 -31.80
CA VAL B 845 -4.95 -14.82 -32.20
C VAL B 845 -5.29 -13.34 -32.04
N GLY B 846 -4.67 -12.63 -31.10
CA GLY B 846 -5.02 -11.23 -30.99
C GLY B 846 -4.07 -10.43 -30.13
N ILE B 847 -4.31 -9.12 -30.10
CA ILE B 847 -3.57 -8.18 -29.27
C ILE B 847 -4.57 -7.33 -28.50
N ILE B 848 -4.28 -7.06 -27.23
CA ILE B 848 -5.12 -6.23 -26.38
C ILE B 848 -4.35 -4.99 -26.00
N THR B 849 -4.95 -3.83 -26.19
CA THR B 849 -4.36 -2.53 -25.89
C THR B 849 -5.30 -1.79 -24.94
N ARG B 850 -4.77 -0.75 -24.29
CA ARG B 850 -5.55 -0.01 -23.30
C ARG B 850 -6.85 0.52 -23.87
N HIS B 851 -6.88 0.82 -25.18
CA HIS B 851 -8.12 1.27 -25.81
C HIS B 851 -9.22 0.21 -25.74
N ASN B 852 -8.85 -1.07 -25.58
CA ASN B 852 -9.84 -2.12 -25.54
C ASN B 852 -10.40 -2.34 -24.13
N LEU B 853 -9.77 -1.74 -23.12
CA LEU B 853 -10.15 -1.97 -21.73
C LEU B 853 -10.78 -0.75 -21.06
N THR B 854 -11.07 0.30 -21.81
CA THR B 854 -11.77 1.43 -21.22
C THR B 854 -13.21 1.05 -20.89
N TYR B 855 -13.82 1.85 -20.01
CA TYR B 855 -15.18 1.52 -19.56
C TYR B 855 -16.18 1.57 -20.71
N GLU B 856 -16.04 2.58 -21.59
CA GLU B 856 -17.00 2.72 -22.69
C GLU B 856 -16.96 1.52 -23.62
N PHE B 857 -15.76 1.07 -23.98
CA PHE B 857 -15.64 -0.07 -24.89
C PHE B 857 -16.22 -1.33 -24.26
N LEU B 858 -15.93 -1.57 -22.99
CA LEU B 858 -16.47 -2.75 -22.32
C LEU B 858 -17.99 -2.70 -22.23
N GLN B 859 -18.54 -1.53 -21.92
CA GLN B 859 -19.99 -1.40 -21.86
C GLN B 859 -20.62 -1.65 -23.22
N ALA B 860 -20.02 -1.09 -24.28
CA ALA B 860 -20.57 -1.30 -25.62
C ALA B 860 -20.51 -2.77 -26.01
N ARG B 861 -19.39 -3.44 -25.71
CA ARG B 861 -19.28 -4.85 -26.07
C ARG B 861 -20.24 -5.71 -25.27
N LEU B 862 -20.47 -5.36 -24.00
CA LEU B 862 -21.46 -6.09 -23.20
C LEU B 862 -22.87 -5.92 -23.75
N ARG B 863 -23.21 -4.69 -24.14
CA ARG B 863 -24.52 -4.45 -24.75
C ARG B 863 -24.67 -5.24 -26.05
N GLN B 864 -23.62 -5.27 -26.86
CA GLN B 864 -23.64 -6.07 -28.08
C GLN B 864 -23.82 -7.55 -27.77
N HIS B 865 -23.15 -8.03 -26.72
CA HIS B 865 -23.26 -9.44 -26.35
C HIS B 865 -24.69 -9.79 -25.93
N TYR B 866 -25.32 -8.91 -25.14
CA TYR B 866 -26.73 -9.13 -24.82
C TYR B 866 -27.60 -9.08 -26.08
N GLN B 867 -27.28 -8.18 -27.02
CA GLN B 867 -28.06 -8.08 -28.23
C GLN B 867 -27.96 -9.35 -29.07
N THR B 868 -26.78 -9.99 -29.07
CA THR B 868 -26.61 -11.20 -29.86
C THR B 868 -27.52 -12.32 -29.37
N ILE B 869 -27.63 -12.49 -28.06
CA ILE B 869 -28.49 -13.52 -27.50
C ILE B 869 -29.67 -12.89 -26.77
#